data_5KOP
#
_entry.id   5KOP
#
_cell.length_a   87.838
_cell.length_b   85.863
_cell.length_c   150.467
_cell.angle_alpha   90.00
_cell.angle_beta   96.22
_cell.angle_gamma   90.00
#
_symmetry.space_group_name_H-M   'P 1 21 1'
#
loop_
_entity.id
_entity.type
_entity.pdbx_description
1 polymer 'Galactoside 2-alpha-L-fucosyltransferase'
2 non-polymer 'CHLORIDE ION'
3 non-polymer 1,2-ETHANEDIOL
4 water water
#
_entity_poly.entity_id   1
_entity_poly.type   'polypeptide(L)'
_entity_poly.pdbx_seq_one_letter_code
;HHHHHHGMASMTGGQQMGRDLYDDDDKSRLQSNRIMGFAEARVLDAGVFPNVTNINSDKLLGGLLASGFDEDSCLSRYQS
VHYRKPSPYKPSSYLISKLRNYEKLHKRCGPGTESYKKALKQLDQEHIDGDGECKYVVWISFSGLGNRILSLASVFLYAL
LTDRVLLVDRGKDMDDLFCEPFLGMSWLLPLDFPMTDQFDGLNQESSRCYGYMVKNQVIDTEGTLSHLYLHLVHDYGDHD
KMFFCEGDQTFIGKVPWLIVKTDNYFVPSLWLIPGFDDELNKLFPQKATVFHHLGRYLFHPTNQVWGLVTRYYEAYLSHA
DEKIGIQVRVFDEDPGPFQHVMDQISSCTQKEKLLPEVDTLVERSRHVNTPKHKAVLVTSLNAGYAENLKSMYWEYPTST
GEIIGVHQPSQEGYQQTEKKMHNGKALAEMYLLSLTDNLVTSAWSTFGYVAQGLGGLKPWILYRPENRTTPDPSCGRAMS
MEPCFHSPPFYDCKAKTGIDTGTLVPHVRHCEDISWGLKLV
;
_entity_poly.pdbx_strand_id   A,B,C,D
#
loop_
_chem_comp.id
_chem_comp.type
_chem_comp.name
_chem_comp.formula
CL non-polymer 'CHLORIDE ION' 'Cl -1'
EDO non-polymer 1,2-ETHANEDIOL 'C2 H6 O2'
#
# COMPACT_ATOMS: atom_id res chain seq x y z
N VAL A 43 -33.33 50.58 53.44
CA VAL A 43 -32.08 50.66 52.73
C VAL A 43 -32.37 50.14 51.34
N LEU A 44 -33.40 50.72 50.72
CA LEU A 44 -33.94 50.28 49.44
C LEU A 44 -33.26 50.93 48.27
N ASP A 45 -32.16 50.31 47.83
CA ASP A 45 -31.35 50.99 46.81
C ASP A 45 -31.15 50.34 45.47
N ALA A 46 -32.19 49.74 44.95
CA ALA A 46 -32.28 49.59 43.51
C ALA A 46 -32.39 51.01 42.99
N GLY A 47 -33.14 51.82 43.71
CA GLY A 47 -33.54 53.12 43.24
C GLY A 47 -32.40 53.99 42.81
N VAL A 48 -31.44 54.18 43.69
CA VAL A 48 -30.42 55.19 43.53
C VAL A 48 -29.21 54.61 42.82
N PHE A 49 -29.12 53.30 42.76
CA PHE A 49 -28.06 52.61 42.06
C PHE A 49 -28.60 51.35 41.36
N PRO A 50 -29.66 51.48 40.58
CA PRO A 50 -30.20 50.34 39.84
C PRO A 50 -29.19 49.72 38.88
N ASN A 51 -29.10 48.39 38.84
CA ASN A 51 -28.30 47.74 37.82
C ASN A 51 -29.12 47.96 36.57
N VAL A 52 -29.56 49.21 36.38
CA VAL A 52 -30.44 49.58 35.28
C VAL A 52 -29.74 49.30 33.95
N THR A 53 -30.44 48.59 33.06
CA THR A 53 -29.83 48.16 31.81
C THR A 53 -30.35 48.92 30.59
N ASN A 54 -29.41 49.44 29.81
CA ASN A 54 -29.75 49.97 28.51
C ASN A 54 -30.38 48.83 27.74
N ILE A 55 -31.66 48.94 27.44
CA ILE A 55 -32.31 47.87 26.71
C ILE A 55 -31.89 47.78 25.27
N ASN A 56 -31.01 48.66 24.85
CA ASN A 56 -30.42 48.57 23.52
C ASN A 56 -28.92 48.29 23.62
N SER A 57 -28.47 47.77 24.76
CA SER A 57 -27.07 47.40 24.99
C SER A 57 -26.63 46.30 24.05
N ASP A 58 -25.32 46.16 23.92
CA ASP A 58 -24.83 45.15 23.01
C ASP A 58 -25.07 43.75 23.56
N LYS A 59 -25.18 43.63 24.89
CA LYS A 59 -25.53 42.35 25.52
C LYS A 59 -26.93 41.88 25.12
N LEU A 60 -27.85 42.81 24.87
CA LEU A 60 -29.17 42.53 24.34
C LEU A 60 -29.22 42.70 22.80
N LEU A 61 -28.07 42.59 22.14
CA LEU A 61 -27.96 42.74 20.69
C LEU A 61 -28.72 43.97 20.17
N GLY A 62 -28.53 45.10 20.85
CA GLY A 62 -29.15 46.33 20.39
C GLY A 62 -30.65 46.41 20.57
N GLY A 63 -31.24 45.56 21.40
CA GLY A 63 -32.67 45.60 21.65
C GLY A 63 -33.43 44.44 21.06
N LEU A 64 -32.76 43.63 20.25
CA LEU A 64 -33.33 42.39 19.76
C LEU A 64 -33.77 41.49 20.92
N LEU A 65 -32.93 41.29 21.90
CA LEU A 65 -33.23 40.41 23.03
C LEU A 65 -33.93 41.18 24.16
N ALA A 66 -34.82 40.49 24.86
CA ALA A 66 -35.37 41.00 26.13
C ALA A 66 -34.42 40.76 27.32
N SER A 67 -34.37 41.72 28.25
CA SER A 67 -33.72 41.36 29.50
C SER A 67 -34.70 40.59 30.38
N GLY A 68 -34.15 39.89 31.35
CA GLY A 68 -34.96 39.29 32.38
C GLY A 68 -34.93 37.79 32.37
N PHE A 69 -34.31 37.16 31.37
CA PHE A 69 -34.18 35.72 31.42
C PHE A 69 -33.26 35.32 32.56
N ASP A 70 -33.52 34.13 33.10
CA ASP A 70 -32.60 33.50 34.03
C ASP A 70 -31.26 33.21 33.34
N GLU A 71 -30.19 33.81 33.86
CA GLU A 71 -28.89 33.70 33.22
C GLU A 71 -28.34 32.27 33.27
N ASP A 72 -28.37 31.72 34.47
CA ASP A 72 -27.76 30.42 34.76
C ASP A 72 -28.26 29.30 33.85
N SER A 73 -29.55 29.27 33.58
CA SER A 73 -30.11 28.16 32.82
C SER A 73 -29.86 28.28 31.31
N CYS A 74 -29.30 29.41 30.83
CA CYS A 74 -28.95 29.55 29.38
C CYS A 74 -27.79 30.54 29.33
N LEU A 75 -26.60 30.05 29.66
CA LEU A 75 -25.42 30.90 29.68
C LEU A 75 -25.20 31.66 28.36
N SER A 76 -25.38 30.97 27.21
CA SER A 76 -25.05 31.55 25.89
C SER A 76 -25.82 32.83 25.59
N ARG A 77 -27.05 32.97 26.12
CA ARG A 77 -28.01 34.03 25.73
C ARG A 77 -27.40 35.43 25.77
N TYR A 78 -26.81 35.80 26.87
CA TYR A 78 -26.32 37.15 26.99
C TYR A 78 -24.80 37.22 26.83
N GLN A 79 -24.13 36.06 26.69
CA GLN A 79 -22.68 35.98 26.49
C GLN A 79 -22.24 36.06 25.06
N SER A 80 -23.15 36.01 24.08
CA SER A 80 -22.69 36.09 22.69
C SER A 80 -21.72 37.27 22.53
N VAL A 81 -21.79 38.23 23.45
CA VAL A 81 -20.99 39.44 23.35
C VAL A 81 -19.51 39.20 23.69
N HIS A 82 -19.18 38.24 24.57
CA HIS A 82 -17.79 37.99 24.94
C HIS A 82 -17.00 37.36 23.81
N TYR A 83 -17.67 36.73 22.86
CA TYR A 83 -16.97 35.99 21.84
C TYR A 83 -17.09 36.60 20.45
N ARG A 84 -18.14 37.38 20.24
CA ARG A 84 -18.39 37.99 18.96
C ARG A 84 -18.25 39.49 19.03
N LYS A 85 -18.03 40.07 17.89
CA LYS A 85 -18.06 41.52 17.75
C LYS A 85 -19.49 41.98 17.54
N PRO A 86 -19.82 43.21 17.94
CA PRO A 86 -21.19 43.68 17.78
C PRO A 86 -21.55 43.72 16.31
N SER A 87 -22.78 43.47 16.03
CA SER A 87 -23.12 43.46 14.63
C SER A 87 -23.29 44.90 14.14
N PRO A 88 -22.80 45.23 12.94
CA PRO A 88 -23.10 46.57 12.39
C PRO A 88 -24.56 46.71 11.99
N TYR A 89 -25.29 45.61 11.84
CA TYR A 89 -26.67 45.65 11.39
C TYR A 89 -27.56 45.79 12.61
N LYS A 90 -28.24 46.92 12.73
CA LYS A 90 -29.07 47.20 13.87
C LYS A 90 -30.51 46.86 13.57
N PRO A 91 -31.17 46.16 14.47
CA PRO A 91 -32.59 45.86 14.28
C PRO A 91 -33.44 47.14 14.35
N SER A 92 -34.42 47.25 13.46
CA SER A 92 -35.31 48.41 13.48
C SER A 92 -36.22 48.43 14.73
N SER A 93 -36.50 49.67 15.20
CA SER A 93 -37.48 49.90 16.27
C SER A 93 -38.78 49.20 15.99
N TYR A 94 -39.19 49.18 14.73
CA TYR A 94 -40.42 48.49 14.37
C TYR A 94 -40.32 46.98 14.65
N LEU A 95 -39.17 46.37 14.30
CA LEU A 95 -38.90 44.97 14.60
C LEU A 95 -38.89 44.74 16.11
N ILE A 96 -38.18 45.59 16.84
CA ILE A 96 -38.10 45.44 18.29
C ILE A 96 -39.48 45.49 18.92
N SER A 97 -40.30 46.47 18.53
N SER A 97 -40.31 46.48 18.53
CA SER A 97 -41.67 46.50 19.05
CA SER A 97 -41.69 46.51 19.02
C SER A 97 -42.48 45.28 18.61
C SER A 97 -42.44 45.25 18.63
N LYS A 98 -42.22 44.77 17.41
CA LYS A 98 -42.94 43.58 16.95
C LYS A 98 -42.57 42.36 17.80
N LEU A 99 -41.30 42.27 18.20
CA LEU A 99 -40.82 41.14 18.99
C LEU A 99 -41.30 41.24 20.44
N ARG A 100 -41.20 42.42 21.04
CA ARG A 100 -41.79 42.64 22.35
C ARG A 100 -43.29 42.32 22.34
N ASN A 101 -44.00 42.67 21.25
CA ASN A 101 -45.43 42.39 21.24
C ASN A 101 -45.74 40.94 20.90
N TYR A 102 -44.87 40.29 20.15
CA TYR A 102 -45.08 38.87 19.96
C TYR A 102 -45.04 38.19 21.33
N GLU A 103 -44.07 38.58 22.16
CA GLU A 103 -43.89 37.94 23.46
C GLU A 103 -45.15 38.11 24.34
N LYS A 104 -45.73 39.30 24.37
CA LYS A 104 -47.08 39.50 24.92
C LYS A 104 -48.08 38.49 24.38
N LEU A 105 -48.21 38.38 23.05
CA LEU A 105 -49.10 37.37 22.48
C LEU A 105 -48.76 35.95 22.93
N HIS A 106 -47.48 35.61 22.89
CA HIS A 106 -47.07 34.26 23.30
C HIS A 106 -47.39 34.00 24.77
N LYS A 107 -47.23 35.04 25.59
CA LYS A 107 -47.58 34.96 27.00
C LYS A 107 -49.06 34.61 27.18
N ARG A 108 -49.93 35.28 26.44
CA ARG A 108 -51.39 35.13 26.60
C ARG A 108 -51.92 33.81 26.02
N CYS A 109 -51.28 33.31 24.96
CA CYS A 109 -51.81 32.23 24.18
C CYS A 109 -50.94 31.00 24.21
N GLY A 110 -49.75 31.09 24.82
CA GLY A 110 -48.77 30.03 24.82
C GLY A 110 -49.24 28.71 25.43
N PRO A 111 -48.43 27.68 25.25
CA PRO A 111 -48.81 26.35 25.73
C PRO A 111 -49.00 26.37 27.25
N GLY A 112 -50.02 25.63 27.70
CA GLY A 112 -50.43 25.59 29.10
C GLY A 112 -51.26 26.77 29.60
N THR A 113 -51.51 27.77 28.77
CA THR A 113 -52.39 28.84 29.22
C THR A 113 -53.84 28.38 29.08
N GLU A 114 -54.74 29.07 29.78
CA GLU A 114 -56.16 28.76 29.61
C GLU A 114 -56.65 29.07 28.18
N SER A 115 -56.12 30.13 27.51
CA SER A 115 -56.52 30.36 26.11
C SER A 115 -56.09 29.20 25.20
N TYR A 116 -54.87 28.70 25.41
CA TYR A 116 -54.39 27.54 24.65
C TYR A 116 -55.32 26.34 24.82
N LYS A 117 -55.63 25.98 26.08
CA LYS A 117 -56.50 24.83 26.34
C LYS A 117 -57.87 25.02 25.70
N LYS A 118 -58.38 26.24 25.72
CA LYS A 118 -59.65 26.52 25.08
C LYS A 118 -59.54 26.43 23.54
N ALA A 119 -58.46 26.98 22.96
CA ALA A 119 -58.27 26.82 21.51
C ALA A 119 -58.20 25.35 21.10
N LEU A 120 -57.64 24.50 21.98
CA LEU A 120 -57.50 23.10 21.62
C LEU A 120 -58.83 22.45 21.32
N LYS A 121 -59.90 22.92 21.98
CA LYS A 121 -61.22 22.33 21.82
C LYS A 121 -61.77 22.50 20.41
N GLN A 122 -61.33 23.56 19.69
CA GLN A 122 -61.73 23.67 18.28
C GLN A 122 -61.20 22.50 17.46
N LEU A 123 -60.07 21.93 17.84
CA LEU A 123 -59.57 20.79 17.08
C LEU A 123 -60.53 19.61 17.11
N ASP A 124 -61.52 19.60 18.00
CA ASP A 124 -62.44 18.48 18.10
C ASP A 124 -63.44 18.37 16.97
N GLN A 125 -63.84 19.49 16.39
CA GLN A 125 -64.77 19.47 15.27
C GLN A 125 -64.03 19.90 14.03
N GLU A 126 -64.62 19.59 12.87
CA GLU A 126 -64.00 19.89 11.61
C GLU A 126 -64.16 21.38 11.26
N HIS A 127 -65.15 22.04 11.85
CA HIS A 127 -65.33 23.47 11.62
C HIS A 127 -65.55 24.24 12.90
N ILE A 128 -65.49 25.57 12.87
CA ILE A 128 -65.59 26.36 14.10
C ILE A 128 -66.72 27.39 14.11
N ASP A 129 -67.21 27.67 15.30
CA ASP A 129 -68.33 28.56 15.46
C ASP A 129 -67.89 29.91 15.99
N GLY A 130 -67.05 30.59 15.24
CA GLY A 130 -66.66 31.92 15.63
C GLY A 130 -65.22 32.01 16.05
N ASP A 131 -64.76 33.25 16.13
CA ASP A 131 -63.37 33.54 16.39
C ASP A 131 -62.88 33.18 17.79
N GLY A 132 -62.04 32.17 17.85
CA GLY A 132 -61.19 31.98 18.99
C GLY A 132 -60.41 33.25 19.23
N GLU A 133 -59.72 33.30 20.33
CA GLU A 133 -58.91 34.43 20.69
C GLU A 133 -57.47 34.26 20.23
N CYS A 134 -57.11 33.11 19.74
CA CYS A 134 -55.70 32.81 19.57
C CYS A 134 -55.60 31.99 18.31
N LYS A 135 -54.57 32.24 17.52
CA LYS A 135 -54.26 31.45 16.32
C LYS A 135 -52.81 30.96 16.42
N TYR A 136 -52.53 29.80 15.80
CA TYR A 136 -51.27 29.08 15.97
C TYR A 136 -50.70 28.63 14.63
N VAL A 137 -49.37 28.52 14.58
CA VAL A 137 -48.74 27.76 13.51
C VAL A 137 -47.75 26.81 14.20
N VAL A 138 -47.90 25.54 13.94
CA VAL A 138 -47.07 24.50 14.53
C VAL A 138 -46.03 24.03 13.51
N TRP A 139 -44.77 24.06 13.90
CA TRP A 139 -43.70 23.56 13.04
C TRP A 139 -43.37 22.12 13.42
N ILE A 140 -43.40 21.23 12.46
CA ILE A 140 -43.01 19.86 12.70
C ILE A 140 -41.50 19.74 12.55
N SER A 141 -40.82 19.13 13.55
CA SER A 141 -39.37 18.90 13.47
C SER A 141 -39.10 17.89 12.36
N PHE A 142 -38.42 18.33 11.32
CA PHE A 142 -38.29 17.55 10.10
C PHE A 142 -37.00 17.98 9.45
N SER A 143 -36.28 17.01 8.91
CA SER A 143 -35.08 17.25 8.12
C SER A 143 -33.83 17.54 8.96
N GLY A 144 -32.71 17.96 8.29
CA GLY A 144 -31.46 18.16 9.00
C GLY A 144 -31.41 19.45 9.80
N LEU A 145 -30.37 19.53 10.63
CA LEU A 145 -30.26 20.63 11.60
C LEU A 145 -30.21 21.99 10.92
N GLY A 146 -29.37 22.13 9.87
CA GLY A 146 -29.40 23.37 9.08
C GLY A 146 -30.78 23.68 8.54
N ASN A 147 -31.44 22.70 7.91
CA ASN A 147 -32.79 22.94 7.38
C ASN A 147 -33.73 23.36 8.50
N ARG A 148 -33.56 22.79 9.71
CA ARG A 148 -34.56 23.01 10.76
C ARG A 148 -34.43 24.42 11.32
N ILE A 149 -33.19 24.88 11.52
CA ILE A 149 -32.98 26.26 11.97
C ILE A 149 -33.58 27.27 10.97
N LEU A 150 -33.29 27.10 9.69
CA LEU A 150 -33.71 28.08 8.68
C LEU A 150 -35.21 28.03 8.49
N SER A 151 -35.78 26.82 8.44
CA SER A 151 -37.19 26.71 8.19
C SER A 151 -37.99 27.16 9.41
N LEU A 152 -37.44 26.93 10.62
CA LEU A 152 -38.11 27.42 11.82
C LEU A 152 -38.07 28.94 11.88
N ALA A 153 -36.93 29.54 11.47
CA ALA A 153 -36.88 31.00 11.35
C ALA A 153 -37.94 31.50 10.37
N SER A 154 -38.21 30.74 9.34
CA SER A 154 -39.16 31.17 8.31
C SER A 154 -40.58 31.11 8.85
N VAL A 155 -40.91 29.99 9.53
CA VAL A 155 -42.25 29.86 10.08
C VAL A 155 -42.47 30.93 11.15
N PHE A 156 -41.42 31.28 11.90
CA PHE A 156 -41.58 32.34 12.91
C PHE A 156 -41.88 33.69 12.24
N LEU A 157 -41.12 34.07 11.21
CA LEU A 157 -41.50 35.28 10.45
C LEU A 157 -42.97 35.21 10.01
N TYR A 158 -43.37 34.09 9.43
CA TYR A 158 -44.75 33.90 9.02
C TYR A 158 -45.72 34.14 10.20
N ALA A 159 -45.43 33.56 11.38
CA ALA A 159 -46.27 33.82 12.55
C ALA A 159 -46.37 35.31 12.81
N LEU A 160 -45.23 36.02 12.75
CA LEU A 160 -45.22 37.45 12.99
C LEU A 160 -46.11 38.19 11.99
N LEU A 161 -46.08 37.72 10.72
CA LEU A 161 -46.88 38.37 9.69
C LEU A 161 -48.37 38.04 9.82
N THR A 162 -48.76 37.04 10.62
CA THR A 162 -50.16 36.61 10.63
C THR A 162 -50.74 36.59 12.04
N ASP A 163 -50.10 37.28 12.99
CA ASP A 163 -50.53 37.30 14.40
C ASP A 163 -50.84 35.90 14.94
N ARG A 164 -50.00 34.93 14.59
CA ARG A 164 -50.13 33.59 15.14
C ARG A 164 -48.99 33.43 16.14
N VAL A 165 -49.22 32.49 17.08
CA VAL A 165 -48.26 32.01 18.06
C VAL A 165 -47.54 30.83 17.44
N LEU A 166 -46.21 30.84 17.54
CA LEU A 166 -45.45 29.70 17.07
C LEU A 166 -45.33 28.63 18.18
N LEU A 167 -45.65 27.37 17.83
CA LEU A 167 -45.39 26.21 18.66
C LEU A 167 -44.41 25.30 17.93
N VAL A 168 -43.45 24.73 18.68
CA VAL A 168 -42.32 23.99 18.11
C VAL A 168 -42.43 22.51 18.53
N ASP A 169 -42.64 21.64 17.54
CA ASP A 169 -42.45 20.21 17.77
C ASP A 169 -40.97 19.97 18.10
N ARG A 170 -40.73 19.56 19.35
CA ARG A 170 -39.37 19.38 19.86
C ARG A 170 -38.72 18.19 19.19
N GLY A 171 -39.49 17.33 18.52
CA GLY A 171 -38.89 16.19 17.87
C GLY A 171 -38.04 15.37 18.85
N LYS A 172 -36.83 14.97 18.43
CA LYS A 172 -35.94 14.17 19.24
C LYS A 172 -35.05 15.04 20.12
N ASP A 173 -34.82 16.29 19.77
CA ASP A 173 -33.73 17.03 20.41
C ASP A 173 -33.83 18.55 20.52
N MET A 174 -34.91 19.16 20.04
CA MET A 174 -34.88 20.62 19.99
C MET A 174 -34.59 21.21 21.36
N ASP A 175 -35.14 20.60 22.44
CA ASP A 175 -34.92 21.13 23.78
C ASP A 175 -33.56 20.75 24.36
N ASP A 176 -32.78 19.90 23.69
CA ASP A 176 -31.40 19.66 24.12
C ASP A 176 -30.42 20.58 23.45
N LEU A 177 -30.83 21.20 22.35
CA LEU A 177 -29.96 22.04 21.53
C LEU A 177 -30.13 23.51 21.86
N PHE A 178 -31.38 23.95 22.05
CA PHE A 178 -31.77 25.36 22.10
C PHE A 178 -32.47 25.74 23.39
N CYS A 179 -32.19 26.95 23.87
CA CYS A 179 -32.89 27.51 25.00
C CYS A 179 -34.26 28.03 24.57
N GLU A 180 -35.06 28.40 25.57
CA GLU A 180 -36.32 29.12 25.33
C GLU A 180 -36.06 30.53 24.83
N PRO A 181 -36.68 30.92 23.76
CA PRO A 181 -36.44 32.25 23.19
C PRO A 181 -37.48 33.31 23.57
N PHE A 182 -38.65 32.93 24.11
CA PHE A 182 -39.76 33.86 24.37
C PHE A 182 -39.86 34.09 25.91
N LEU A 183 -39.58 35.31 26.36
CA LEU A 183 -39.54 35.57 27.81
C LEU A 183 -40.85 35.18 28.53
N GLY A 184 -40.74 34.35 29.55
CA GLY A 184 -41.91 34.03 30.35
C GLY A 184 -42.72 32.83 29.91
N MET A 185 -42.39 32.21 28.78
CA MET A 185 -43.19 31.12 28.27
C MET A 185 -42.30 30.05 27.63
N SER A 186 -42.90 28.95 27.25
CA SER A 186 -42.20 27.95 26.49
C SER A 186 -42.68 28.04 25.05
N TRP A 187 -41.78 27.85 24.08
CA TRP A 187 -42.20 27.74 22.68
C TRP A 187 -42.47 26.31 22.28
N LEU A 188 -42.26 25.33 23.17
CA LEU A 188 -42.45 23.93 22.79
C LEU A 188 -43.92 23.54 22.69
N LEU A 189 -44.27 22.83 21.61
CA LEU A 189 -45.57 22.16 21.52
C LEU A 189 -45.73 21.19 22.71
N PRO A 190 -46.88 21.20 23.42
CA PRO A 190 -47.06 20.24 24.53
C PRO A 190 -46.98 18.83 23.99
N LEU A 191 -46.40 17.93 24.78
CA LEU A 191 -46.23 16.57 24.30
C LEU A 191 -47.56 15.85 24.11
N ASP A 192 -48.65 16.32 24.72
CA ASP A 192 -49.94 15.70 24.48
C ASP A 192 -50.78 16.43 23.44
N PHE A 193 -50.20 17.33 22.65
CA PHE A 193 -50.95 17.93 21.54
C PHE A 193 -51.65 16.82 20.74
N PRO A 194 -52.98 16.90 20.55
CA PRO A 194 -53.76 15.77 19.96
C PRO A 194 -53.23 15.18 18.64
N MET A 195 -52.66 15.99 17.75
CA MET A 195 -52.33 15.54 16.39
C MET A 195 -50.89 15.11 16.21
N THR A 196 -50.05 15.18 17.27
CA THR A 196 -48.63 14.92 17.13
C THR A 196 -48.36 13.57 16.49
N ASP A 197 -49.18 12.57 16.83
CA ASP A 197 -48.96 11.24 16.25
C ASP A 197 -49.31 11.17 14.75
N GLN A 198 -49.93 12.20 14.18
CA GLN A 198 -50.13 12.29 12.75
C GLN A 198 -48.99 12.99 12.00
N PHE A 199 -48.08 13.65 12.73
CA PHE A 199 -47.08 14.52 12.11
C PHE A 199 -46.28 13.79 11.05
N ASP A 200 -45.79 12.60 11.39
CA ASP A 200 -44.92 11.89 10.48
C ASP A 200 -45.61 11.55 9.15
N GLY A 201 -46.88 11.21 9.21
CA GLY A 201 -47.57 10.74 8.03
C GLY A 201 -48.26 11.81 7.26
N LEU A 202 -48.29 13.03 7.77
CA LEU A 202 -48.92 14.09 7.00
C LEU A 202 -48.13 14.34 5.74
N ASN A 203 -48.84 14.48 4.61
CA ASN A 203 -48.13 14.76 3.37
C ASN A 203 -49.10 15.30 2.32
N GLN A 204 -48.75 15.14 1.03
CA GLN A 204 -49.48 15.82 -0.03
C GLN A 204 -50.87 15.26 -0.24
N GLU A 205 -51.11 13.97 -0.01
CA GLU A 205 -52.45 13.45 -0.25
C GLU A 205 -53.34 13.45 0.98
N SER A 206 -52.83 13.89 2.14
CA SER A 206 -53.65 13.98 3.35
C SER A 206 -54.86 14.88 3.12
N SER A 207 -56.02 14.43 3.58
CA SER A 207 -57.25 15.16 3.29
C SER A 207 -57.26 16.54 3.94
N ARG A 208 -56.31 16.77 4.86
CA ARG A 208 -56.15 18.07 5.46
C ARG A 208 -55.07 18.91 4.76
N CYS A 209 -54.40 18.34 3.77
CA CYS A 209 -53.34 19.10 3.12
C CYS A 209 -53.97 20.21 2.30
N TYR A 210 -53.56 21.45 2.56
CA TYR A 210 -54.15 22.56 1.83
C TYR A 210 -54.00 22.40 0.31
N GLY A 211 -52.87 21.86 -0.16
CA GLY A 211 -52.69 21.65 -1.59
C GLY A 211 -53.61 20.56 -2.12
N TYR A 212 -53.85 19.53 -1.31
CA TYR A 212 -54.81 18.50 -1.67
C TYR A 212 -56.20 19.10 -1.86
N MET A 213 -56.63 19.92 -0.91
CA MET A 213 -57.93 20.54 -1.03
C MET A 213 -58.03 21.41 -2.26
N VAL A 214 -56.96 22.13 -2.60
CA VAL A 214 -56.97 23.02 -3.75
C VAL A 214 -57.06 22.21 -5.06
N LYS A 215 -56.28 21.14 -5.15
CA LYS A 215 -56.36 20.26 -6.32
C LYS A 215 -57.78 19.77 -6.53
N ASN A 216 -58.30 19.07 -5.55
CA ASN A 216 -59.55 18.42 -5.70
C ASN A 216 -60.66 19.36 -5.44
N GLN A 217 -60.40 20.63 -5.75
CA GLN A 217 -61.37 21.70 -5.73
C GLN A 217 -62.46 21.51 -4.69
N VAL A 218 -62.00 21.49 -3.44
CA VAL A 218 -62.81 21.36 -2.25
C VAL A 218 -62.48 22.52 -1.31
N ILE A 219 -63.37 23.48 -1.16
CA ILE A 219 -63.13 24.54 -0.19
C ILE A 219 -64.22 25.57 -0.24
N THR A 224 -65.68 27.47 8.17
CA THR A 224 -64.23 27.50 8.25
C THR A 224 -63.63 26.26 8.89
N LEU A 225 -62.48 25.85 8.43
CA LEU A 225 -61.85 24.67 8.93
C LEU A 225 -61.23 24.93 10.27
N SER A 226 -61.14 23.91 11.07
CA SER A 226 -60.51 24.03 12.40
C SER A 226 -58.97 24.08 12.30
N HIS A 227 -58.39 23.21 11.48
CA HIS A 227 -56.95 23.17 11.18
C HIS A 227 -56.69 22.92 9.69
N LEU A 228 -55.42 23.06 9.30
CA LEU A 228 -54.97 22.89 7.93
C LEU A 228 -53.51 22.50 7.93
N TYR A 229 -53.14 21.50 7.14
CA TYR A 229 -51.76 21.10 7.01
C TYR A 229 -51.19 21.73 5.72
N LEU A 230 -50.04 22.40 5.85
CA LEU A 230 -49.33 23.04 4.74
C LEU A 230 -48.09 22.23 4.44
N HIS A 231 -48.12 21.50 3.34
CA HIS A 231 -46.95 20.81 2.84
C HIS A 231 -46.04 21.85 2.19
N LEU A 232 -44.89 22.14 2.84
CA LEU A 232 -43.92 23.09 2.32
C LEU A 232 -42.55 22.44 2.23
N VAL A 233 -42.54 21.13 2.08
CA VAL A 233 -41.31 20.42 1.90
C VAL A 233 -40.88 20.65 0.43
N HIS A 234 -39.58 20.51 0.17
CA HIS A 234 -38.96 20.87 -1.11
C HIS A 234 -39.55 20.12 -2.29
N ASP A 235 -40.21 18.99 -2.05
CA ASP A 235 -40.84 18.20 -3.07
C ASP A 235 -42.31 18.62 -3.32
N TYR A 236 -42.75 19.74 -2.74
CA TYR A 236 -44.14 20.13 -2.90
C TYR A 236 -44.44 20.55 -4.35
N GLY A 237 -45.74 20.59 -4.66
CA GLY A 237 -46.14 20.86 -6.04
C GLY A 237 -46.94 22.13 -6.20
N ASP A 238 -47.45 22.34 -7.43
CA ASP A 238 -48.19 23.55 -7.79
C ASP A 238 -49.32 23.89 -6.82
N HIS A 239 -50.08 22.91 -6.40
CA HIS A 239 -51.16 23.24 -5.46
C HIS A 239 -50.61 23.58 -4.08
N ASP A 240 -49.54 22.90 -3.63
CA ASP A 240 -48.94 23.28 -2.35
C ASP A 240 -48.40 24.71 -2.39
N LYS A 241 -47.89 25.12 -3.56
CA LYS A 241 -47.21 26.40 -3.73
C LYS A 241 -48.15 27.59 -3.71
N MET A 242 -49.44 27.28 -3.80
CA MET A 242 -50.48 28.29 -3.68
C MET A 242 -50.45 28.93 -2.29
N PHE A 243 -49.76 28.33 -1.33
CA PHE A 243 -49.50 29.01 -0.05
C PHE A 243 -48.92 30.39 -0.27
N PHE A 244 -48.15 30.58 -1.33
CA PHE A 244 -47.50 31.87 -1.49
C PHE A 244 -48.33 32.86 -2.30
N CYS A 245 -49.65 32.64 -2.43
CA CYS A 245 -50.54 33.60 -3.10
C CYS A 245 -51.39 34.38 -2.10
N GLU A 246 -51.57 35.66 -2.40
CA GLU A 246 -52.34 36.56 -1.56
C GLU A 246 -53.75 36.03 -1.26
N GLY A 247 -54.49 35.65 -2.30
CA GLY A 247 -55.82 35.13 -2.08
C GLY A 247 -55.85 33.90 -1.20
N ASP A 248 -54.91 32.98 -1.41
CA ASP A 248 -54.88 31.81 -0.54
C ASP A 248 -54.55 32.16 0.90
N GLN A 249 -53.71 33.19 1.10
CA GLN A 249 -53.38 33.58 2.47
C GLN A 249 -54.61 34.17 3.15
N THR A 250 -55.48 34.81 2.38
CA THR A 250 -56.73 35.32 2.97
C THR A 250 -57.59 34.17 3.50
N PHE A 251 -57.76 33.13 2.69
CA PHE A 251 -58.43 31.93 3.15
C PHE A 251 -57.71 31.35 4.38
N ILE A 252 -56.38 31.10 4.27
CA ILE A 252 -55.64 30.43 5.34
C ILE A 252 -55.69 31.27 6.63
N GLY A 253 -55.73 32.61 6.49
CA GLY A 253 -55.69 33.48 7.63
C GLY A 253 -56.82 33.22 8.62
N LYS A 254 -57.94 32.65 8.16
CA LYS A 254 -59.11 32.42 9.00
C LYS A 254 -58.96 31.17 9.87
N VAL A 255 -58.17 30.20 9.41
CA VAL A 255 -58.04 28.91 10.08
C VAL A 255 -57.25 29.07 11.37
N PRO A 256 -57.74 28.60 12.53
CA PRO A 256 -57.00 28.83 13.80
C PRO A 256 -55.71 28.04 13.96
N TRP A 257 -55.66 26.78 13.53
CA TRP A 257 -54.46 25.95 13.67
C TRP A 257 -53.85 25.63 12.28
N LEU A 258 -52.60 26.01 12.04
CA LEU A 258 -51.86 25.54 10.88
C LEU A 258 -50.76 24.59 11.32
N ILE A 259 -50.66 23.43 10.68
CA ILE A 259 -49.54 22.50 10.86
C ILE A 259 -48.62 22.64 9.63
N VAL A 260 -47.32 22.93 9.84
CA VAL A 260 -46.36 23.17 8.76
C VAL A 260 -45.28 22.10 8.79
N LYS A 261 -45.04 21.48 7.63
CA LYS A 261 -43.87 20.63 7.45
C LYS A 261 -43.05 21.27 6.34
N THR A 262 -41.78 21.56 6.65
CA THR A 262 -40.95 22.36 5.76
C THR A 262 -39.47 22.05 6.04
N ASP A 263 -38.67 22.03 4.96
CA ASP A 263 -37.21 21.97 5.10
C ASP A 263 -36.55 23.13 4.37
N ASN A 264 -37.31 24.19 4.05
CA ASN A 264 -36.79 25.28 3.23
C ASN A 264 -36.77 26.61 3.96
N TYR A 265 -35.80 27.46 3.59
CA TYR A 265 -35.80 28.86 4.01
C TYR A 265 -36.71 29.68 3.08
N PHE A 266 -38.02 29.74 3.35
CA PHE A 266 -38.96 30.26 2.35
C PHE A 266 -39.24 31.75 2.53
N VAL A 267 -38.55 32.43 3.43
CA VAL A 267 -38.62 33.88 3.63
C VAL A 267 -38.75 34.68 2.31
N PRO A 268 -37.82 34.55 1.37
CA PRO A 268 -37.90 35.36 0.14
C PRO A 268 -39.29 35.49 -0.50
N SER A 269 -39.97 34.37 -0.71
CA SER A 269 -41.23 34.45 -1.42
C SER A 269 -42.28 35.17 -0.60
N LEU A 270 -42.11 35.29 0.71
CA LEU A 270 -43.04 36.08 1.50
C LEU A 270 -43.03 37.54 1.08
N TRP A 271 -41.86 38.04 0.63
CA TRP A 271 -41.78 39.45 0.23
C TRP A 271 -42.55 39.75 -1.06
N LEU A 272 -42.92 38.75 -1.83
CA LEU A 272 -43.68 38.93 -3.08
C LEU A 272 -45.20 38.77 -2.86
N ILE A 273 -45.65 38.81 -1.60
CA ILE A 273 -47.05 38.67 -1.28
C ILE A 273 -47.57 40.05 -0.89
N PRO A 274 -48.53 40.62 -1.64
CA PRO A 274 -49.15 41.89 -1.23
C PRO A 274 -49.61 41.87 0.22
N GLY A 275 -49.36 42.96 0.92
CA GLY A 275 -49.73 42.99 2.34
C GLY A 275 -48.56 42.60 3.22
N PHE A 276 -48.07 41.38 3.04
CA PHE A 276 -46.82 41.03 3.72
C PHE A 276 -45.71 41.97 3.30
N ASP A 277 -45.69 42.38 2.01
CA ASP A 277 -44.58 43.19 1.55
C ASP A 277 -44.48 44.49 2.32
N ASP A 278 -45.60 45.15 2.58
CA ASP A 278 -45.54 46.42 3.29
C ASP A 278 -45.05 46.23 4.72
N GLU A 279 -45.44 45.12 5.34
CA GLU A 279 -45.07 44.90 6.74
C GLU A 279 -43.59 44.53 6.84
N LEU A 280 -43.10 43.68 5.92
CA LEU A 280 -41.69 43.29 5.86
C LEU A 280 -40.80 44.49 5.66
N ASN A 281 -41.24 45.37 4.75
CA ASN A 281 -40.50 46.59 4.46
C ASN A 281 -40.29 47.41 5.72
N LYS A 282 -41.28 47.42 6.60
CA LYS A 282 -41.15 48.14 7.86
C LYS A 282 -40.32 47.36 8.88
N LEU A 283 -40.49 46.03 8.93
CA LEU A 283 -39.74 45.23 9.91
C LEU A 283 -38.24 45.27 9.60
N PHE A 284 -37.91 45.15 8.32
CA PHE A 284 -36.52 45.09 7.87
C PHE A 284 -36.14 46.17 6.86
N PRO A 285 -35.95 47.38 7.35
CA PRO A 285 -35.38 48.44 6.50
C PRO A 285 -34.19 47.95 5.68
N GLN A 286 -33.25 47.23 6.30
CA GLN A 286 -32.19 46.55 5.56
C GLN A 286 -32.71 45.17 5.23
N LYS A 287 -33.08 44.99 3.95
CA LYS A 287 -33.90 43.85 3.58
C LYS A 287 -33.19 42.51 3.76
N ALA A 288 -31.87 42.45 3.63
CA ALA A 288 -31.16 41.17 3.71
C ALA A 288 -30.61 40.89 5.12
N THR A 289 -31.30 41.38 6.16
CA THR A 289 -31.02 41.11 7.58
C THR A 289 -32.09 40.23 8.24
N VAL A 290 -32.98 39.62 7.46
CA VAL A 290 -34.08 38.86 8.07
C VAL A 290 -33.51 37.74 8.94
N PHE A 291 -32.68 36.87 8.36
CA PHE A 291 -32.27 35.74 9.15
C PHE A 291 -31.21 36.13 10.17
N HIS A 292 -30.43 37.18 9.88
CA HIS A 292 -29.49 37.69 10.86
C HIS A 292 -30.19 38.11 12.16
N HIS A 293 -31.32 38.82 12.02
CA HIS A 293 -32.07 39.22 13.21
C HIS A 293 -32.89 38.08 13.80
N LEU A 294 -33.74 37.44 13.01
CA LEU A 294 -34.60 36.44 13.64
C LEU A 294 -33.80 35.23 14.15
N GLY A 295 -32.78 34.81 13.40
CA GLY A 295 -31.94 33.72 13.87
C GLY A 295 -31.21 34.02 15.17
N ARG A 296 -30.65 35.22 15.31
CA ARG A 296 -30.02 35.58 16.56
C ARG A 296 -31.03 35.70 17.70
N TYR A 297 -32.26 36.10 17.38
CA TYR A 297 -33.29 36.28 18.38
C TYR A 297 -33.78 34.94 18.86
N LEU A 298 -34.05 34.02 17.94
CA LEU A 298 -34.61 32.71 18.29
C LEU A 298 -33.65 31.68 18.86
N PHE A 299 -32.37 31.67 18.42
CA PHE A 299 -31.55 30.46 18.60
C PHE A 299 -30.39 30.71 19.54
N HIS A 300 -30.49 30.09 20.71
CA HIS A 300 -29.45 30.24 21.71
C HIS A 300 -29.09 28.83 22.16
N PRO A 301 -27.83 28.42 22.07
CA PRO A 301 -27.49 27.03 22.40
C PRO A 301 -27.62 26.77 23.91
N THR A 302 -28.07 25.56 24.26
CA THR A 302 -28.12 25.19 25.68
C THR A 302 -26.72 25.14 26.29
N ASN A 303 -26.68 25.00 27.63
CA ASN A 303 -25.39 25.04 28.32
C ASN A 303 -24.48 23.94 27.84
N GLN A 304 -25.04 22.76 27.56
CA GLN A 304 -24.25 21.64 27.07
C GLN A 304 -23.60 21.98 25.73
N VAL A 305 -24.36 22.58 24.83
CA VAL A 305 -23.78 22.93 23.53
C VAL A 305 -22.84 24.12 23.69
N TRP A 306 -23.23 25.10 24.48
CA TRP A 306 -22.39 26.27 24.62
C TRP A 306 -21.01 25.94 25.25
N GLY A 307 -20.92 24.92 26.10
CA GLY A 307 -19.60 24.50 26.61
C GLY A 307 -18.70 23.98 25.49
N LEU A 308 -19.29 23.43 24.43
CA LEU A 308 -18.51 23.00 23.28
C LEU A 308 -17.90 24.20 22.51
N VAL A 309 -18.67 25.28 22.43
CA VAL A 309 -18.26 26.49 21.73
C VAL A 309 -17.16 27.18 22.51
N THR A 310 -17.43 27.44 23.80
CA THR A 310 -16.49 28.21 24.60
C THR A 310 -15.20 27.42 24.85
N ARG A 311 -15.25 26.12 25.14
CA ARG A 311 -13.96 25.44 25.31
C ARG A 311 -13.16 25.42 24.04
N TYR A 312 -13.83 25.35 22.88
CA TYR A 312 -13.06 25.21 21.65
C TYR A 312 -12.42 26.56 21.31
N TYR A 313 -13.22 27.61 21.41
CA TYR A 313 -12.75 28.97 21.19
C TYR A 313 -11.60 29.29 22.12
N GLU A 314 -11.77 29.02 23.43
CA GLU A 314 -10.75 29.40 24.40
C GLU A 314 -9.48 28.58 24.22
N ALA A 315 -9.58 27.32 23.82
CA ALA A 315 -8.33 26.58 23.65
C ALA A 315 -7.61 26.94 22.37
N TYR A 316 -8.34 27.26 21.30
CA TYR A 316 -7.75 27.16 19.98
C TYR A 316 -7.80 28.45 19.17
N LEU A 317 -8.63 29.40 19.54
CA LEU A 317 -9.00 30.48 18.63
C LEU A 317 -8.83 31.86 19.22
N SER A 318 -8.71 31.97 20.53
CA SER A 318 -8.91 33.21 21.23
C SER A 318 -7.69 34.11 21.16
N HIS A 319 -6.53 33.57 20.83
CA HIS A 319 -5.35 34.41 20.75
C HIS A 319 -5.11 34.98 19.34
N ALA A 320 -5.81 34.50 18.31
CA ALA A 320 -5.57 35.03 16.98
C ALA A 320 -5.97 36.50 16.85
N ASP A 321 -5.26 37.22 15.99
CA ASP A 321 -5.74 38.57 15.64
C ASP A 321 -6.91 38.51 14.69
N GLU A 322 -6.96 37.50 13.86
CA GLU A 322 -8.03 37.41 12.89
C GLU A 322 -8.36 35.93 12.70
N LYS A 323 -9.63 35.64 12.47
CA LYS A 323 -10.08 34.27 12.29
C LYS A 323 -10.76 34.15 10.95
N ILE A 324 -10.35 33.15 10.17
CA ILE A 324 -10.96 32.82 8.90
C ILE A 324 -11.71 31.52 9.06
N GLY A 325 -12.98 31.51 8.64
CA GLY A 325 -13.78 30.30 8.62
C GLY A 325 -13.79 29.73 7.22
N ILE A 326 -13.63 28.42 7.15
CA ILE A 326 -13.76 27.68 5.91
C ILE A 326 -14.72 26.53 6.17
N GLN A 327 -15.95 26.67 5.75
CA GLN A 327 -17.01 25.69 5.88
C GLN A 327 -17.06 24.83 4.64
N VAL A 328 -16.64 23.58 4.77
CA VAL A 328 -16.45 22.69 3.62
C VAL A 328 -17.57 21.68 3.61
N ARG A 329 -18.30 21.59 2.51
CA ARG A 329 -19.27 20.53 2.34
C ARG A 329 -19.11 20.02 0.92
N VAL A 330 -18.93 18.72 0.74
CA VAL A 330 -18.70 18.14 -0.58
C VAL A 330 -19.87 17.22 -0.85
N PHE A 331 -20.69 17.58 -1.82
CA PHE A 331 -21.85 16.76 -2.19
C PHE A 331 -21.41 15.71 -3.20
N ASP A 332 -21.28 14.46 -2.73
CA ASP A 332 -20.65 13.41 -3.52
C ASP A 332 -20.72 12.08 -2.77
N GLU A 333 -21.19 11.04 -3.42
CA GLU A 333 -21.24 9.74 -2.80
C GLU A 333 -19.87 9.23 -2.44
N ASP A 334 -18.93 9.39 -3.34
CA ASP A 334 -17.58 8.97 -3.03
C ASP A 334 -17.10 9.69 -1.78
N PRO A 335 -16.24 9.04 -1.02
CA PRO A 335 -15.62 9.73 0.12
C PRO A 335 -14.40 10.47 -0.37
N GLY A 336 -14.21 11.67 0.17
CA GLY A 336 -13.06 12.45 -0.25
C GLY A 336 -11.81 11.89 0.39
N PRO A 337 -10.80 12.74 0.58
CA PRO A 337 -10.96 14.13 0.16
C PRO A 337 -10.61 14.29 -1.29
N PHE A 338 -11.07 15.35 -1.95
CA PHE A 338 -10.80 15.53 -3.37
C PHE A 338 -9.74 16.60 -3.56
N GLN A 339 -8.74 16.29 -4.40
CA GLN A 339 -7.71 17.26 -4.76
C GLN A 339 -8.31 18.52 -5.40
N HIS A 340 -9.32 18.35 -6.25
CA HIS A 340 -9.87 19.55 -6.90
C HIS A 340 -10.55 20.46 -5.88
N VAL A 341 -11.06 19.88 -4.81
CA VAL A 341 -11.66 20.72 -3.77
C VAL A 341 -10.57 21.41 -2.99
N MET A 342 -9.46 20.72 -2.75
N MET A 342 -9.47 20.70 -2.72
CA MET A 342 -8.35 21.33 -2.04
CA MET A 342 -8.33 21.29 -2.02
C MET A 342 -7.76 22.48 -2.84
C MET A 342 -7.75 22.46 -2.83
N ASP A 343 -7.56 22.26 -4.15
CA ASP A 343 -7.13 23.35 -5.04
C ASP A 343 -8.13 24.53 -4.97
N GLN A 344 -9.44 24.21 -5.06
CA GLN A 344 -10.47 25.27 -4.99
C GLN A 344 -10.26 26.11 -3.75
N ILE A 345 -10.00 25.45 -2.60
CA ILE A 345 -9.87 26.16 -1.33
C ILE A 345 -8.63 27.01 -1.33
N SER A 346 -7.49 26.44 -1.75
N SER A 346 -7.42 26.60 -1.74
CA SER A 346 -6.25 27.19 -1.86
CA SER A 346 -6.27 27.50 -1.75
C SER A 346 -6.43 28.39 -2.79
C SER A 346 -6.40 28.55 -2.84
N SER A 347 -6.95 28.14 -3.98
CA SER A 347 -7.16 29.21 -4.96
C SER A 347 -8.02 30.34 -4.37
N CYS A 348 -9.19 29.97 -3.86
CA CYS A 348 -10.13 30.97 -3.29
C CYS A 348 -9.46 31.79 -2.19
N THR A 349 -8.88 31.13 -1.18
CA THR A 349 -8.42 31.93 -0.04
C THR A 349 -7.22 32.80 -0.40
N GLN A 350 -6.36 32.31 -1.27
CA GLN A 350 -5.25 33.15 -1.73
C GLN A 350 -5.70 34.23 -2.72
N LYS A 351 -6.56 33.93 -3.69
CA LYS A 351 -6.87 35.02 -4.62
C LYS A 351 -7.68 36.12 -3.94
N GLU A 352 -8.45 35.83 -2.88
CA GLU A 352 -9.23 36.86 -2.18
C GLU A 352 -8.47 37.52 -1.06
N LYS A 353 -7.19 37.19 -0.91
CA LYS A 353 -6.35 37.73 0.16
C LYS A 353 -6.86 37.34 1.55
N LEU A 354 -7.57 36.20 1.68
CA LEU A 354 -8.01 35.74 3.01
C LEU A 354 -6.86 35.05 3.75
N LEU A 355 -6.08 34.24 3.02
CA LEU A 355 -4.92 33.53 3.53
C LEU A 355 -3.70 33.89 2.68
N PRO A 356 -2.51 33.95 3.25
CA PRO A 356 -1.33 34.33 2.46
C PRO A 356 -0.85 33.18 1.61
N GLU A 357 -0.12 33.51 0.56
CA GLU A 357 0.64 32.52 -0.14
C GLU A 357 1.83 32.14 0.72
N VAL A 358 2.41 31.01 0.41
CA VAL A 358 3.66 30.59 1.02
C VAL A 358 4.83 30.64 0.07
N ASP A 359 5.99 30.87 0.63
CA ASP A 359 7.26 30.85 -0.11
C ASP A 359 7.83 29.44 -0.13
N THR A 360 7.78 28.79 -1.29
CA THR A 360 8.32 27.45 -1.45
C THR A 360 9.78 27.50 -1.88
N LEU A 361 10.31 28.70 -2.04
CA LEU A 361 11.65 28.85 -2.59
C LEU A 361 12.60 29.64 -1.71
N THR A 370 6.99 41.87 14.30
CA THR A 370 5.73 41.60 15.01
C THR A 370 4.57 41.29 14.07
N PRO A 371 4.45 40.02 13.66
CA PRO A 371 3.42 39.65 12.68
C PRO A 371 2.04 39.48 13.32
N LYS A 372 1.03 39.49 12.48
CA LYS A 372 -0.27 39.16 12.95
C LYS A 372 -0.49 37.67 12.94
N HIS A 373 -1.33 37.21 13.85
CA HIS A 373 -1.64 35.80 13.97
C HIS A 373 -3.09 35.59 13.49
N LYS A 374 -3.23 34.76 12.48
CA LYS A 374 -4.48 34.43 11.82
C LYS A 374 -4.79 32.96 12.08
N ALA A 375 -5.97 32.69 12.63
CA ALA A 375 -6.41 31.32 12.86
C ALA A 375 -7.44 30.94 11.81
N VAL A 376 -7.32 29.72 11.33
CA VAL A 376 -8.23 29.19 10.31
C VAL A 376 -9.03 28.09 10.96
N LEU A 377 -10.37 28.27 10.98
CA LEU A 377 -11.33 27.30 11.50
C LEU A 377 -11.98 26.62 10.31
N VAL A 378 -11.73 25.32 10.18
CA VAL A 378 -12.21 24.53 9.06
C VAL A 378 -13.25 23.58 9.63
N THR A 379 -14.43 23.56 9.05
CA THR A 379 -15.37 22.51 9.36
C THR A 379 -15.58 21.65 8.13
N SER A 380 -15.79 20.36 8.37
CA SER A 380 -15.87 19.43 7.25
C SER A 380 -16.07 18.04 7.80
N LEU A 381 -16.75 17.17 7.05
CA LEU A 381 -16.85 15.78 7.45
C LEU A 381 -15.50 15.08 7.35
N ASN A 382 -14.69 15.42 6.35
CA ASN A 382 -13.38 14.81 6.13
C ASN A 382 -12.29 15.78 6.60
N ALA A 383 -11.32 15.26 7.39
CA ALA A 383 -10.20 16.06 7.90
C ALA A 383 -9.20 16.46 6.82
N GLY A 384 -9.31 15.93 5.61
CA GLY A 384 -8.22 16.06 4.67
C GLY A 384 -7.96 17.47 4.21
N TYR A 385 -9.00 18.30 4.12
CA TYR A 385 -8.77 19.66 3.65
C TYR A 385 -8.00 20.45 4.70
N ALA A 386 -8.43 20.36 5.96
CA ALA A 386 -7.76 21.04 7.07
C ALA A 386 -6.31 20.55 7.21
N GLU A 387 -6.11 19.22 7.17
CA GLU A 387 -4.77 18.62 7.17
C GLU A 387 -3.85 19.18 6.09
N ASN A 388 -4.39 19.36 4.89
CA ASN A 388 -3.60 19.88 3.79
C ASN A 388 -3.22 21.34 4.03
N LEU A 389 -4.18 22.17 4.43
CA LEU A 389 -3.83 23.52 4.83
C LEU A 389 -2.80 23.52 5.95
N LYS A 390 -3.00 22.67 6.95
CA LYS A 390 -2.12 22.64 8.12
C LYS A 390 -0.68 22.31 7.72
N SER A 391 -0.52 21.26 6.91
CA SER A 391 0.76 20.89 6.31
C SER A 391 1.45 22.05 5.60
N MET A 392 0.75 22.65 4.63
N MET A 392 0.76 22.67 4.63
CA MET A 392 1.29 23.73 3.79
CA MET A 392 1.40 23.70 3.81
C MET A 392 1.88 24.84 4.66
C MET A 392 1.92 24.86 4.68
N TYR A 393 1.12 25.29 5.66
CA TYR A 393 1.58 26.40 6.49
C TYR A 393 2.57 25.97 7.57
N TRP A 394 2.68 24.67 7.85
CA TRP A 394 3.81 24.18 8.65
C TRP A 394 5.09 24.17 7.81
N GLU A 395 4.99 23.62 6.60
CA GLU A 395 6.11 23.29 5.76
C GLU A 395 6.80 24.49 5.15
N TYR A 396 6.08 25.57 4.85
CA TYR A 396 6.70 26.67 4.16
C TYR A 396 6.39 27.97 4.86
N PRO A 397 7.31 28.93 4.87
CA PRO A 397 6.99 30.24 5.46
C PRO A 397 5.97 31.00 4.61
N THR A 398 5.22 31.90 5.26
CA THR A 398 4.24 32.70 4.53
C THR A 398 4.95 33.83 3.80
N SER A 399 4.44 34.15 2.59
CA SER A 399 4.99 35.26 1.81
C SER A 399 4.91 36.57 2.55
N THR A 400 3.95 36.70 3.45
CA THR A 400 3.74 37.93 4.19
C THR A 400 4.42 37.96 5.54
N GLY A 401 4.95 36.85 6.03
CA GLY A 401 5.36 36.83 7.42
C GLY A 401 4.27 36.54 8.44
N GLU A 402 3.02 36.40 8.03
CA GLU A 402 1.95 36.16 9.00
C GLU A 402 2.02 34.76 9.60
N ILE A 403 1.65 34.64 10.86
CA ILE A 403 1.52 33.34 11.53
C ILE A 403 0.13 32.75 11.23
N ILE A 404 0.09 31.53 10.70
CA ILE A 404 -1.13 30.85 10.29
C ILE A 404 -1.29 29.56 11.12
N GLY A 405 -2.37 29.46 11.89
CA GLY A 405 -2.73 28.20 12.55
C GLY A 405 -4.02 27.63 11.98
N VAL A 406 -4.04 26.31 11.71
CA VAL A 406 -5.20 25.65 11.13
C VAL A 406 -5.83 24.70 12.16
N HIS A 407 -7.16 24.78 12.32
CA HIS A 407 -7.91 24.06 13.35
C HIS A 407 -9.21 23.49 12.82
N GLN A 408 -9.47 22.22 13.12
CA GLN A 408 -10.75 21.63 12.76
C GLN A 408 -11.28 20.90 13.99
N PRO A 409 -12.54 21.15 14.36
CA PRO A 409 -13.06 20.53 15.60
C PRO A 409 -13.20 19.02 15.50
N SER A 410 -13.73 18.54 14.39
CA SER A 410 -14.27 17.20 14.35
C SER A 410 -14.16 16.68 12.94
N GLN A 411 -14.15 15.36 12.82
CA GLN A 411 -14.24 14.66 11.56
C GLN A 411 -15.13 13.49 11.86
N GLU A 412 -15.80 12.99 10.81
CA GLU A 412 -16.74 11.87 10.83
C GLU A 412 -16.08 10.54 11.12
N MET A 421 -24.58 13.15 20.63
CA MET A 421 -23.76 14.35 20.70
C MET A 421 -23.37 14.84 19.31
N HIS A 422 -23.88 14.17 18.29
CA HIS A 422 -23.58 14.54 16.92
C HIS A 422 -24.23 15.88 16.57
N ASN A 423 -25.53 16.05 16.89
CA ASN A 423 -26.21 17.32 16.58
C ASN A 423 -25.69 18.46 17.43
N GLY A 424 -25.30 18.17 18.69
CA GLY A 424 -24.75 19.21 19.54
C GLY A 424 -23.40 19.72 19.05
N LYS A 425 -22.58 18.81 18.54
CA LYS A 425 -21.31 19.24 17.94
C LYS A 425 -21.55 20.00 16.62
N ALA A 426 -22.49 19.53 15.78
CA ALA A 426 -22.81 20.25 14.56
C ALA A 426 -23.24 21.68 14.89
N LEU A 427 -24.12 21.84 15.87
CA LEU A 427 -24.56 23.17 16.28
C LEU A 427 -23.39 24.00 16.80
N ALA A 428 -22.53 23.42 17.69
CA ALA A 428 -21.36 24.14 18.17
C ALA A 428 -20.51 24.64 17.00
N GLU A 429 -20.25 23.78 16.02
CA GLU A 429 -19.44 24.17 14.85
C GLU A 429 -20.07 25.26 13.97
N MET A 430 -21.40 25.26 13.78
CA MET A 430 -22.05 26.41 13.18
C MET A 430 -21.75 27.68 13.97
N TYR A 431 -21.88 27.61 15.30
CA TYR A 431 -21.63 28.78 16.13
C TYR A 431 -20.18 29.24 16.04
N LEU A 432 -19.23 28.30 16.16
CA LEU A 432 -17.84 28.67 16.01
C LEU A 432 -17.59 29.39 14.67
N LEU A 433 -18.01 28.81 13.54
CA LEU A 433 -17.92 29.55 12.26
C LEU A 433 -18.49 30.96 12.34
N SER A 434 -19.58 31.13 13.07
CA SER A 434 -20.26 32.43 13.13
C SER A 434 -19.45 33.44 13.92
N LEU A 435 -18.50 32.96 14.67
CA LEU A 435 -17.56 33.82 15.36
C LEU A 435 -16.36 34.23 14.51
N THR A 436 -16.25 33.81 13.25
CA THR A 436 -15.04 34.20 12.53
C THR A 436 -15.18 35.60 11.90
N ASP A 437 -14.04 36.19 11.47
CA ASP A 437 -14.04 37.54 10.88
C ASP A 437 -14.42 37.54 9.41
N ASN A 438 -13.98 36.54 8.67
CA ASN A 438 -14.28 36.36 7.26
C ASN A 438 -14.58 34.89 7.07
N LEU A 439 -15.53 34.58 6.22
CA LEU A 439 -16.00 33.21 6.10
C LEU A 439 -16.13 32.77 4.65
N VAL A 440 -15.61 31.61 4.39
CA VAL A 440 -15.79 30.92 3.12
C VAL A 440 -16.79 29.82 3.33
N THR A 441 -17.79 29.74 2.44
CA THR A 441 -18.84 28.72 2.60
C THR A 441 -18.85 27.80 1.39
N SER A 442 -19.59 26.69 1.49
CA SER A 442 -19.81 25.78 0.39
C SER A 442 -21.16 26.02 -0.28
N ALA A 443 -21.19 25.98 -1.63
CA ALA A 443 -22.42 26.12 -2.39
C ALA A 443 -23.43 25.09 -1.98
N TRP A 444 -24.68 25.52 -1.89
CA TRP A 444 -25.82 24.70 -1.49
C TRP A 444 -25.85 24.31 0.01
N SER A 445 -24.87 24.68 0.83
CA SER A 445 -24.80 24.15 2.22
C SER A 445 -25.64 25.02 3.16
N THR A 446 -26.74 24.47 3.69
CA THR A 446 -27.47 25.18 4.74
C THR A 446 -26.66 25.33 6.04
N PHE A 447 -25.69 24.45 6.27
CA PHE A 447 -24.77 24.58 7.41
C PHE A 447 -24.08 25.93 7.32
N GLY A 448 -23.56 26.24 6.12
CA GLY A 448 -22.96 27.54 5.88
C GLY A 448 -23.93 28.71 6.02
N TYR A 449 -25.16 28.55 5.49
CA TYR A 449 -26.15 29.64 5.60
C TYR A 449 -26.40 29.99 7.07
N VAL A 450 -26.63 28.97 7.90
CA VAL A 450 -26.83 29.24 9.31
C VAL A 450 -25.66 30.02 9.86
N ALA A 451 -24.44 29.52 9.62
CA ALA A 451 -23.27 30.13 10.25
C ALA A 451 -23.08 31.55 9.78
N GLN A 452 -23.20 31.80 8.44
CA GLN A 452 -23.03 33.16 7.90
C GLN A 452 -24.10 34.10 8.46
N GLY A 453 -25.33 33.61 8.58
CA GLY A 453 -26.42 34.43 9.09
C GLY A 453 -26.26 34.79 10.56
N LEU A 454 -25.97 33.80 11.41
CA LEU A 454 -25.73 34.11 12.80
C LEU A 454 -24.61 35.13 12.95
N GLY A 455 -23.57 35.04 12.08
CA GLY A 455 -22.46 35.97 12.26
C GLY A 455 -22.61 37.30 11.59
N GLY A 456 -23.67 37.51 10.82
CA GLY A 456 -23.73 38.68 9.95
C GLY A 456 -22.60 38.76 8.92
N LEU A 457 -22.23 37.63 8.35
CA LEU A 457 -21.07 37.53 7.49
C LEU A 457 -21.55 37.38 6.06
N LYS A 458 -21.07 38.26 5.18
CA LYS A 458 -21.29 38.05 3.77
C LYS A 458 -20.16 37.12 3.32
N PRO A 459 -20.48 35.90 2.97
CA PRO A 459 -19.41 34.93 2.75
C PRO A 459 -18.78 35.03 1.37
N TRP A 460 -17.64 34.36 1.21
CA TRP A 460 -17.16 33.91 -0.10
C TRP A 460 -17.61 32.50 -0.34
N ILE A 461 -18.23 32.26 -1.49
CA ILE A 461 -18.88 30.99 -1.79
C ILE A 461 -17.99 30.15 -2.69
N LEU A 462 -17.73 28.93 -2.27
CA LEU A 462 -17.02 27.93 -3.06
C LEU A 462 -18.06 27.34 -3.98
N TYR A 463 -18.03 27.72 -5.27
CA TYR A 463 -19.04 27.24 -6.20
C TYR A 463 -18.98 25.71 -6.31
N ARG A 464 -20.09 25.10 -6.59
CA ARG A 464 -20.18 23.70 -6.75
C ARG A 464 -19.37 23.27 -7.97
N PRO A 465 -18.44 22.36 -7.77
CA PRO A 465 -17.68 21.84 -8.92
C PRO A 465 -18.53 20.92 -9.76
N GLU A 466 -18.31 20.97 -11.06
CA GLU A 466 -18.84 19.98 -11.98
C GLU A 466 -17.69 19.08 -12.42
N ASN A 467 -18.01 17.79 -12.59
CA ASN A 467 -17.10 16.79 -13.15
C ASN A 467 -15.78 16.77 -12.38
N ARG A 468 -15.83 17.06 -11.09
CA ARG A 468 -14.64 17.07 -10.25
C ARG A 468 -13.54 17.92 -10.84
N THR A 469 -13.88 19.05 -11.44
CA THR A 469 -12.86 19.99 -11.88
C THR A 469 -12.94 21.22 -11.00
N THR A 470 -11.84 21.77 -10.56
CA THR A 470 -11.88 22.99 -9.81
C THR A 470 -12.53 24.09 -10.61
N PRO A 471 -13.53 24.75 -10.07
CA PRO A 471 -14.16 25.82 -10.83
C PRO A 471 -13.27 27.03 -10.97
N ASP A 472 -13.52 27.76 -12.05
CA ASP A 472 -12.77 28.98 -12.32
C ASP A 472 -13.76 30.07 -12.74
N PRO A 473 -13.97 31.08 -11.88
CA PRO A 473 -13.31 31.32 -10.58
C PRO A 473 -13.66 30.27 -9.51
N SER A 474 -12.73 30.04 -8.57
CA SER A 474 -12.95 29.03 -7.54
C SER A 474 -14.02 29.46 -6.55
N CYS A 475 -14.12 30.76 -6.27
CA CYS A 475 -15.17 31.29 -5.41
C CYS A 475 -15.46 32.72 -5.82
N GLY A 476 -16.55 33.25 -5.30
CA GLY A 476 -16.72 34.69 -5.30
C GLY A 476 -17.64 35.17 -4.20
N ARG A 477 -17.61 36.48 -3.97
CA ARG A 477 -18.30 37.05 -2.85
C ARG A 477 -19.81 36.89 -3.01
N ALA A 478 -20.48 36.55 -1.90
CA ALA A 478 -21.93 36.50 -1.99
C ALA A 478 -22.53 37.89 -2.24
N MET A 479 -23.75 37.89 -2.76
CA MET A 479 -24.51 39.12 -2.91
C MET A 479 -24.89 39.67 -1.55
N SER A 480 -25.30 38.81 -0.63
CA SER A 480 -25.69 39.24 0.71
C SER A 480 -25.43 38.09 1.68
N MET A 481 -25.63 38.35 2.97
CA MET A 481 -25.44 37.32 4.01
C MET A 481 -26.63 36.37 4.14
N GLU A 482 -27.71 36.59 3.36
CA GLU A 482 -28.92 35.83 3.54
C GLU A 482 -28.77 34.40 3.04
N PRO A 483 -29.47 33.47 3.65
CA PRO A 483 -29.54 32.11 3.13
C PRO A 483 -30.27 32.08 1.78
N CYS A 484 -30.23 30.93 1.14
CA CYS A 484 -30.91 30.73 -0.12
C CYS A 484 -32.17 29.87 0.10
N PHE A 485 -33.25 30.21 -0.59
CA PHE A 485 -34.50 29.47 -0.56
C PHE A 485 -34.39 28.48 -1.73
N HIS A 486 -34.26 27.19 -1.44
CA HIS A 486 -33.85 26.31 -2.54
C HIS A 486 -34.98 25.94 -3.49
N SER A 487 -36.23 25.95 -3.06
CA SER A 487 -37.35 25.42 -3.85
C SER A 487 -38.47 26.44 -3.89
N PRO A 488 -38.21 27.59 -4.50
CA PRO A 488 -39.23 28.63 -4.54
C PRO A 488 -40.29 28.33 -5.57
N PRO A 489 -41.48 28.90 -5.39
CA PRO A 489 -42.50 28.82 -6.46
C PRO A 489 -42.17 29.81 -7.55
N PHE A 490 -42.53 29.43 -8.80
CA PHE A 490 -42.33 30.30 -9.96
C PHE A 490 -43.67 30.63 -10.62
N TYR A 491 -44.59 31.29 -9.85
CA TYR A 491 -45.99 31.38 -10.23
C TYR A 491 -46.53 32.78 -9.95
N ASP A 492 -47.15 33.40 -10.98
CA ASP A 492 -47.76 34.73 -10.87
C ASP A 492 -49.20 34.48 -10.44
N CYS A 493 -49.54 34.86 -9.20
CA CYS A 493 -50.84 34.52 -8.62
C CYS A 493 -51.95 35.29 -9.32
N LYS A 494 -51.69 36.54 -9.65
CA LYS A 494 -52.70 37.37 -10.29
C LYS A 494 -53.00 36.85 -11.68
N ALA A 495 -51.98 36.78 -12.55
CA ALA A 495 -52.24 36.33 -13.92
C ALA A 495 -52.46 34.83 -14.00
N LYS A 496 -52.27 34.08 -12.91
CA LYS A 496 -52.43 32.62 -12.94
C LYS A 496 -51.51 31.99 -13.98
N THR A 497 -50.25 32.43 -13.98
CA THR A 497 -49.36 31.85 -14.96
C THR A 497 -47.93 31.75 -14.41
N GLY A 498 -47.12 30.88 -15.01
CA GLY A 498 -45.70 30.83 -14.73
C GLY A 498 -45.04 32.18 -14.83
N ILE A 499 -44.01 32.37 -14.01
CA ILE A 499 -43.23 33.59 -14.01
C ILE A 499 -41.88 33.31 -13.35
N ASP A 500 -40.85 34.12 -13.71
CA ASP A 500 -39.53 34.09 -13.09
C ASP A 500 -39.53 35.02 -11.88
N THR A 501 -39.71 34.43 -10.68
CA THR A 501 -39.78 35.24 -9.46
C THR A 501 -38.44 35.86 -9.06
N GLY A 502 -37.32 35.41 -9.65
CA GLY A 502 -36.03 36.07 -9.44
C GLY A 502 -35.83 37.40 -10.16
N THR A 503 -36.78 37.80 -11.02
CA THR A 503 -36.61 38.97 -11.87
C THR A 503 -37.86 39.84 -11.83
N LEU A 504 -38.56 39.86 -10.67
CA LEU A 504 -39.66 40.78 -10.42
C LEU A 504 -39.21 42.05 -9.70
N VAL A 505 -38.35 41.91 -8.70
CA VAL A 505 -38.04 43.06 -7.88
C VAL A 505 -36.55 43.03 -7.54
N PRO A 506 -35.93 44.18 -7.28
CA PRO A 506 -34.47 44.17 -7.21
C PRO A 506 -33.92 43.38 -6.03
N HIS A 507 -34.70 43.30 -4.93
CA HIS A 507 -34.20 42.76 -3.66
C HIS A 507 -34.44 41.27 -3.51
N VAL A 508 -35.07 40.64 -4.49
CA VAL A 508 -35.25 39.20 -4.54
C VAL A 508 -34.55 38.73 -5.81
N ARG A 509 -33.34 38.11 -5.68
CA ARG A 509 -32.55 37.62 -6.82
C ARG A 509 -32.37 36.10 -6.80
N HIS A 510 -31.94 35.55 -7.91
CA HIS A 510 -31.54 34.15 -7.92
C HIS A 510 -30.24 34.02 -7.15
N CYS A 511 -30.09 32.91 -6.43
CA CYS A 511 -28.93 32.68 -5.57
C CYS A 511 -27.67 32.55 -6.42
N GLU A 512 -26.53 32.95 -5.84
CA GLU A 512 -25.19 32.79 -6.42
C GLU A 512 -24.84 31.34 -6.71
N ASP A 513 -25.37 30.41 -5.92
CA ASP A 513 -24.82 29.05 -5.88
C ASP A 513 -25.76 28.00 -6.39
N ILE A 514 -27.07 28.19 -6.23
CA ILE A 514 -28.09 27.37 -6.86
C ILE A 514 -28.99 28.31 -7.67
N SER A 515 -28.91 28.23 -9.00
CA SER A 515 -29.60 29.24 -9.80
C SER A 515 -31.13 29.12 -9.81
N TRP A 516 -31.70 27.98 -9.45
CA TRP A 516 -33.13 27.92 -9.30
C TRP A 516 -33.62 28.72 -8.10
N GLY A 517 -32.79 28.82 -7.03
CA GLY A 517 -33.23 29.41 -5.78
C GLY A 517 -33.22 30.95 -5.76
N LEU A 518 -33.83 31.49 -4.71
CA LEU A 518 -34.03 32.90 -4.51
C LEU A 518 -33.41 33.33 -3.19
N LYS A 519 -32.88 34.54 -3.15
CA LYS A 519 -32.48 35.12 -1.89
C LYS A 519 -32.75 36.61 -1.90
N LEU A 520 -32.82 37.15 -0.69
CA LEU A 520 -32.90 38.56 -0.41
C LEU A 520 -31.55 39.18 -0.56
N VAL A 521 -31.50 40.32 -1.26
CA VAL A 521 -30.29 41.10 -1.37
C VAL A 521 -30.57 42.56 -0.97
N ASP B 58 20.82 33.71 27.86
CA ASP B 58 22.20 33.43 27.46
C ASP B 58 22.32 32.47 26.25
N LYS B 59 22.71 33.05 25.11
CA LYS B 59 22.80 32.30 23.85
C LYS B 59 23.85 31.21 23.93
N LEU B 60 24.85 31.37 24.78
CA LEU B 60 25.98 30.45 24.74
C LEU B 60 25.83 29.32 25.74
N LEU B 61 24.68 29.25 26.39
CA LEU B 61 24.36 28.12 27.24
C LEU B 61 25.43 27.94 28.29
N GLY B 62 25.76 29.04 28.98
CA GLY B 62 26.71 28.99 30.07
C GLY B 62 28.11 28.62 29.64
N GLY B 63 28.51 29.01 28.45
CA GLY B 63 29.84 28.71 27.96
C GLY B 63 29.96 27.43 27.14
N LEU B 64 28.90 26.62 27.04
CA LEU B 64 28.96 25.40 26.25
C LEU B 64 29.27 25.72 24.79
N LEU B 65 28.61 26.73 24.23
CA LEU B 65 28.77 27.07 22.82
C LEU B 65 29.80 28.18 22.64
N ALA B 66 30.52 28.11 21.53
CA ALA B 66 31.46 29.18 21.18
C ALA B 66 30.74 30.32 20.47
N SER B 67 31.12 31.56 20.82
CA SER B 67 30.62 32.67 20.02
C SER B 67 31.41 32.76 18.72
N GLY B 68 30.81 33.40 17.72
CA GLY B 68 31.49 33.66 16.48
C GLY B 68 31.00 32.92 15.26
N PHE B 69 30.05 32.00 15.39
CA PHE B 69 29.46 31.42 14.18
C PHE B 69 28.68 32.48 13.41
N ASP B 70 28.53 32.23 12.13
CA ASP B 70 27.67 33.08 11.31
C ASP B 70 26.19 32.82 11.66
N GLU B 71 25.53 33.80 12.26
CA GLU B 71 24.17 33.61 12.75
C GLU B 71 23.19 33.22 11.65
N ASP B 72 23.13 34.05 10.62
CA ASP B 72 22.18 33.87 9.52
C ASP B 72 22.27 32.51 8.82
N SER B 73 23.45 31.91 8.77
CA SER B 73 23.56 30.61 8.14
C SER B 73 22.97 29.50 9.06
N CYS B 74 22.86 29.74 10.38
CA CYS B 74 22.24 28.74 11.25
C CYS B 74 21.47 29.51 12.33
N LEU B 75 20.23 29.87 12.01
CA LEU B 75 19.46 30.73 12.92
C LEU B 75 19.25 30.06 14.27
N SER B 76 19.08 28.74 14.28
CA SER B 76 18.74 28.03 15.52
C SER B 76 19.84 28.18 16.57
N ARG B 77 21.10 28.28 16.14
CA ARG B 77 22.24 28.10 17.03
C ARG B 77 22.11 29.00 18.24
N TYR B 78 21.85 30.28 17.99
CA TYR B 78 21.67 31.27 19.03
C TYR B 78 20.20 31.69 19.19
N GLN B 79 19.40 31.68 18.13
CA GLN B 79 18.03 32.17 18.22
C GLN B 79 17.11 31.24 19.01
N SER B 80 17.53 30.01 19.33
CA SER B 80 16.75 29.09 20.13
C SER B 80 16.68 29.47 21.60
N VAL B 81 17.46 30.46 22.03
CA VAL B 81 17.30 30.90 23.41
C VAL B 81 15.89 31.50 23.65
N HIS B 82 15.27 32.09 22.62
CA HIS B 82 13.91 32.63 22.69
C HIS B 82 12.81 31.55 22.74
N TYR B 83 13.12 30.25 22.61
CA TYR B 83 12.10 29.20 22.59
C TYR B 83 12.14 28.23 23.75
N ARG B 84 13.24 28.18 24.50
CA ARG B 84 13.26 27.30 25.66
C ARG B 84 13.53 28.08 26.94
N LYS B 85 13.18 27.50 28.09
CA LYS B 85 13.68 28.01 29.35
C LYS B 85 15.19 27.76 29.42
N PRO B 86 15.90 28.54 30.22
CA PRO B 86 17.32 28.26 30.43
C PRO B 86 17.44 26.96 31.19
N SER B 87 18.43 26.17 30.82
CA SER B 87 18.63 24.91 31.47
C SER B 87 19.20 25.15 32.86
N PRO B 88 18.73 24.41 33.88
CA PRO B 88 19.40 24.48 35.20
C PRO B 88 20.72 23.74 35.26
N TYR B 89 21.16 23.09 34.21
CA TYR B 89 22.34 22.27 34.29
C TYR B 89 23.50 23.04 33.62
N LYS B 90 24.53 23.38 34.39
CA LYS B 90 25.64 24.16 33.82
C LYS B 90 26.83 23.27 33.51
N PRO B 91 27.40 23.40 32.31
CA PRO B 91 28.56 22.56 32.00
C PRO B 91 29.76 22.91 32.89
N SER B 92 30.45 21.87 33.40
CA SER B 92 31.63 22.09 34.23
C SER B 92 32.65 22.94 33.47
N SER B 93 33.51 23.61 34.26
CA SER B 93 34.59 24.37 33.65
C SER B 93 35.51 23.45 32.85
N TYR B 94 35.70 22.23 33.33
CA TYR B 94 36.60 21.29 32.69
C TYR B 94 36.05 20.85 31.33
N LEU B 95 34.73 20.61 31.24
CA LEU B 95 34.07 20.31 29.95
C LEU B 95 34.24 21.46 28.97
N ILE B 96 33.94 22.68 29.41
CA ILE B 96 34.09 23.82 28.50
C ILE B 96 35.49 23.87 27.93
N SER B 97 36.52 23.71 28.78
CA SER B 97 37.88 23.68 28.25
C SER B 97 38.05 22.52 27.27
N LYS B 98 37.52 21.35 27.61
CA LYS B 98 37.68 20.21 26.72
C LYS B 98 37.14 20.52 25.35
N LEU B 99 36.08 21.34 25.27
CA LEU B 99 35.40 21.55 24.01
C LEU B 99 36.12 22.62 23.18
N ARG B 100 36.57 23.71 23.84
CA ARG B 100 37.43 24.69 23.18
C ARG B 100 38.69 24.03 22.65
N ASN B 101 39.31 23.14 23.44
CA ASN B 101 40.53 22.49 22.95
C ASN B 101 40.22 21.45 21.89
N TYR B 102 39.02 20.88 21.91
CA TYR B 102 38.63 19.98 20.82
C TYR B 102 38.62 20.80 19.53
N GLU B 103 38.00 21.96 19.59
CA GLU B 103 37.85 22.80 18.43
C GLU B 103 39.22 23.20 17.88
N LYS B 104 40.20 23.42 18.76
CA LYS B 104 41.58 23.59 18.31
C LYS B 104 42.10 22.34 17.61
N LEU B 105 42.04 21.18 18.31
CA LEU B 105 42.41 19.94 17.65
C LEU B 105 41.73 19.79 16.28
N HIS B 106 40.45 20.16 16.17
CA HIS B 106 39.72 19.94 14.93
C HIS B 106 40.22 20.86 13.81
N LYS B 107 40.48 22.11 14.15
CA LYS B 107 41.02 23.05 13.18
C LYS B 107 42.35 22.54 12.62
N ARG B 108 43.15 21.96 13.50
CA ARG B 108 44.50 21.51 13.13
C ARG B 108 44.49 20.26 12.28
N CYS B 109 43.50 19.37 12.46
CA CYS B 109 43.54 18.04 11.85
C CYS B 109 42.38 17.78 10.91
N GLY B 110 41.44 18.69 10.82
CA GLY B 110 40.20 18.46 10.13
C GLY B 110 40.33 18.26 8.64
N PRO B 111 39.25 17.88 8.01
CA PRO B 111 39.29 17.69 6.58
C PRO B 111 39.69 18.97 5.86
N GLY B 112 40.46 18.80 4.78
CA GLY B 112 41.02 19.93 4.05
C GLY B 112 42.27 20.55 4.64
N THR B 113 42.72 20.13 5.81
CA THR B 113 44.00 20.65 6.29
C THR B 113 45.17 19.90 5.69
N GLU B 114 46.36 20.49 5.81
CA GLU B 114 47.55 19.74 5.42
C GLU B 114 47.69 18.48 6.26
N SER B 115 47.44 18.58 7.56
CA SER B 115 47.64 17.41 8.43
C SER B 115 46.70 16.28 8.06
N TYR B 116 45.45 16.61 7.65
CA TYR B 116 44.50 15.62 7.16
C TYR B 116 45.04 14.89 5.92
N LYS B 117 45.45 15.65 4.88
CA LYS B 117 46.01 15.04 3.66
C LYS B 117 47.14 14.06 3.99
N LYS B 118 48.05 14.49 4.88
CA LYS B 118 49.17 13.63 5.24
C LYS B 118 48.69 12.40 6.01
N ALA B 119 47.68 12.57 6.89
CA ALA B 119 47.16 11.40 7.60
C ALA B 119 46.45 10.44 6.64
N LEU B 120 45.75 10.98 5.64
CA LEU B 120 45.13 10.15 4.61
C LEU B 120 46.13 9.16 4.03
N LYS B 121 47.32 9.65 3.68
CA LYS B 121 48.39 8.82 3.12
C LYS B 121 48.69 7.57 3.96
N GLN B 122 48.46 7.67 5.27
CA GLN B 122 48.76 6.55 6.17
C GLN B 122 47.86 5.34 5.92
N LEU B 123 46.67 5.58 5.42
CA LEU B 123 45.77 4.50 5.10
C LEU B 123 46.20 3.65 3.92
N ASP B 124 47.03 4.22 3.05
CA ASP B 124 47.48 3.50 1.86
C ASP B 124 48.27 2.25 2.25
N GLN B 125 48.31 1.95 3.56
CA GLN B 125 49.07 0.81 4.07
C GLN B 125 48.46 0.26 5.32
N ASP B 131 54.32 7.21 13.35
CA ASP B 131 53.79 7.83 14.56
C ASP B 131 53.34 9.27 14.34
N GLY B 132 52.42 9.48 13.41
CA GLY B 132 51.95 10.82 13.11
C GLY B 132 51.18 11.52 14.19
N GLU B 133 50.71 12.71 13.90
CA GLU B 133 50.14 13.60 14.89
C GLU B 133 48.63 13.82 14.89
N CYS B 134 47.90 13.12 14.05
CA CYS B 134 46.47 13.28 13.96
C CYS B 134 45.82 11.91 14.07
N LYS B 135 44.85 11.75 14.97
CA LYS B 135 44.10 10.51 15.08
C LYS B 135 42.62 10.81 14.91
N TYR B 136 41.89 9.87 14.34
CA TYR B 136 40.50 10.12 13.99
C TYR B 136 39.57 9.01 14.40
N VAL B 137 38.29 9.35 14.45
CA VAL B 137 37.24 8.35 14.51
C VAL B 137 36.11 8.84 13.62
N VAL B 138 35.72 7.95 12.71
CA VAL B 138 34.72 8.24 11.68
C VAL B 138 33.42 7.52 12.02
N TRP B 139 32.33 8.28 12.12
CA TRP B 139 31.00 7.75 12.43
C TRP B 139 30.23 7.51 11.14
N ILE B 140 29.77 6.27 10.93
CA ILE B 140 29.02 5.92 9.72
C ILE B 140 27.56 6.25 9.97
N SER B 141 26.93 6.91 9.00
CA SER B 141 25.48 7.18 9.08
C SER B 141 24.70 5.88 8.93
N PHE B 142 23.98 5.48 9.98
CA PHE B 142 23.39 4.16 10.02
C PHE B 142 22.17 4.20 10.97
N SER B 143 21.04 3.63 10.55
CA SER B 143 19.80 3.51 11.36
C SER B 143 18.94 4.76 11.39
N GLY B 144 17.88 4.73 12.19
CA GLY B 144 16.96 5.85 12.22
C GLY B 144 17.52 7.05 12.97
N LEU B 145 16.79 8.16 12.85
CA LEU B 145 17.31 9.46 13.27
C LEU B 145 17.67 9.45 14.76
N GLY B 146 16.75 8.94 15.58
CA GLY B 146 16.98 8.88 17.01
C GLY B 146 18.28 8.19 17.35
N ASN B 147 18.45 6.97 16.84
CA ASN B 147 19.68 6.21 17.03
C ASN B 147 20.89 7.00 16.56
N ARG B 148 20.77 7.67 15.42
CA ARG B 148 21.92 8.34 14.86
C ARG B 148 22.39 9.46 15.78
N ILE B 149 21.45 10.29 16.28
CA ILE B 149 21.79 11.40 17.16
C ILE B 149 22.49 10.88 18.43
N LEU B 150 21.93 9.84 19.04
CA LEU B 150 22.47 9.31 20.28
C LEU B 150 23.82 8.65 20.06
N SER B 151 23.95 7.85 19.01
CA SER B 151 25.19 7.13 18.82
C SER B 151 26.28 8.07 18.30
N LEU B 152 25.89 9.13 17.60
CA LEU B 152 26.86 10.14 17.24
C LEU B 152 27.36 10.89 18.49
N ALA B 153 26.45 11.31 19.39
CA ALA B 153 26.91 11.90 20.64
C ALA B 153 27.85 10.96 21.37
N SER B 154 27.57 9.65 21.33
CA SER B 154 28.43 8.67 22.01
C SER B 154 29.82 8.64 21.39
N VAL B 155 29.90 8.61 20.06
CA VAL B 155 31.20 8.59 19.38
C VAL B 155 31.97 9.88 19.61
N PHE B 156 31.26 11.02 19.63
CA PHE B 156 31.94 12.26 19.98
C PHE B 156 32.57 12.20 21.37
N LEU B 157 31.84 11.67 22.38
CA LEU B 157 32.44 11.51 23.70
C LEU B 157 33.69 10.67 23.59
N TYR B 158 33.60 9.56 22.82
CA TYR B 158 34.74 8.68 22.67
C TYR B 158 35.94 9.43 22.08
N ALA B 159 35.70 10.27 21.08
CA ALA B 159 36.75 11.12 20.55
C ALA B 159 37.39 12.01 21.62
N LEU B 160 36.55 12.63 22.46
CA LEU B 160 37.06 13.47 23.54
C LEU B 160 37.93 12.66 24.48
N LEU B 161 37.55 11.42 24.76
CA LEU B 161 38.30 10.59 25.68
C LEU B 161 39.60 10.05 25.11
N THR B 162 39.74 9.98 23.78
CA THR B 162 40.89 9.34 23.13
C THR B 162 41.69 10.34 22.29
N ASP B 163 41.46 11.62 22.50
CA ASP B 163 42.11 12.69 21.73
C ASP B 163 42.03 12.47 20.22
N ARG B 164 40.86 12.07 19.73
CA ARG B 164 40.70 11.90 18.29
C ARG B 164 39.84 13.00 17.68
N VAL B 165 39.97 13.15 16.35
CA VAL B 165 39.08 14.01 15.59
C VAL B 165 37.90 13.17 15.13
N LEU B 166 36.70 13.72 15.31
CA LEU B 166 35.45 13.10 14.89
C LEU B 166 35.13 13.54 13.47
N LEU B 167 34.92 12.59 12.57
CA LEU B 167 34.44 12.91 11.23
C LEU B 167 33.13 12.18 11.02
N VAL B 168 32.18 12.89 10.41
CA VAL B 168 30.79 12.46 10.27
C VAL B 168 30.52 12.07 8.81
N ASP B 169 30.24 10.80 8.58
CA ASP B 169 29.69 10.38 7.30
C ASP B 169 28.32 11.02 7.10
N ARG B 170 28.18 11.87 6.05
CA ARG B 170 26.95 12.65 5.97
C ARG B 170 25.74 11.84 5.52
N GLY B 171 25.93 10.59 5.04
CA GLY B 171 24.71 9.81 4.77
C GLY B 171 23.86 10.49 3.68
N LYS B 172 22.55 10.28 3.73
CA LYS B 172 21.64 10.94 2.79
C LYS B 172 21.28 12.35 3.21
N ASP B 173 21.40 12.67 4.50
CA ASP B 173 20.77 13.88 5.02
C ASP B 173 21.42 14.67 6.18
N MET B 174 22.55 14.21 6.73
CA MET B 174 23.04 14.83 7.96
C MET B 174 23.28 16.33 7.79
N ASP B 175 23.86 16.75 6.66
CA ASP B 175 24.04 18.18 6.49
C ASP B 175 22.77 18.92 6.04
N ASP B 176 21.70 18.21 5.70
CA ASP B 176 20.39 18.85 5.54
C ASP B 176 19.70 19.07 6.86
N LEU B 177 20.06 18.30 7.88
CA LEU B 177 19.38 18.38 9.17
C LEU B 177 20.08 19.27 10.17
N PHE B 178 21.43 19.20 10.22
CA PHE B 178 22.25 19.82 11.27
C PHE B 178 23.28 20.81 10.69
N CYS B 179 23.42 21.95 11.36
CA CYS B 179 24.49 22.91 11.15
C CYS B 179 25.84 22.32 11.54
N GLU B 180 26.91 23.10 11.24
CA GLU B 180 28.27 22.74 11.62
C GLU B 180 28.45 23.00 13.11
N PRO B 181 28.95 22.03 13.88
CA PRO B 181 29.06 22.25 15.34
C PRO B 181 30.41 22.85 15.78
N PHE B 182 31.46 22.75 14.94
CA PHE B 182 32.84 23.10 15.33
C PHE B 182 33.30 24.40 14.64
N LEU B 183 33.47 25.46 15.45
CA LEU B 183 33.71 26.80 14.92
C LEU B 183 34.87 26.84 13.93
N GLY B 184 34.54 27.18 12.68
CA GLY B 184 35.54 27.43 11.67
C GLY B 184 36.14 26.21 11.02
N MET B 185 35.50 25.05 11.15
CA MET B 185 35.87 23.91 10.34
C MET B 185 34.59 23.15 10.05
N SER B 186 34.69 22.16 9.18
CA SER B 186 33.57 21.26 8.93
C SER B 186 33.77 19.93 9.67
N TRP B 187 32.68 19.35 10.15
CA TRP B 187 32.73 18.02 10.78
C TRP B 187 32.45 16.89 9.79
N LEU B 188 31.95 17.23 8.58
CA LEU B 188 31.62 16.22 7.58
C LEU B 188 32.89 15.54 7.07
N LEU B 189 32.81 14.21 6.97
CA LEU B 189 33.80 13.45 6.21
C LEU B 189 33.77 13.87 4.74
N PRO B 190 34.91 14.20 4.13
CA PRO B 190 34.90 14.50 2.69
C PRO B 190 34.30 13.36 1.89
N LEU B 191 33.55 13.70 0.84
CA LEU B 191 32.96 12.67 -0.01
C LEU B 191 34.02 11.79 -0.69
N ASP B 192 35.22 12.31 -0.92
CA ASP B 192 36.28 11.50 -1.55
C ASP B 192 37.14 10.72 -0.54
N PHE B 193 36.79 10.70 0.75
CA PHE B 193 37.46 9.77 1.65
C PHE B 193 37.49 8.37 1.02
N PRO B 194 38.64 7.69 1.02
CA PRO B 194 38.77 6.46 0.20
C PRO B 194 37.97 5.26 0.66
N MET B 195 37.64 5.13 1.93
CA MET B 195 36.89 3.95 2.33
C MET B 195 35.38 4.15 2.29
N THR B 196 34.88 5.23 1.68
CA THR B 196 33.45 5.49 1.78
C THR B 196 32.63 4.34 1.19
N ASP B 197 33.04 3.85 0.00
CA ASP B 197 32.34 2.74 -0.67
C ASP B 197 32.30 1.47 0.18
N GLN B 198 33.14 1.35 1.20
CA GLN B 198 33.10 0.16 2.04
C GLN B 198 32.13 0.27 3.19
N PHE B 199 31.66 1.49 3.50
CA PHE B 199 30.87 1.70 4.73
C PHE B 199 29.68 0.74 4.83
N ASP B 200 28.97 0.55 3.70
CA ASP B 200 27.74 -0.26 3.71
C ASP B 200 28.07 -1.70 4.05
N GLY B 201 29.09 -2.25 3.40
CA GLY B 201 29.43 -3.64 3.63
C GLY B 201 30.10 -3.93 4.95
N LEU B 202 30.70 -2.94 5.61
CA LEU B 202 31.45 -3.24 6.85
C LEU B 202 30.56 -3.84 7.93
N ASN B 203 30.99 -4.97 8.47
CA ASN B 203 30.17 -5.73 9.41
C ASN B 203 31.10 -6.61 10.25
N GLN B 204 30.53 -7.57 10.98
CA GLN B 204 31.44 -8.33 11.85
C GLN B 204 32.35 -9.27 11.08
N GLU B 205 32.20 -9.38 9.76
CA GLU B 205 33.03 -10.24 8.95
C GLU B 205 34.01 -9.44 8.11
N SER B 206 34.13 -8.15 8.36
CA SER B 206 35.17 -7.42 7.64
C SER B 206 36.55 -7.79 8.20
N SER B 207 37.57 -7.75 7.34
CA SER B 207 38.85 -8.20 7.86
C SER B 207 39.42 -7.20 8.85
N ARG B 208 39.10 -5.92 8.70
CA ARG B 208 39.55 -4.89 9.64
C ARG B 208 38.56 -4.63 10.77
N CYS B 209 37.62 -5.55 10.99
CA CYS B 209 36.73 -5.47 12.14
C CYS B 209 37.49 -5.94 13.37
N TYR B 210 37.47 -5.16 14.46
CA TYR B 210 38.24 -5.54 15.65
C TYR B 210 37.75 -6.88 16.20
N GLY B 211 36.43 -7.08 16.35
CA GLY B 211 35.94 -8.39 16.76
C GLY B 211 36.41 -9.53 15.86
N TYR B 212 36.43 -9.32 14.54
CA TYR B 212 36.87 -10.37 13.61
C TYR B 212 38.34 -10.71 13.85
N MET B 213 39.12 -9.75 14.36
CA MET B 213 40.52 -9.98 14.69
C MET B 213 40.68 -10.68 16.03
N VAL B 214 39.87 -10.29 17.03
CA VAL B 214 39.90 -10.99 18.30
C VAL B 214 39.48 -12.44 18.14
N LYS B 215 38.69 -12.73 17.12
CA LYS B 215 38.24 -14.10 16.89
C LYS B 215 39.30 -14.94 16.20
N ASN B 216 39.64 -14.57 14.97
CA ASN B 216 40.72 -15.26 14.26
C ASN B 216 42.06 -15.21 15.00
N GLN B 217 42.13 -14.38 16.03
CA GLN B 217 43.35 -14.21 16.77
C GLN B 217 44.47 -13.61 15.94
N VAL B 218 44.11 -12.82 14.94
CA VAL B 218 45.13 -12.16 14.13
C VAL B 218 45.83 -11.02 14.88
N ILE B 219 45.43 -10.77 16.12
CA ILE B 219 45.95 -9.61 16.82
C ILE B 219 47.32 -9.89 17.42
N GLY B 223 53.49 -4.67 13.78
CA GLY B 223 53.26 -3.26 13.48
C GLY B 223 51.98 -2.72 14.07
N THR B 224 51.77 -1.42 13.97
CA THR B 224 50.48 -0.87 14.34
C THR B 224 49.65 -0.85 13.09
N LEU B 225 48.41 -1.27 13.20
CA LEU B 225 47.50 -1.22 12.07
C LEU B 225 47.22 0.20 11.68
N SER B 226 46.98 0.44 10.40
CA SER B 226 46.59 1.77 9.94
C SER B 226 45.13 2.11 10.29
N HIS B 227 44.24 1.13 10.35
CA HIS B 227 42.86 1.46 10.61
C HIS B 227 42.17 0.21 11.12
N LEU B 228 41.05 0.45 11.82
CA LEU B 228 40.28 -0.60 12.46
C LEU B 228 38.80 -0.26 12.29
N TYR B 229 37.96 -1.27 12.09
CA TYR B 229 36.51 -1.11 12.08
C TYR B 229 35.95 -1.68 13.38
N LEU B 230 35.13 -0.88 14.05
CA LEU B 230 34.53 -1.23 15.34
C LEU B 230 33.05 -1.48 15.12
N HIS B 231 32.63 -2.74 15.23
CA HIS B 231 31.24 -3.12 15.13
C HIS B 231 30.57 -2.97 16.50
N LEU B 232 29.71 -1.97 16.62
CA LEU B 232 29.01 -1.66 17.86
C LEU B 232 27.51 -1.50 17.57
N VAL B 233 27.01 -2.18 16.53
CA VAL B 233 25.56 -2.27 16.30
C VAL B 233 24.96 -3.24 17.33
N HIS B 234 23.64 -3.12 17.56
CA HIS B 234 23.00 -3.90 18.63
C HIS B 234 23.20 -5.41 18.47
N ASP B 235 23.47 -5.88 17.27
CA ASP B 235 23.65 -7.30 17.01
C ASP B 235 25.08 -7.75 17.21
N TYR B 236 25.92 -6.97 17.89
CA TYR B 236 27.31 -7.37 17.98
C TYR B 236 27.48 -8.47 19.04
N GLY B 237 28.66 -9.12 19.02
CA GLY B 237 28.96 -10.27 19.84
C GLY B 237 30.05 -10.00 20.87
N ASP B 238 30.39 -11.05 21.63
CA ASP B 238 31.35 -10.92 22.74
C ASP B 238 32.71 -10.36 22.31
N HIS B 239 33.10 -10.62 21.07
CA HIS B 239 34.39 -10.14 20.60
C HIS B 239 34.32 -8.67 20.22
N ASP B 240 33.26 -8.29 19.53
CA ASP B 240 32.93 -6.88 19.34
C ASP B 240 32.88 -6.14 20.68
N LYS B 241 32.28 -6.77 21.71
CA LYS B 241 32.04 -6.14 23.00
C LYS B 241 33.32 -5.91 23.79
N MET B 242 34.42 -6.54 23.37
CA MET B 242 35.73 -6.32 23.94
C MET B 242 36.18 -4.88 23.80
N PHE B 243 35.56 -4.13 22.89
CA PHE B 243 35.77 -2.69 22.84
C PHE B 243 35.62 -2.05 24.22
N PHE B 244 34.78 -2.61 25.06
CA PHE B 244 34.57 -1.96 26.33
C PHE B 244 35.55 -2.39 27.42
N CYS B 245 36.65 -3.02 27.06
CA CYS B 245 37.67 -3.37 28.05
C CYS B 245 38.91 -2.48 27.92
N GLU B 246 39.48 -2.15 29.08
CA GLU B 246 40.66 -1.29 29.20
C GLU B 246 41.85 -1.72 28.34
N GLY B 247 42.18 -3.02 28.35
CA GLY B 247 43.32 -3.48 27.56
C GLY B 247 43.07 -3.38 26.06
N ASP B 248 41.84 -3.67 25.63
CA ASP B 248 41.53 -3.47 24.21
C ASP B 248 41.62 -1.99 23.83
N GLN B 249 41.19 -1.08 24.73
CA GLN B 249 41.32 0.34 24.46
C GLN B 249 42.78 0.75 24.30
N THR B 250 43.68 0.19 25.11
CA THR B 250 45.10 0.53 24.95
C THR B 250 45.61 0.13 23.57
N PHE B 251 45.27 -1.08 23.10
CA PHE B 251 45.60 -1.46 21.74
C PHE B 251 44.92 -0.52 20.70
N ILE B 252 43.61 -0.34 20.82
CA ILE B 252 42.86 0.48 19.84
C ILE B 252 43.43 1.89 19.81
N GLY B 253 43.94 2.36 20.95
CA GLY B 253 44.39 3.73 21.08
C GLY B 253 45.58 4.08 20.23
N LYS B 254 46.30 3.08 19.73
CA LYS B 254 47.43 3.35 18.83
C LYS B 254 46.99 3.48 17.36
N VAL B 255 45.85 2.94 17.00
CA VAL B 255 45.42 2.96 15.61
C VAL B 255 44.99 4.36 15.18
N PRO B 256 45.60 4.93 14.13
CA PRO B 256 45.26 6.31 13.74
C PRO B 256 43.83 6.53 13.24
N TRP B 257 43.26 5.53 12.55
CA TRP B 257 41.91 5.66 11.98
C TRP B 257 40.99 4.62 12.56
N LEU B 258 39.91 5.07 13.22
CA LEU B 258 38.84 4.17 13.63
C LEU B 258 37.57 4.50 12.83
N ILE B 259 36.90 3.46 12.38
CA ILE B 259 35.60 3.59 11.75
C ILE B 259 34.57 2.90 12.63
N VAL B 260 33.48 3.58 12.94
CA VAL B 260 32.47 3.01 13.86
C VAL B 260 31.14 2.95 13.13
N LYS B 261 30.46 1.82 13.24
CA LYS B 261 29.04 1.70 12.93
C LYS B 261 28.36 1.34 14.25
N THR B 262 27.35 2.14 14.64
CA THR B 262 26.61 1.83 15.85
C THR B 262 25.23 2.45 15.76
N ASP B 263 24.29 1.82 16.44
CA ASP B 263 22.96 2.38 16.61
C ASP B 263 22.60 2.48 18.08
N ASN B 264 23.59 2.46 18.97
CA ASN B 264 23.30 2.48 20.39
C ASN B 264 23.92 3.68 21.10
N TYR B 265 23.25 4.13 22.16
CA TYR B 265 23.84 5.12 23.05
C TYR B 265 24.78 4.38 24.03
N PHE B 266 26.09 4.23 23.67
CA PHE B 266 26.99 3.39 24.47
C PHE B 266 27.74 4.16 25.57
N VAL B 267 27.37 5.41 25.81
CA VAL B 267 28.02 6.22 26.85
C VAL B 267 28.14 5.53 28.20
N PRO B 268 27.09 4.89 28.77
CA PRO B 268 27.23 4.45 30.18
C PRO B 268 28.35 3.47 30.39
N SER B 269 28.60 2.57 29.44
CA SER B 269 29.70 1.62 29.63
C SER B 269 31.07 2.28 29.58
N LEU B 270 31.20 3.45 28.97
CA LEU B 270 32.51 4.10 28.99
C LEU B 270 32.90 4.47 30.42
N TRP B 271 31.89 4.76 31.26
CA TRP B 271 32.13 5.08 32.66
C TRP B 271 32.70 3.91 33.46
N LEU B 272 32.61 2.68 32.96
CA LEU B 272 33.11 1.48 33.61
C LEU B 272 34.52 1.08 33.19
N ILE B 273 35.23 1.89 32.41
CA ILE B 273 36.54 1.59 31.84
C ILE B 273 37.57 2.43 32.58
N PRO B 274 38.55 1.80 33.25
CA PRO B 274 39.55 2.55 34.04
C PRO B 274 40.32 3.53 33.17
N GLY B 275 40.60 4.70 33.72
CA GLY B 275 41.17 5.69 32.84
C GLY B 275 40.08 6.57 32.24
N PHE B 276 39.14 6.01 31.48
CA PHE B 276 38.01 6.85 31.04
C PHE B 276 37.23 7.33 32.25
N ASP B 277 37.07 6.49 33.24
CA ASP B 277 36.35 6.85 34.43
C ASP B 277 36.81 8.13 35.11
N ASP B 278 38.11 8.28 35.30
CA ASP B 278 38.65 9.48 35.92
C ASP B 278 38.36 10.71 35.08
N GLU B 279 38.55 10.62 33.75
CA GLU B 279 38.28 11.77 32.91
C GLU B 279 36.80 12.15 32.92
N LEU B 280 35.90 11.17 32.73
CA LEU B 280 34.46 11.40 32.74
C LEU B 280 34.02 12.10 34.05
N ASN B 281 34.59 11.69 35.19
CA ASN B 281 34.27 12.32 36.48
C ASN B 281 34.60 13.80 36.47
N LYS B 282 35.73 14.17 35.88
CA LYS B 282 36.04 15.60 35.76
C LYS B 282 35.14 16.32 34.76
N LEU B 283 34.86 15.70 33.59
CA LEU B 283 34.05 16.36 32.56
C LEU B 283 32.61 16.63 33.04
N PHE B 284 32.02 15.70 33.80
CA PHE B 284 30.60 15.71 34.15
C PHE B 284 30.47 15.46 35.65
N PRO B 285 30.72 16.48 36.48
CA PRO B 285 30.51 16.28 37.93
C PRO B 285 29.07 15.90 38.23
N GLN B 286 28.11 16.44 37.47
CA GLN B 286 26.75 15.90 37.42
C GLN B 286 26.75 14.83 36.33
N LYS B 287 26.79 13.57 36.75
CA LYS B 287 27.10 12.50 35.81
C LYS B 287 26.01 12.33 34.76
N ALA B 288 24.76 12.65 35.07
CA ALA B 288 23.67 12.41 34.15
C ALA B 288 23.41 13.60 33.24
N THR B 289 24.42 14.42 32.98
CA THR B 289 24.27 15.50 32.04
C THR B 289 25.02 15.25 30.73
N VAL B 290 25.61 14.07 30.53
CA VAL B 290 26.42 13.81 29.31
C VAL B 290 25.68 14.20 28.04
N PHE B 291 24.55 13.55 27.80
CA PHE B 291 23.85 13.78 26.55
C PHE B 291 23.23 15.17 26.49
N HIS B 292 22.75 15.66 27.62
CA HIS B 292 22.24 17.04 27.64
C HIS B 292 23.30 18.06 27.23
N HIS B 293 24.54 17.94 27.73
CA HIS B 293 25.56 18.90 27.29
C HIS B 293 26.05 18.58 25.87
N LEU B 294 26.47 17.35 25.60
CA LEU B 294 27.06 17.07 24.28
C LEU B 294 26.03 17.16 23.17
N GLY B 295 24.78 16.79 23.46
CA GLY B 295 23.72 16.89 22.47
C GLY B 295 23.39 18.32 22.12
N ARG B 296 23.31 19.22 23.13
CA ARG B 296 23.05 20.62 22.80
C ARG B 296 24.26 21.26 22.16
N TYR B 297 25.46 20.75 22.45
CA TYR B 297 26.63 21.25 21.74
C TYR B 297 26.69 20.77 20.27
N LEU B 298 26.32 19.53 20.00
CA LEU B 298 26.56 19.00 18.66
C LEU B 298 25.44 19.27 17.66
N PHE B 299 24.20 19.39 18.12
CA PHE B 299 23.03 19.27 17.24
C PHE B 299 22.27 20.58 17.21
N HIS B 300 22.30 21.22 16.05
CA HIS B 300 21.69 22.53 15.84
C HIS B 300 20.91 22.36 14.55
N PRO B 301 19.59 22.48 14.55
CA PRO B 301 18.82 22.23 13.30
C PRO B 301 19.15 23.25 12.21
N THR B 302 19.25 22.80 10.98
CA THR B 302 19.40 23.74 9.86
C THR B 302 18.20 24.70 9.74
N ASN B 303 18.39 25.79 8.95
CA ASN B 303 17.34 26.82 8.83
C ASN B 303 16.02 26.25 8.31
N GLN B 304 16.08 25.32 7.39
CA GLN B 304 14.93 24.59 6.95
C GLN B 304 14.17 23.95 8.13
N VAL B 305 14.85 23.12 8.88
CA VAL B 305 14.24 22.41 10.01
C VAL B 305 13.83 23.41 11.08
N TRP B 306 14.67 24.42 11.33
CA TRP B 306 14.32 25.38 12.36
C TRP B 306 13.01 26.09 12.04
N GLY B 307 12.69 26.26 10.75
CA GLY B 307 11.43 26.90 10.39
C GLY B 307 10.22 26.04 10.72
N LEU B 308 10.33 24.71 10.55
CA LEU B 308 9.29 23.83 11.07
C LEU B 308 9.11 24.02 12.57
N VAL B 309 10.19 24.28 13.29
CA VAL B 309 10.06 24.43 14.73
C VAL B 309 9.36 25.75 15.05
N THR B 310 9.88 26.85 14.49
CA THR B 310 9.38 28.15 14.93
C THR B 310 7.93 28.35 14.48
N ARG B 311 7.60 27.86 13.29
CA ARG B 311 6.26 28.07 12.76
C ARG B 311 5.23 27.32 13.59
N TYR B 312 5.60 26.11 14.02
CA TYR B 312 4.64 25.31 14.73
C TYR B 312 4.50 25.85 16.14
N TYR B 313 5.63 26.23 16.74
CA TYR B 313 5.63 26.85 18.05
C TYR B 313 4.79 28.11 18.03
N GLU B 314 5.04 28.96 17.05
CA GLU B 314 4.31 30.19 17.00
C GLU B 314 2.84 30.02 16.75
N ALA B 315 2.47 29.15 15.85
CA ALA B 315 1.06 29.03 15.53
C ALA B 315 0.27 28.34 16.66
N TYR B 316 0.86 27.39 17.40
CA TYR B 316 0.03 26.51 18.23
C TYR B 316 0.39 26.45 19.70
N LEU B 317 1.62 26.78 20.09
CA LEU B 317 2.09 26.51 21.44
C LEU B 317 2.44 27.75 22.23
N SER B 318 2.62 28.91 21.58
CA SER B 318 3.28 30.01 22.26
C SER B 318 2.39 30.78 23.22
N HIS B 319 1.07 30.62 23.20
CA HIS B 319 0.29 31.34 24.18
C HIS B 319 0.00 30.57 25.46
N ALA B 320 0.38 29.29 25.53
CA ALA B 320 0.09 28.48 26.71
C ALA B 320 0.90 28.93 27.90
N ASP B 321 0.29 28.86 29.08
CA ASP B 321 1.08 29.05 30.28
C ASP B 321 1.99 27.86 30.57
N GLU B 322 1.60 26.67 30.15
CA GLU B 322 2.35 25.48 30.43
C GLU B 322 2.22 24.54 29.24
N LYS B 323 3.29 23.86 28.89
CA LYS B 323 3.25 22.86 27.84
C LYS B 323 3.58 21.46 28.30
N ILE B 324 2.76 20.52 27.88
CA ILE B 324 2.97 19.09 28.17
C ILE B 324 3.26 18.36 26.88
N GLY B 325 4.40 17.70 26.84
CA GLY B 325 4.76 16.82 25.71
C GLY B 325 4.39 15.38 26.02
N ILE B 326 3.77 14.71 25.06
CA ILE B 326 3.42 13.29 25.17
C ILE B 326 3.96 12.59 23.93
N GLN B 327 5.03 11.86 24.09
CA GLN B 327 5.75 11.24 22.98
C GLN B 327 5.32 9.78 22.87
N VAL B 328 4.50 9.46 21.87
CA VAL B 328 3.83 8.16 21.79
C VAL B 328 4.50 7.33 20.72
N ARG B 329 5.05 6.19 21.13
CA ARG B 329 5.59 5.22 20.20
C ARG B 329 5.08 3.86 20.63
N VAL B 330 4.46 3.13 19.73
CA VAL B 330 3.89 1.83 20.06
C VAL B 330 4.57 0.77 19.23
N PHE B 331 5.14 -0.22 19.89
CA PHE B 331 5.92 -1.24 19.21
C PHE B 331 5.02 -2.46 18.98
N ASP B 332 4.38 -2.48 17.81
CA ASP B 332 3.33 -3.44 17.47
C ASP B 332 3.25 -3.56 15.95
N GLU B 333 2.64 -4.66 15.50
CA GLU B 333 2.43 -4.89 14.08
C GLU B 333 1.24 -4.06 13.62
N ASP B 334 0.08 -4.30 14.22
CA ASP B 334 -1.09 -3.50 13.94
C ASP B 334 -0.69 -2.03 14.05
N PRO B 335 -1.11 -1.19 13.12
CA PRO B 335 -0.88 0.26 13.27
C PRO B 335 -1.70 0.92 14.38
N GLY B 336 -2.72 0.25 14.93
CA GLY B 336 -3.56 0.85 15.94
C GLY B 336 -4.66 1.77 15.42
N PRO B 337 -5.10 2.74 16.24
CA PRO B 337 -4.60 3.00 17.59
C PRO B 337 -5.13 1.96 18.60
N PHE B 338 -4.65 1.92 19.84
CA PHE B 338 -5.09 0.89 20.78
C PHE B 338 -5.69 1.53 22.01
N GLN B 339 -6.87 1.04 22.40
CA GLN B 339 -7.51 1.64 23.57
C GLN B 339 -6.68 1.40 24.81
N HIS B 340 -5.91 0.31 24.87
CA HIS B 340 -5.09 0.12 26.07
C HIS B 340 -4.01 1.19 26.17
N VAL B 341 -3.50 1.68 25.01
CA VAL B 341 -2.53 2.78 25.02
C VAL B 341 -3.21 4.09 25.36
N MET B 342 -4.42 4.36 24.80
CA MET B 342 -5.17 5.56 25.21
C MET B 342 -5.40 5.57 26.71
N ASP B 343 -5.77 4.42 27.29
CA ASP B 343 -6.03 4.32 28.72
C ASP B 343 -4.74 4.58 29.52
N GLN B 344 -3.63 4.00 29.08
CA GLN B 344 -2.32 4.28 29.70
C GLN B 344 -2.03 5.77 29.76
N ILE B 345 -2.35 6.51 28.69
CA ILE B 345 -1.98 7.93 28.63
C ILE B 345 -2.87 8.80 29.53
N SER B 346 -4.19 8.72 29.42
N SER B 346 -4.19 8.71 29.45
CA SER B 346 -5.07 9.42 30.35
CA SER B 346 -5.05 9.45 30.38
C SER B 346 -4.71 9.09 31.80
C SER B 346 -4.75 9.09 31.83
N SER B 347 -4.45 7.82 32.06
CA SER B 347 -4.19 7.41 33.44
C SER B 347 -2.89 8.02 33.97
N CYS B 348 -1.84 7.94 33.15
CA CYS B 348 -0.53 8.47 33.53
C CYS B 348 -0.62 9.98 33.75
N THR B 349 -1.18 10.72 32.78
CA THR B 349 -1.15 12.18 32.89
C THR B 349 -2.05 12.63 34.03
N GLN B 350 -3.09 11.85 34.34
CA GLN B 350 -3.98 12.32 35.38
C GLN B 350 -3.43 11.94 36.75
N LYS B 351 -3.01 10.67 36.91
CA LYS B 351 -2.44 10.23 38.18
C LYS B 351 -1.19 11.04 38.56
N GLU B 352 -0.48 11.63 37.59
CA GLU B 352 0.74 12.40 37.91
C GLU B 352 0.49 13.89 37.95
N LYS B 353 -0.79 14.33 37.81
CA LYS B 353 -1.18 15.75 37.83
C LYS B 353 -0.55 16.51 36.65
N LEU B 354 -0.31 15.81 35.53
CA LEU B 354 0.17 16.49 34.34
C LEU B 354 -0.99 17.11 33.57
N LEU B 355 -2.09 16.41 33.45
CA LEU B 355 -3.29 17.02 32.87
C LEU B 355 -4.46 16.85 33.82
N PRO B 356 -5.44 17.74 33.75
CA PRO B 356 -6.55 17.67 34.70
C PRO B 356 -7.55 16.60 34.30
N GLU B 357 -8.31 16.14 35.30
CA GLU B 357 -9.47 15.31 35.05
C GLU B 357 -10.58 16.14 34.45
N VAL B 358 -11.47 15.48 33.73
CA VAL B 358 -12.71 16.07 33.27
C VAL B 358 -13.82 15.46 34.10
N ASP B 359 -15.02 16.05 34.01
CA ASP B 359 -16.10 15.44 34.79
C ASP B 359 -17.46 15.73 34.18
N THR B 360 -18.42 15.01 34.71
CA THR B 360 -19.76 14.96 34.16
C THR B 360 -20.77 15.68 35.04
N LEU B 361 -20.31 16.49 35.99
CA LEU B 361 -21.27 17.21 36.84
C LEU B 361 -21.93 18.38 36.11
N VAL B 362 -23.23 18.53 36.32
CA VAL B 362 -23.94 19.68 35.76
C VAL B 362 -23.57 20.94 36.54
N GLU B 363 -23.70 20.89 37.87
CA GLU B 363 -23.39 22.03 38.72
C GLU B 363 -21.87 22.27 38.75
N ARG B 364 -21.45 23.43 38.29
CA ARG B 364 -20.03 23.75 38.20
C ARG B 364 -19.62 24.57 39.41
N SER B 365 -18.35 24.42 39.82
CA SER B 365 -17.82 25.16 40.95
C SER B 365 -17.28 26.51 40.53
N ARG B 366 -16.74 27.30 41.43
CA ARG B 366 -16.36 28.64 41.07
C ARG B 366 -14.86 28.77 40.88
N THR B 370 -8.29 33.82 36.87
CA THR B 370 -8.39 33.27 35.52
C THR B 370 -7.80 31.86 35.46
N PRO B 371 -8.15 31.13 34.41
CA PRO B 371 -7.66 29.76 34.22
C PRO B 371 -6.32 29.67 33.50
N LYS B 372 -5.45 28.74 33.92
CA LYS B 372 -4.22 28.51 33.22
C LYS B 372 -4.52 27.75 31.91
N HIS B 373 -3.81 28.14 30.86
CA HIS B 373 -3.90 27.43 29.59
C HIS B 373 -2.73 26.46 29.44
N LYS B 374 -3.04 25.20 29.25
N LYS B 374 -3.03 25.18 29.33
CA LYS B 374 -2.03 24.19 28.99
CA LYS B 374 -2.05 24.19 28.95
C LYS B 374 -2.18 23.71 27.55
C LYS B 374 -2.21 23.76 27.50
N ALA B 375 -1.08 23.68 26.83
CA ALA B 375 -1.01 23.09 25.50
C ALA B 375 -0.36 21.72 25.62
N VAL B 376 -1.03 20.72 25.08
CA VAL B 376 -0.57 19.34 25.03
C VAL B 376 -0.05 19.07 23.61
N LEU B 377 1.25 18.79 23.52
CA LEU B 377 1.94 18.51 22.27
C LEU B 377 2.10 17.02 22.20
N VAL B 378 1.41 16.39 21.26
CA VAL B 378 1.44 14.95 21.10
C VAL B 378 2.21 14.60 19.86
N THR B 379 3.19 13.68 19.96
CA THR B 379 3.82 13.12 18.76
C THR B 379 3.51 11.63 18.70
N SER B 380 3.21 11.15 17.48
CA SER B 380 2.87 9.75 17.26
C SER B 380 2.79 9.56 15.76
N LEU B 381 3.02 8.33 15.32
CA LEU B 381 2.74 8.03 13.93
C LEU B 381 1.23 8.07 13.64
N ASN B 382 0.42 7.62 14.58
CA ASN B 382 -1.03 7.59 14.47
C ASN B 382 -1.66 8.76 15.24
N ALA B 383 -2.66 9.40 14.62
CA ALA B 383 -3.36 10.55 15.18
C ALA B 383 -4.38 10.21 16.25
N GLY B 384 -4.66 8.91 16.48
CA GLY B 384 -5.79 8.55 17.31
C GLY B 384 -5.62 8.90 18.76
N TYR B 385 -4.38 8.85 19.30
CA TYR B 385 -4.22 9.17 20.71
C TYR B 385 -4.47 10.66 20.96
N ALA B 386 -3.91 11.53 20.11
CA ALA B 386 -4.19 12.95 20.26
C ALA B 386 -5.68 13.25 20.03
N GLU B 387 -6.30 12.55 19.08
CA GLU B 387 -7.74 12.77 18.79
C GLU B 387 -8.60 12.40 19.99
N ASN B 388 -8.19 11.36 20.71
CA ASN B 388 -8.92 10.92 21.89
C ASN B 388 -8.81 11.97 22.99
N LEU B 389 -7.59 12.46 23.26
CA LEU B 389 -7.44 13.52 24.23
C LEU B 389 -8.18 14.78 23.80
N LYS B 390 -7.99 15.19 22.55
CA LYS B 390 -8.68 16.38 22.05
C LYS B 390 -10.20 16.26 22.25
N SER B 391 -10.80 15.14 21.88
CA SER B 391 -12.26 14.96 22.06
C SER B 391 -12.69 15.10 23.50
N MET B 392 -11.97 14.42 24.39
CA MET B 392 -12.36 14.42 25.80
C MET B 392 -12.33 15.84 26.36
N TYR B 393 -11.28 16.62 26.04
CA TYR B 393 -11.22 17.99 26.52
C TYR B 393 -12.14 18.94 25.76
N TRP B 394 -12.57 18.57 24.58
CA TRP B 394 -13.66 19.32 23.99
C TRP B 394 -15.01 18.96 24.65
N GLU B 395 -15.30 17.67 24.82
CA GLU B 395 -16.64 17.27 25.21
C GLU B 395 -16.97 17.52 26.67
N TYR B 396 -15.98 17.67 27.55
CA TYR B 396 -16.30 17.76 28.97
C TYR B 396 -15.50 18.88 29.60
N PRO B 397 -16.08 19.57 30.58
CA PRO B 397 -15.33 20.60 31.31
C PRO B 397 -14.27 19.95 32.17
N THR B 398 -13.21 20.71 32.44
CA THR B 398 -12.14 20.23 33.29
C THR B 398 -12.52 20.45 34.76
N SER B 399 -12.14 19.49 35.59
CA SER B 399 -12.35 19.62 37.04
C SER B 399 -11.64 20.83 37.65
N THR B 400 -10.58 21.34 37.03
CA THR B 400 -9.83 22.44 37.59
C THR B 400 -10.22 23.78 37.01
N GLY B 401 -10.99 23.79 35.92
CA GLY B 401 -11.20 25.01 35.18
C GLY B 401 -10.11 25.34 34.18
N GLU B 402 -9.03 24.57 34.17
CA GLU B 402 -7.93 24.81 33.23
C GLU B 402 -8.39 24.65 31.78
N ILE B 403 -7.83 25.47 30.92
CA ILE B 403 -8.01 25.41 29.46
C ILE B 403 -6.98 24.46 28.83
N ILE B 404 -7.46 23.38 28.21
CA ILE B 404 -6.61 22.36 27.59
C ILE B 404 -6.76 22.42 26.08
N GLY B 405 -5.64 22.63 25.38
CA GLY B 405 -5.57 22.45 23.94
C GLY B 405 -4.65 21.29 23.60
N VAL B 406 -5.02 20.49 22.61
CA VAL B 406 -4.28 19.31 22.20
C VAL B 406 -3.80 19.53 20.76
N HIS B 407 -2.51 19.31 20.50
CA HIS B 407 -1.91 19.55 19.19
C HIS B 407 -0.99 18.43 18.76
N GLN B 408 -1.14 17.95 17.53
CA GLN B 408 -0.27 16.91 16.97
C GLN B 408 0.31 17.40 15.65
N PRO B 409 1.65 17.42 15.47
CA PRO B 409 2.20 18.01 14.23
C PRO B 409 1.95 17.17 13.01
N SER B 410 2.01 15.84 13.12
CA SER B 410 1.93 15.03 11.91
C SER B 410 1.39 13.65 12.24
N GLN B 411 0.98 12.96 11.20
CA GLN B 411 0.61 11.58 11.25
C GLN B 411 1.07 10.91 9.98
N GLU B 412 1.24 9.59 10.04
CA GLU B 412 1.57 8.83 8.86
C GLU B 412 0.49 9.06 7.81
N MET B 421 10.44 15.47 3.39
CA MET B 421 10.46 16.17 4.67
C MET B 421 10.22 15.21 5.85
N HIS B 422 10.48 13.88 5.68
CA HIS B 422 10.19 12.96 6.77
C HIS B 422 11.18 13.17 7.93
N ASN B 423 12.49 13.16 7.62
CA ASN B 423 13.47 13.30 8.68
C ASN B 423 13.53 14.75 9.20
N GLY B 424 13.41 15.75 8.31
CA GLY B 424 13.25 17.12 8.78
C GLY B 424 12.14 17.25 9.81
N LYS B 425 10.98 16.67 9.53
CA LYS B 425 9.84 16.77 10.45
C LYS B 425 10.11 15.99 11.76
N ALA B 426 10.70 14.81 11.64
CA ALA B 426 11.09 14.01 12.78
C ALA B 426 11.97 14.83 13.72
N LEU B 427 12.97 15.52 13.18
CA LEU B 427 13.88 16.33 13.99
C LEU B 427 13.16 17.52 14.62
N ALA B 428 12.33 18.22 13.81
CA ALA B 428 11.53 19.31 14.37
C ALA B 428 10.61 18.83 15.51
N GLU B 429 9.98 17.66 15.38
CA GLU B 429 9.08 17.18 16.43
C GLU B 429 9.84 16.82 17.71
N MET B 430 11.01 16.16 17.57
CA MET B 430 11.90 15.95 18.69
C MET B 430 12.26 17.27 19.35
N TYR B 431 12.37 18.29 18.52
N TYR B 431 12.54 18.32 18.57
CA TYR B 431 12.84 19.57 18.99
CA TYR B 431 12.83 19.62 19.14
C TYR B 431 11.74 20.35 19.69
C TYR B 431 11.63 20.18 19.85
N LEU B 432 10.53 20.21 19.17
CA LEU B 432 9.34 20.77 19.80
C LEU B 432 9.06 20.08 21.15
N LEU B 433 9.14 18.76 21.20
CA LEU B 433 8.95 18.06 22.47
C LEU B 433 9.99 18.56 23.48
N SER B 434 11.21 18.87 23.01
CA SER B 434 12.21 19.34 23.95
C SER B 434 11.87 20.72 24.45
N LEU B 435 10.91 21.39 23.82
CA LEU B 435 10.47 22.70 24.27
C LEU B 435 9.41 22.65 25.37
N THR B 436 9.00 21.48 25.85
CA THR B 436 7.89 21.55 26.77
C THR B 436 8.41 21.63 28.19
N ASP B 437 7.48 21.85 29.13
CA ASP B 437 7.75 21.98 30.56
C ASP B 437 7.80 20.65 31.26
N ASN B 438 6.92 19.73 30.88
CA ASN B 438 6.93 18.37 31.40
C ASN B 438 6.71 17.41 30.23
N LEU B 439 7.34 16.25 30.26
CA LEU B 439 7.38 15.35 29.11
C LEU B 439 7.06 13.91 29.52
N VAL B 440 6.14 13.33 28.82
CA VAL B 440 5.87 11.90 28.85
C VAL B 440 6.48 11.24 27.63
N THR B 441 7.16 10.11 27.81
CA THR B 441 7.83 9.42 26.72
C THR B 441 7.37 7.97 26.71
N SER B 442 7.73 7.27 25.64
CA SER B 442 7.37 5.88 25.49
C SER B 442 8.59 5.01 25.79
N ALA B 443 8.38 3.94 26.59
CA ALA B 443 9.44 2.95 26.84
C ALA B 443 10.10 2.57 25.53
N TRP B 444 11.42 2.41 25.55
CA TRP B 444 12.25 1.90 24.46
C TRP B 444 12.51 2.91 23.34
N SER B 445 11.90 4.09 23.34
CA SER B 445 11.90 4.99 22.19
C SER B 445 13.08 5.95 22.22
N THR B 446 14.00 5.82 21.26
CA THR B 446 15.14 6.76 21.23
C THR B 446 14.70 8.12 20.74
N PHE B 447 13.56 8.19 20.05
CA PHE B 447 12.93 9.46 19.71
C PHE B 447 12.66 10.28 20.99
N GLY B 448 12.08 9.65 21.98
CA GLY B 448 11.87 10.34 23.25
C GLY B 448 13.17 10.65 24.00
N TYR B 449 14.18 9.76 23.93
CA TYR B 449 15.46 10.06 24.63
C TYR B 449 16.09 11.33 24.09
N VAL B 450 16.05 11.52 22.78
CA VAL B 450 16.61 12.74 22.21
C VAL B 450 15.84 13.97 22.72
N ALA B 451 14.50 13.92 22.70
CA ALA B 451 13.69 15.06 23.12
C ALA B 451 13.99 15.43 24.56
N GLN B 452 13.97 14.42 25.45
CA GLN B 452 14.19 14.70 26.87
C GLN B 452 15.59 15.27 27.09
N GLY B 453 16.60 14.69 26.42
CA GLY B 453 17.97 15.11 26.69
C GLY B 453 18.27 16.52 26.22
N LEU B 454 17.77 16.87 25.04
CA LEU B 454 17.98 18.21 24.54
C LEU B 454 17.26 19.20 25.42
N GLY B 455 16.11 18.80 25.98
CA GLY B 455 15.30 19.65 26.80
C GLY B 455 15.72 19.69 28.24
N GLY B 456 16.63 18.82 28.65
CA GLY B 456 16.97 18.79 30.04
C GLY B 456 15.81 18.33 30.88
N LEU B 457 14.99 17.45 30.32
CA LEU B 457 13.72 17.06 30.88
C LEU B 457 13.87 15.66 31.44
N LYS B 458 13.54 15.46 32.72
CA LYS B 458 13.46 14.10 33.27
C LYS B 458 12.03 13.63 33.06
N PRO B 459 11.81 12.64 32.19
CA PRO B 459 10.43 12.36 31.77
C PRO B 459 9.66 11.46 32.73
N TRP B 460 8.34 11.39 32.46
CA TRP B 460 7.52 10.28 32.91
C TRP B 460 7.47 9.29 31.75
N ILE B 461 7.77 8.04 32.04
CA ILE B 461 7.92 6.99 31.04
C ILE B 461 6.68 6.11 31.04
N LEU B 462 6.01 6.02 29.89
CA LEU B 462 4.92 5.08 29.68
C LEU B 462 5.53 3.71 29.44
N TYR B 463 5.33 2.79 30.39
CA TYR B 463 6.02 1.52 30.31
C TYR B 463 5.51 0.71 29.16
N ARG B 464 6.32 -0.19 28.63
CA ARG B 464 5.91 -1.00 27.49
C ARG B 464 4.82 -2.01 27.88
N PRO B 465 3.67 -1.95 27.22
CA PRO B 465 2.59 -2.90 27.52
C PRO B 465 2.92 -4.31 27.02
N GLU B 466 2.31 -5.28 27.67
CA GLU B 466 2.31 -6.66 27.21
C GLU B 466 0.90 -7.14 26.93
N ASN B 467 0.74 -7.99 25.94
CA ASN B 467 -0.56 -8.66 25.77
C ASN B 467 -1.66 -7.59 25.71
N ARG B 468 -1.36 -6.50 25.00
CA ARG B 468 -2.26 -5.38 24.80
C ARG B 468 -3.04 -4.99 26.05
N THR B 469 -2.37 -4.99 27.21
CA THR B 469 -2.96 -4.65 28.50
C THR B 469 -2.34 -3.36 29.03
N THR B 470 -3.18 -2.40 29.46
CA THR B 470 -2.66 -1.18 30.05
C THR B 470 -1.76 -1.50 31.25
N PRO B 471 -0.48 -1.10 31.21
CA PRO B 471 0.41 -1.35 32.35
C PRO B 471 -0.11 -0.70 33.63
N ASP B 472 0.15 -1.39 34.73
CA ASP B 472 -0.20 -0.81 36.00
C ASP B 472 0.97 -0.94 37.01
N PRO B 473 1.48 0.18 37.53
CA PRO B 473 1.14 1.59 37.21
C PRO B 473 1.40 1.97 35.73
N SER B 474 0.64 2.93 35.22
CA SER B 474 0.70 3.24 33.78
C SER B 474 2.07 3.81 33.37
N CYS B 475 2.71 4.58 34.25
CA CYS B 475 3.96 5.27 33.97
C CYS B 475 4.66 5.56 35.29
N GLY B 476 5.96 5.81 35.21
CA GLY B 476 6.70 6.30 36.35
C GLY B 476 7.72 7.34 35.93
N ARG B 477 8.11 8.18 36.90
CA ARG B 477 9.16 9.14 36.63
C ARG B 477 10.45 8.40 36.29
N ALA B 478 11.17 8.89 35.25
CA ALA B 478 12.51 8.42 34.96
C ALA B 478 13.46 8.70 36.15
N MET B 479 14.50 7.87 36.29
CA MET B 479 15.57 8.21 37.22
C MET B 479 16.31 9.46 36.79
N SER B 480 16.51 9.66 35.49
CA SER B 480 17.24 10.86 35.05
C SER B 480 16.87 11.15 33.61
N MET B 481 17.33 12.32 33.15
CA MET B 481 17.13 12.75 31.78
C MET B 481 17.96 11.95 30.76
N GLU B 482 18.90 11.08 31.20
CA GLU B 482 19.80 10.42 30.23
C GLU B 482 19.06 9.39 29.37
N PRO B 483 19.50 9.20 28.13
CA PRO B 483 19.10 8.05 27.34
C PRO B 483 19.53 6.75 27.98
N CYS B 484 18.98 5.67 27.45
CA CYS B 484 19.31 4.32 27.84
C CYS B 484 20.16 3.65 26.76
N PHE B 485 21.15 2.86 27.22
CA PHE B 485 21.98 2.02 26.35
C PHE B 485 21.29 0.66 26.24
N HIS B 486 20.72 0.34 25.07
CA HIS B 486 19.92 -0.88 24.93
C HIS B 486 20.75 -2.19 24.90
N SER B 487 22.00 -2.18 24.43
CA SER B 487 22.78 -3.40 24.24
C SER B 487 24.14 -3.35 24.95
N PRO B 488 24.15 -3.25 26.28
CA PRO B 488 25.44 -3.18 26.97
C PRO B 488 26.16 -4.51 26.96
N PRO B 489 27.48 -4.50 27.04
CA PRO B 489 28.20 -5.73 27.40
C PRO B 489 27.88 -6.07 28.85
N PHE B 490 27.94 -7.36 29.18
CA PHE B 490 27.77 -7.84 30.55
C PHE B 490 29.02 -8.64 30.98
N TYR B 491 30.17 -7.98 31.05
CA TYR B 491 31.45 -8.69 31.08
C TYR B 491 32.44 -7.98 31.98
N ASP B 492 33.03 -8.73 32.92
CA ASP B 492 34.11 -8.27 33.81
C ASP B 492 35.42 -8.51 33.08
N CYS B 493 36.07 -7.44 32.63
CA CYS B 493 37.27 -7.57 31.83
C CYS B 493 38.42 -8.19 32.63
N LYS B 494 38.44 -7.96 33.94
CA LYS B 494 39.56 -8.43 34.71
C LYS B 494 39.40 -9.90 35.05
N ALA B 495 38.29 -10.28 35.65
CA ALA B 495 38.07 -11.65 35.98
C ALA B 495 37.80 -12.50 34.77
N LYS B 496 37.72 -11.86 33.61
CA LYS B 496 37.47 -12.54 32.35
C LYS B 496 36.26 -13.46 32.47
N THR B 497 35.12 -12.89 32.90
CA THR B 497 33.93 -13.67 33.07
C THR B 497 32.73 -12.74 33.06
N GLY B 498 31.55 -13.28 32.83
CA GLY B 498 30.36 -12.44 32.75
C GLY B 498 30.02 -11.82 34.10
N ILE B 499 29.34 -10.66 34.07
CA ILE B 499 28.89 -9.97 35.28
C ILE B 499 27.76 -9.01 34.91
N ASP B 500 26.96 -8.60 35.91
CA ASP B 500 25.86 -7.65 35.72
C ASP B 500 26.41 -6.23 35.87
N THR B 501 26.66 -5.58 34.73
CA THR B 501 27.32 -4.29 34.74
C THR B 501 26.39 -3.20 35.24
N GLY B 502 25.09 -3.51 35.40
CA GLY B 502 24.20 -2.62 36.12
C GLY B 502 24.24 -2.69 37.62
N THR B 503 25.21 -3.39 38.20
CA THR B 503 25.28 -3.41 39.67
C THR B 503 26.67 -3.10 40.23
N LEU B 504 27.55 -2.49 39.44
CA LEU B 504 28.92 -2.25 39.85
C LEU B 504 29.07 -0.96 40.63
N VAL B 505 28.45 0.12 40.14
CA VAL B 505 28.58 1.45 40.73
C VAL B 505 27.18 2.05 40.84
N PRO B 506 26.98 3.01 41.75
CA PRO B 506 25.62 3.57 41.94
C PRO B 506 25.14 4.48 40.80
N HIS B 507 26.02 4.95 39.90
CA HIS B 507 25.61 5.94 38.89
C HIS B 507 25.35 5.33 37.54
N VAL B 508 25.51 4.03 37.42
CA VAL B 508 25.20 3.31 36.23
C VAL B 508 24.19 2.25 36.61
N ARG B 509 22.93 2.45 36.25
CA ARG B 509 21.91 1.53 36.70
C ARG B 509 21.10 0.98 35.55
N HIS B 510 20.38 -0.09 35.83
CA HIS B 510 19.47 -0.62 34.84
C HIS B 510 18.37 0.38 34.51
N CYS B 511 18.04 0.48 33.20
CA CYS B 511 17.05 1.44 32.75
C CYS B 511 15.65 1.12 33.30
N GLU B 512 14.83 2.16 33.45
CA GLU B 512 13.43 2.00 33.85
C GLU B 512 12.62 1.24 32.81
N ASP B 513 12.91 1.42 31.51
CA ASP B 513 11.99 0.99 30.48
C ASP B 513 12.38 -0.30 29.81
N ILE B 514 13.64 -0.68 29.88
CA ILE B 514 14.19 -1.87 29.25
C ILE B 514 15.20 -2.41 30.28
N SER B 515 14.83 -3.51 30.94
CA SER B 515 15.50 -3.90 32.18
C SER B 515 16.96 -4.34 32.00
N TRP B 516 17.39 -4.76 30.81
CA TRP B 516 18.82 -5.06 30.62
C TRP B 516 19.62 -3.90 30.03
N GLY B 517 19.04 -2.72 29.89
CA GLY B 517 19.80 -1.56 29.49
C GLY B 517 20.52 -0.91 30.66
N LEU B 518 21.41 0.01 30.32
CA LEU B 518 22.12 0.81 31.30
C LEU B 518 21.86 2.28 31.04
N LYS B 519 21.81 3.06 32.10
CA LYS B 519 21.83 4.50 31.98
C LYS B 519 22.52 5.12 33.18
N LEU B 520 23.00 6.34 32.96
CA LEU B 520 23.62 7.17 33.98
C LEU B 520 22.57 7.84 34.83
N VAL B 521 22.84 7.90 36.14
CA VAL B 521 21.94 8.56 37.05
C VAL B 521 22.70 9.47 38.01
N SER C 57 -20.78 4.39 -16.77
CA SER C 57 -19.57 4.45 -15.93
C SER C 57 -18.54 3.40 -16.38
N ASP C 58 -17.27 3.57 -15.95
CA ASP C 58 -16.27 2.53 -16.16
C ASP C 58 -16.61 1.26 -15.35
N LYS C 59 -16.84 1.41 -14.03
CA LYS C 59 -17.18 0.24 -13.22
C LYS C 59 -18.53 -0.37 -13.61
N LEU C 60 -19.42 0.40 -14.24
CA LEU C 60 -20.75 -0.06 -14.62
C LEU C 60 -20.82 -0.46 -16.07
N LEU C 61 -19.66 -0.59 -16.70
CA LEU C 61 -19.54 -1.01 -18.10
C LEU C 61 -20.47 -0.18 -18.97
N GLY C 62 -20.48 1.12 -18.71
CA GLY C 62 -21.23 1.99 -19.57
C GLY C 62 -22.70 1.95 -19.28
N GLY C 63 -23.07 1.51 -18.09
CA GLY C 63 -24.44 1.38 -17.68
C GLY C 63 -25.01 0.00 -17.90
N LEU C 64 -24.23 -0.94 -18.46
CA LEU C 64 -24.71 -2.31 -18.53
C LEU C 64 -25.05 -2.83 -17.14
N LEU C 65 -24.19 -2.57 -16.14
CA LEU C 65 -24.39 -3.09 -14.80
C LEU C 65 -25.15 -2.06 -13.98
N ALA C 66 -25.88 -2.56 -13.01
CA ALA C 66 -26.58 -1.68 -12.06
C ALA C 66 -25.62 -1.36 -10.92
N SER C 67 -25.75 -0.14 -10.39
CA SER C 67 -25.07 0.22 -9.14
C SER C 67 -25.84 -0.35 -7.98
N GLY C 68 -25.15 -0.52 -6.85
CA GLY C 68 -25.86 -0.78 -5.62
C GLY C 68 -25.70 -2.16 -5.03
N PHE C 69 -24.94 -3.04 -5.69
CA PHE C 69 -24.56 -4.32 -5.12
C PHE C 69 -23.58 -4.13 -3.96
N ASP C 70 -23.67 -5.03 -3.01
CA ASP C 70 -22.67 -5.18 -1.97
C ASP C 70 -21.30 -5.55 -2.58
N GLU C 71 -20.27 -4.73 -2.30
CA GLU C 71 -18.94 -4.98 -2.87
C GLU C 71 -18.25 -6.21 -2.26
N ASP C 72 -18.26 -6.35 -0.95
CA ASP C 72 -17.55 -7.45 -0.29
C ASP C 72 -18.00 -8.83 -0.78
N SER C 73 -19.27 -9.00 -1.01
CA SER C 73 -19.76 -10.33 -1.35
C SER C 73 -19.40 -10.75 -2.78
N CYS C 74 -18.98 -9.82 -3.64
CA CYS C 74 -18.56 -10.15 -5.01
C CYS C 74 -17.57 -9.09 -5.44
N LEU C 75 -16.29 -9.31 -5.11
CA LEU C 75 -15.27 -8.30 -5.43
C LEU C 75 -15.14 -8.06 -6.93
N SER C 76 -15.15 -9.12 -7.72
CA SER C 76 -14.92 -8.98 -9.17
C SER C 76 -15.88 -7.99 -9.81
N ARG C 77 -17.13 -7.99 -9.37
CA ARG C 77 -18.20 -7.22 -10.00
C ARG C 77 -17.80 -5.82 -10.45
N TYR C 78 -17.32 -5.04 -9.52
CA TYR C 78 -16.87 -3.70 -9.85
C TYR C 78 -15.34 -3.55 -9.87
N GLN C 79 -14.57 -4.40 -9.16
CA GLN C 79 -13.10 -4.38 -9.20
C GLN C 79 -12.52 -4.76 -10.57
N SER C 80 -13.29 -5.48 -11.38
CA SER C 80 -12.79 -5.98 -12.66
C SER C 80 -12.19 -4.89 -13.56
N VAL C 81 -12.63 -3.66 -13.36
CA VAL C 81 -12.19 -2.53 -14.18
C VAL C 81 -10.69 -2.26 -14.02
N HIS C 82 -10.12 -2.56 -12.86
CA HIS C 82 -8.68 -2.37 -12.71
C HIS C 82 -7.88 -3.37 -13.52
N TYR C 83 -8.48 -4.43 -14.01
CA TYR C 83 -7.72 -5.50 -14.66
C TYR C 83 -7.91 -5.63 -16.15
N ARG C 84 -8.88 -4.93 -16.71
CA ARG C 84 -9.14 -5.05 -18.13
C ARG C 84 -9.22 -3.68 -18.76
N LYS C 85 -8.95 -3.61 -20.04
CA LYS C 85 -9.16 -2.40 -20.79
C LYS C 85 -10.64 -2.25 -21.03
N PRO C 86 -11.12 -1.02 -21.10
CA PRO C 86 -12.54 -0.78 -21.30
C PRO C 86 -12.93 -1.24 -22.70
N SER C 87 -14.10 -1.84 -22.81
CA SER C 87 -14.53 -2.39 -24.08
C SER C 87 -14.85 -1.25 -25.03
N PRO C 88 -14.49 -1.36 -26.31
CA PRO C 88 -14.96 -0.38 -27.30
C PRO C 88 -16.43 -0.56 -27.69
N TYR C 89 -17.13 -1.55 -27.16
CA TYR C 89 -18.48 -1.83 -27.65
C TYR C 89 -19.42 -1.34 -26.57
N LYS C 90 -20.21 -0.25 -26.90
CA LYS C 90 -21.09 0.25 -25.85
C LYS C 90 -22.44 -0.44 -25.94
N PRO C 91 -23.02 -0.81 -24.82
CA PRO C 91 -24.39 -1.34 -24.85
C PRO C 91 -25.40 -0.26 -25.22
N SER C 92 -26.34 -0.60 -26.10
CA SER C 92 -27.38 0.36 -26.49
C SER C 92 -28.24 0.80 -25.29
N SER C 93 -28.79 2.01 -25.38
CA SER C 93 -29.74 2.47 -24.38
C SER C 93 -30.97 1.56 -24.29
N TYR C 94 -31.38 0.99 -25.40
CA TYR C 94 -32.52 0.11 -25.38
C TYR C 94 -32.20 -1.17 -24.60
N LEU C 95 -30.99 -1.74 -24.81
CA LEU C 95 -30.55 -2.90 -24.02
C LEU C 95 -30.49 -2.56 -22.53
N ILE C 96 -29.92 -1.43 -22.18
CA ILE C 96 -29.83 -1.06 -20.77
C ILE C 96 -31.22 -0.93 -20.13
N SER C 97 -32.21 -0.33 -20.84
CA SER C 97 -33.59 -0.28 -20.32
C SER C 97 -34.19 -1.67 -20.18
N LYS C 98 -34.01 -2.51 -21.19
CA LYS C 98 -34.52 -3.88 -21.10
C LYS C 98 -33.95 -4.59 -19.89
N LEU C 99 -32.65 -4.37 -19.57
CA LEU C 99 -32.06 -5.02 -18.38
C LEU C 99 -32.57 -4.40 -17.08
N ARG C 100 -32.67 -3.08 -17.00
CA ARG C 100 -33.22 -2.52 -15.76
C ARG C 100 -34.67 -3.00 -15.57
N ASN C 101 -35.39 -3.16 -16.68
CA ASN C 101 -36.77 -3.65 -16.59
C ASN C 101 -36.80 -5.13 -16.23
N TYR C 102 -35.89 -5.92 -16.80
CA TYR C 102 -35.84 -7.29 -16.38
C TYR C 102 -35.68 -7.36 -14.86
N GLU C 103 -34.77 -6.58 -14.29
CA GLU C 103 -34.54 -6.66 -12.84
C GLU C 103 -35.81 -6.37 -12.06
N LYS C 104 -36.64 -5.42 -12.54
CA LYS C 104 -37.92 -5.16 -11.86
C LYS C 104 -38.84 -6.37 -11.93
N LEU C 105 -38.90 -7.03 -13.09
CA LEU C 105 -39.67 -8.26 -13.24
C LEU C 105 -39.14 -9.34 -12.32
N HIS C 106 -37.81 -9.49 -12.25
CA HIS C 106 -37.26 -10.57 -11.47
C HIS C 106 -37.53 -10.32 -9.98
N LYS C 107 -37.54 -9.04 -9.56
CA LYS C 107 -37.83 -8.75 -8.14
C LYS C 107 -39.28 -9.07 -7.77
N ARG C 108 -40.21 -8.87 -8.70
CA ARG C 108 -41.61 -9.18 -8.41
C ARG C 108 -41.92 -10.67 -8.46
N CYS C 109 -41.30 -11.42 -9.40
CA CYS C 109 -41.65 -12.82 -9.63
C CYS C 109 -40.59 -13.81 -9.18
N GLY C 110 -39.46 -13.35 -8.67
CA GLY C 110 -38.33 -14.22 -8.43
C GLY C 110 -38.50 -15.22 -7.28
N PRO C 111 -37.49 -16.05 -7.10
CA PRO C 111 -37.57 -17.13 -6.11
C PRO C 111 -37.88 -16.58 -4.73
N GLY C 112 -38.68 -17.34 -3.97
CA GLY C 112 -39.08 -16.96 -2.62
C GLY C 112 -40.15 -15.88 -2.52
N THR C 113 -40.53 -15.19 -3.62
CA THR C 113 -41.58 -14.17 -3.53
C THR C 113 -42.98 -14.80 -3.39
N GLU C 114 -43.94 -13.99 -2.96
CA GLU C 114 -45.30 -14.51 -2.89
C GLU C 114 -45.82 -14.80 -4.33
N SER C 115 -45.43 -14.00 -5.33
CA SER C 115 -45.88 -14.35 -6.70
C SER C 115 -45.26 -15.67 -7.20
N TYR C 116 -43.99 -15.94 -6.88
CA TYR C 116 -43.42 -17.24 -7.22
C TYR C 116 -44.16 -18.40 -6.53
N LYS C 117 -44.44 -18.27 -5.21
CA LYS C 117 -45.08 -19.36 -4.46
C LYS C 117 -46.46 -19.66 -5.04
N LYS C 118 -47.15 -18.61 -5.43
CA LYS C 118 -48.42 -18.79 -6.11
C LYS C 118 -48.22 -19.47 -7.48
N ALA C 119 -47.28 -18.97 -8.28
CA ALA C 119 -47.07 -19.55 -9.61
C ALA C 119 -46.77 -21.04 -9.54
N LEU C 120 -46.08 -21.48 -8.49
CA LEU C 120 -45.78 -22.89 -8.31
C LEU C 120 -47.02 -23.76 -8.31
N LYS C 121 -48.16 -23.25 -7.84
CA LYS C 121 -49.36 -24.10 -7.77
C LYS C 121 -49.81 -24.55 -9.16
N GLN C 122 -49.46 -23.81 -10.22
CA GLN C 122 -49.79 -24.24 -11.58
C GLN C 122 -49.16 -25.59 -11.90
N LEU C 123 -47.98 -25.87 -11.39
CA LEU C 123 -47.32 -27.15 -11.64
C LEU C 123 -47.89 -28.29 -10.84
N ASP C 124 -48.93 -28.08 -10.04
CA ASP C 124 -49.55 -29.20 -9.33
C ASP C 124 -50.48 -29.93 -10.29
N GLN C 125 -50.80 -29.23 -11.37
CA GLN C 125 -51.75 -29.75 -12.36
C GLN C 125 -51.05 -29.87 -13.70
N GLU C 126 -51.82 -30.12 -14.75
CA GLU C 126 -51.24 -30.25 -16.08
C GLU C 126 -51.69 -29.09 -16.99
N HIS C 127 -52.82 -28.49 -16.65
CA HIS C 127 -53.38 -27.32 -17.35
C HIS C 127 -53.65 -26.23 -16.32
N ILE C 128 -53.97 -25.02 -16.82
CA ILE C 128 -54.18 -23.83 -15.98
C ILE C 128 -55.59 -23.31 -16.15
N ASP C 129 -56.07 -22.60 -15.12
CA ASP C 129 -57.39 -21.96 -15.07
C ASP C 129 -57.23 -20.44 -15.10
N GLY C 130 -57.07 -19.91 -16.31
CA GLY C 130 -56.79 -18.49 -16.48
C GLY C 130 -55.35 -18.16 -16.13
N ASP C 131 -54.98 -16.92 -16.44
CA ASP C 131 -53.59 -16.53 -16.39
C ASP C 131 -53.09 -16.23 -14.96
N GLY C 132 -51.80 -16.49 -14.77
CA GLY C 132 -51.08 -16.04 -13.60
C GLY C 132 -50.42 -14.69 -13.85
N GLU C 133 -49.66 -14.27 -12.85
CA GLU C 133 -49.00 -12.96 -12.85
C GLU C 133 -47.56 -13.01 -13.34
N CYS C 134 -46.97 -14.21 -13.42
CA CYS C 134 -45.55 -14.40 -13.72
C CYS C 134 -45.39 -15.52 -14.75
N LYS C 135 -44.37 -15.40 -15.63
N LYS C 135 -44.35 -15.40 -15.58
CA LYS C 135 -43.96 -16.48 -16.52
CA LYS C 135 -43.92 -16.48 -16.45
C LYS C 135 -42.45 -16.74 -16.38
C LYS C 135 -42.43 -16.76 -16.29
N TYR C 136 -42.02 -17.98 -16.63
CA TYR C 136 -40.71 -18.49 -16.23
C TYR C 136 -40.07 -19.31 -17.36
N VAL C 137 -38.75 -19.32 -17.35
CA VAL C 137 -37.98 -20.33 -18.07
C VAL C 137 -36.86 -20.80 -17.12
N VAL C 138 -36.76 -22.11 -16.93
CA VAL C 138 -35.80 -22.74 -16.03
C VAL C 138 -34.69 -23.35 -16.88
N TRP C 139 -33.44 -22.96 -16.62
CA TRP C 139 -32.30 -23.57 -17.26
C TRP C 139 -31.79 -24.70 -16.39
N ILE C 140 -31.64 -25.89 -16.99
CA ILE C 140 -31.15 -27.06 -16.29
C ILE C 140 -29.62 -27.06 -16.38
N SER C 141 -28.92 -27.23 -15.25
CA SER C 141 -27.46 -27.33 -15.29
C SER C 141 -27.04 -28.63 -15.96
N PHE C 142 -26.36 -28.53 -17.10
CA PHE C 142 -26.09 -29.69 -17.91
C PHE C 142 -24.86 -29.38 -18.77
N SER C 143 -23.92 -30.34 -18.88
CA SER C 143 -22.82 -30.30 -19.84
C SER C 143 -21.65 -29.55 -19.25
N GLY C 144 -20.58 -29.33 -20.04
CA GLY C 144 -19.36 -28.75 -19.48
C GLY C 144 -19.54 -27.27 -19.21
N LEU C 145 -18.54 -26.68 -18.54
CA LEU C 145 -18.63 -25.29 -18.10
C LEU C 145 -18.78 -24.33 -19.28
N GLY C 146 -17.93 -24.49 -20.30
CA GLY C 146 -18.07 -23.68 -21.51
C GLY C 146 -19.49 -23.70 -22.06
N ASN C 147 -20.07 -24.89 -22.25
CA ASN C 147 -21.43 -24.97 -22.78
C ASN C 147 -22.41 -24.31 -21.84
N ARG C 148 -22.24 -24.50 -20.53
CA ARG C 148 -23.21 -23.95 -19.60
C ARG C 148 -23.24 -22.44 -19.70
N ILE C 149 -22.07 -21.81 -19.73
CA ILE C 149 -22.06 -20.36 -19.77
C ILE C 149 -22.77 -19.88 -21.04
N LEU C 150 -22.43 -20.47 -22.18
CA LEU C 150 -23.00 -19.98 -23.44
C LEU C 150 -24.50 -20.26 -23.54
N SER C 151 -24.91 -21.47 -23.14
CA SER C 151 -26.31 -21.84 -23.24
C SER C 151 -27.15 -21.03 -22.27
N LEU C 152 -26.61 -20.73 -21.07
CA LEU C 152 -27.35 -19.92 -20.10
C LEU C 152 -27.54 -18.50 -20.62
N ALA C 153 -26.49 -17.92 -21.25
CA ALA C 153 -26.70 -16.59 -21.85
C ALA C 153 -27.78 -16.64 -22.94
N SER C 154 -27.85 -17.73 -23.67
CA SER C 154 -28.87 -17.89 -24.69
C SER C 154 -30.27 -17.95 -24.08
N VAL C 155 -30.43 -18.71 -23.00
CA VAL C 155 -31.74 -18.81 -22.37
C VAL C 155 -32.10 -17.47 -21.75
N PHE C 156 -31.14 -16.76 -21.20
CA PHE C 156 -31.44 -15.42 -20.71
C PHE C 156 -31.94 -14.50 -21.82
N LEU C 157 -31.23 -14.45 -22.95
CA LEU C 157 -31.74 -13.66 -24.06
C LEU C 157 -33.16 -14.08 -24.36
N TYR C 158 -33.41 -15.40 -24.36
CA TYR C 158 -34.72 -15.89 -24.67
C TYR C 158 -35.76 -15.38 -23.66
N ALA C 159 -35.41 -15.43 -22.35
CA ALA C 159 -36.24 -14.83 -21.32
C ALA C 159 -36.56 -13.35 -21.62
N LEU C 160 -35.55 -12.60 -22.06
CA LEU C 160 -35.77 -11.19 -22.39
C LEU C 160 -36.79 -11.04 -23.51
N LEU C 161 -36.68 -11.88 -24.53
CA LEU C 161 -37.55 -11.74 -25.69
C LEU C 161 -38.98 -12.14 -25.36
N THR C 162 -39.22 -12.84 -24.25
CA THR C 162 -40.50 -13.48 -24.02
C THR C 162 -41.12 -13.04 -22.70
N ASP C 163 -40.54 -12.02 -22.06
CA ASP C 163 -40.97 -11.50 -20.75
C ASP C 163 -41.06 -12.60 -19.73
N ARG C 164 -40.04 -13.45 -19.66
CA ARG C 164 -40.03 -14.45 -18.61
C ARG C 164 -38.93 -14.15 -17.61
N VAL C 165 -39.11 -14.67 -16.40
CA VAL C 165 -38.09 -14.71 -15.39
C VAL C 165 -37.23 -15.93 -15.63
N LEU C 166 -35.92 -15.74 -15.58
CA LEU C 166 -34.95 -16.81 -15.69
C LEU C 166 -34.66 -17.39 -14.33
N LEU C 167 -34.86 -18.70 -14.15
CA LEU C 167 -34.41 -19.40 -12.94
C LEU C 167 -33.28 -20.35 -13.31
N VAL C 168 -32.23 -20.39 -12.49
CA VAL C 168 -31.02 -21.18 -12.77
C VAL C 168 -30.95 -22.37 -11.83
N ASP C 169 -31.00 -23.59 -12.39
CA ASP C 169 -30.62 -24.77 -11.63
C ASP C 169 -29.14 -24.68 -11.32
N ARG C 170 -28.81 -24.59 -10.03
CA ARG C 170 -27.42 -24.40 -9.63
C ARG C 170 -26.60 -25.65 -9.85
N GLY C 171 -27.27 -26.79 -9.99
CA GLY C 171 -26.53 -28.00 -10.24
C GLY C 171 -25.51 -28.16 -9.13
N LYS C 172 -24.28 -28.49 -9.50
CA LYS C 172 -23.26 -28.80 -8.53
C LYS C 172 -22.52 -27.56 -8.09
N ASP C 173 -22.44 -26.52 -8.90
CA ASP C 173 -21.39 -25.56 -8.62
C ASP C 173 -21.69 -24.14 -9.06
N MET C 174 -22.87 -23.84 -9.65
CA MET C 174 -23.06 -22.53 -10.27
C MET C 174 -22.91 -21.41 -9.22
N ASP C 175 -23.42 -21.64 -7.99
CA ASP C 175 -23.27 -20.62 -6.95
C ASP C 175 -21.86 -20.61 -6.35
N ASP C 176 -21.05 -21.63 -6.59
CA ASP C 176 -19.63 -21.53 -6.22
C ASP C 176 -18.79 -20.80 -7.29
N LEU C 177 -19.32 -20.60 -8.50
CA LEU C 177 -18.53 -20.00 -9.57
C LEU C 177 -18.91 -18.56 -9.84
N PHE C 178 -20.22 -18.24 -9.77
CA PHE C 178 -20.77 -16.94 -10.16
C PHE C 178 -21.51 -16.27 -9.01
N CYS C 179 -21.39 -14.95 -8.94
CA CYS C 179 -22.21 -14.11 -8.09
C CYS C 179 -23.63 -13.98 -8.65
N GLU C 180 -24.49 -13.35 -7.85
CA GLU C 180 -25.84 -13.00 -8.27
C GLU C 180 -25.82 -11.88 -9.30
N PRO C 181 -26.45 -12.04 -10.42
CA PRO C 181 -26.44 -10.98 -11.45
C PRO C 181 -27.61 -10.00 -11.35
N PHE C 182 -28.67 -10.33 -10.66
CA PHE C 182 -29.87 -9.50 -10.73
C PHE C 182 -30.02 -8.76 -9.41
N LEU C 183 -29.89 -7.43 -9.44
CA LEU C 183 -29.82 -6.66 -8.20
C LEU C 183 -31.06 -6.85 -7.33
N GLY C 184 -30.84 -7.13 -6.07
CA GLY C 184 -31.91 -7.15 -5.12
C GLY C 184 -32.57 -8.57 -5.11
N MET C 185 -32.20 -9.53 -5.98
N MET C 185 -32.05 -9.54 -5.84
CA MET C 185 -32.90 -10.84 -6.00
CA MET C 185 -32.67 -10.83 -5.87
C MET C 185 -32.14 -11.97 -6.71
C MET C 185 -31.58 -11.90 -6.06
N SER C 186 -32.03 -13.13 -6.04
CA SER C 186 -31.33 -14.34 -6.41
C SER C 186 -31.86 -14.92 -7.73
N TRP C 187 -30.95 -15.45 -8.53
CA TRP C 187 -31.37 -16.08 -9.76
C TRP C 187 -31.49 -17.59 -9.61
N LEU C 188 -31.21 -18.09 -8.45
CA LEU C 188 -31.13 -19.52 -8.31
C LEU C 188 -32.52 -20.11 -8.17
N LEU C 189 -32.80 -21.18 -8.92
CA LEU C 189 -33.95 -22.05 -8.68
C LEU C 189 -33.92 -22.60 -7.25
N PRO C 190 -35.03 -22.47 -6.47
CA PRO C 190 -35.03 -23.01 -5.08
C PRO C 190 -34.77 -24.50 -5.10
N LEU C 191 -34.10 -25.01 -4.07
CA LEU C 191 -33.73 -26.43 -4.06
C LEU C 191 -34.92 -27.38 -3.90
N ASP C 192 -36.09 -26.89 -3.47
CA ASP C 192 -37.29 -27.71 -3.39
C ASP C 192 -38.22 -27.51 -4.58
N PHE C 193 -37.72 -26.95 -5.70
CA PHE C 193 -38.54 -26.85 -6.90
C PHE C 193 -39.07 -28.25 -7.20
N PRO C 194 -40.39 -28.41 -7.37
CA PRO C 194 -40.98 -29.77 -7.42
C PRO C 194 -40.44 -30.70 -8.52
N MET C 195 -40.07 -30.16 -9.71
CA MET C 195 -39.65 -30.97 -10.85
C MET C 195 -38.17 -31.30 -10.85
N THR C 196 -37.40 -30.71 -9.92
CA THR C 196 -35.94 -30.89 -9.92
C THR C 196 -35.55 -32.36 -10.10
N ASP C 197 -36.23 -33.24 -9.38
CA ASP C 197 -35.91 -34.67 -9.43
C ASP C 197 -35.88 -35.25 -10.85
N GLN C 198 -36.76 -34.74 -11.72
CA GLN C 198 -36.90 -35.24 -13.07
C GLN C 198 -35.96 -34.60 -14.09
N PHE C 199 -35.14 -33.63 -13.69
CA PHE C 199 -34.38 -32.83 -14.66
C PHE C 199 -33.45 -33.73 -15.46
N ASP C 200 -32.79 -34.65 -14.77
CA ASP C 200 -31.79 -35.50 -15.41
C ASP C 200 -32.42 -36.43 -16.42
N GLY C 201 -33.61 -36.95 -16.11
CA GLY C 201 -34.24 -37.90 -16.99
C GLY C 201 -34.90 -37.30 -18.22
N LEU C 202 -35.42 -36.06 -18.12
CA LEU C 202 -36.14 -35.44 -19.23
C LEU C 202 -35.33 -35.55 -20.52
N ASN C 203 -36.03 -35.85 -21.61
CA ASN C 203 -35.38 -35.97 -22.90
C ASN C 203 -36.48 -35.90 -23.95
N GLN C 204 -36.10 -36.14 -25.22
CA GLN C 204 -36.99 -35.73 -26.31
C GLN C 204 -38.16 -36.71 -26.50
N GLU C 205 -38.15 -37.83 -25.79
CA GLU C 205 -39.27 -38.74 -25.72
C GLU C 205 -40.10 -38.53 -24.46
N SER C 206 -39.74 -37.58 -23.58
CA SER C 206 -40.51 -37.33 -22.36
C SER C 206 -41.93 -36.88 -22.72
N SER C 207 -42.92 -37.28 -21.89
CA SER C 207 -44.30 -36.96 -22.26
C SER C 207 -44.56 -35.45 -22.29
N ARG C 208 -43.78 -34.68 -21.55
CA ARG C 208 -43.94 -33.22 -21.49
C ARG C 208 -43.01 -32.46 -22.44
N CYS C 209 -42.25 -33.19 -23.26
CA CYS C 209 -41.33 -32.58 -24.21
C CYS C 209 -42.12 -31.98 -25.39
N TYR C 210 -41.88 -30.70 -25.69
CA TYR C 210 -42.68 -30.07 -26.74
C TYR C 210 -42.53 -30.82 -28.07
N GLY C 211 -41.34 -31.32 -28.37
CA GLY C 211 -41.14 -32.04 -29.62
C GLY C 211 -41.94 -33.33 -29.68
N TYR C 212 -41.95 -34.07 -28.57
CA TYR C 212 -42.75 -35.29 -28.46
C TYR C 212 -44.22 -35.00 -28.71
N MET C 213 -44.76 -33.90 -28.15
CA MET C 213 -46.17 -33.61 -28.29
C MET C 213 -46.52 -33.22 -29.73
N VAL C 214 -45.61 -32.50 -30.41
CA VAL C 214 -45.90 -32.11 -31.79
C VAL C 214 -45.96 -33.36 -32.68
N LYS C 215 -44.89 -34.17 -32.64
CA LYS C 215 -44.83 -35.34 -33.52
C LYS C 215 -45.91 -36.38 -33.23
N ASN C 216 -46.48 -36.41 -32.03
CA ASN C 216 -47.59 -37.32 -31.77
C ASN C 216 -48.95 -36.65 -31.96
N GLN C 217 -48.97 -35.40 -32.35
CA GLN C 217 -50.17 -34.64 -32.48
C GLN C 217 -51.08 -34.70 -31.26
N VAL C 218 -50.50 -34.50 -30.09
CA VAL C 218 -51.26 -34.44 -28.85
C VAL C 218 -51.27 -33.03 -28.27
N ILE C 219 -50.85 -32.07 -29.08
CA ILE C 219 -50.78 -30.69 -28.65
C ILE C 219 -52.16 -30.22 -28.29
N ASP C 220 -53.12 -30.45 -29.17
CA ASP C 220 -54.54 -30.44 -28.86
C ASP C 220 -54.97 -29.55 -27.68
N GLY C 223 -57.18 -26.51 -23.73
CA GLY C 223 -56.66 -25.62 -22.70
C GLY C 223 -55.30 -24.92 -22.97
N THR C 224 -54.48 -24.83 -21.92
CA THR C 224 -53.15 -24.23 -21.97
C THR C 224 -52.30 -24.98 -20.96
N LEU C 225 -51.17 -25.51 -21.41
CA LEU C 225 -50.42 -26.40 -20.56
C LEU C 225 -49.81 -25.61 -19.41
N SER C 226 -49.65 -26.27 -18.28
CA SER C 226 -49.03 -25.59 -17.16
C SER C 226 -47.51 -25.50 -17.34
N HIS C 227 -46.91 -26.51 -17.94
CA HIS C 227 -45.48 -26.46 -18.19
C HIS C 227 -45.12 -27.22 -19.47
N LEU C 228 -43.89 -27.02 -19.91
CA LEU C 228 -43.41 -27.64 -21.15
C LEU C 228 -41.92 -27.81 -20.99
N TYR C 229 -41.40 -28.96 -21.40
CA TYR C 229 -39.98 -29.22 -21.48
C TYR C 229 -39.51 -29.04 -22.95
N LEU C 230 -38.39 -28.36 -23.12
CA LEU C 230 -37.87 -28.00 -24.44
C LEU C 230 -36.51 -28.68 -24.53
N HIS C 231 -36.42 -29.75 -25.31
CA HIS C 231 -35.15 -30.43 -25.51
C HIS C 231 -34.35 -29.64 -26.56
N LEU C 232 -33.27 -28.95 -26.12
CA LEU C 232 -32.40 -28.13 -26.97
C LEU C 232 -30.96 -28.59 -26.84
N VAL C 233 -30.77 -29.86 -26.44
CA VAL C 233 -29.46 -30.48 -26.51
C VAL C 233 -29.08 -30.78 -27.98
N HIS C 234 -27.77 -30.91 -28.22
CA HIS C 234 -27.21 -31.11 -29.58
C HIS C 234 -27.81 -32.32 -30.29
N ASP C 235 -28.31 -33.35 -29.56
CA ASP C 235 -28.92 -34.52 -30.20
C ASP C 235 -30.41 -34.33 -30.52
N TYR C 236 -30.92 -33.12 -30.47
CA TYR C 236 -32.35 -32.98 -30.63
C TYR C 236 -32.78 -33.27 -32.09
N GLY C 237 -34.09 -33.44 -32.28
CA GLY C 237 -34.62 -33.82 -33.57
C GLY C 237 -35.36 -32.70 -34.29
N ASP C 238 -35.86 -33.06 -35.48
CA ASP C 238 -36.57 -32.09 -36.31
C ASP C 238 -37.77 -31.48 -35.57
N HIS C 239 -38.46 -32.26 -34.72
CA HIS C 239 -39.59 -31.64 -34.00
C HIS C 239 -39.14 -30.77 -32.86
N ASP C 240 -38.07 -31.16 -32.17
CA ASP C 240 -37.48 -30.28 -31.16
C ASP C 240 -37.03 -28.95 -31.75
N LYS C 241 -36.47 -29.00 -32.98
CA LYS C 241 -35.99 -27.83 -33.66
C LYS C 241 -37.09 -26.89 -34.05
N MET C 242 -38.36 -27.27 -33.97
N MET C 242 -38.34 -27.34 -33.96
CA MET C 242 -39.45 -26.38 -34.31
CA MET C 242 -39.48 -26.50 -34.25
C MET C 242 -39.68 -25.33 -33.22
C MET C 242 -39.54 -25.30 -33.29
N PHE C 243 -38.93 -25.45 -32.13
CA PHE C 243 -38.74 -24.35 -31.21
C PHE C 243 -38.30 -23.08 -31.94
N PHE C 244 -37.45 -23.23 -33.00
CA PHE C 244 -36.98 -22.09 -33.78
C PHE C 244 -37.97 -21.60 -34.88
N CYS C 245 -39.25 -21.94 -34.78
CA CYS C 245 -40.27 -21.47 -35.71
C CYS C 245 -41.25 -20.53 -35.01
N GLU C 246 -41.74 -19.57 -35.80
CA GLU C 246 -42.61 -18.52 -35.30
C GLU C 246 -43.92 -19.10 -34.73
N GLY C 247 -44.59 -19.97 -35.50
CA GLY C 247 -45.85 -20.52 -35.02
C GLY C 247 -45.69 -21.26 -33.70
N ASP C 248 -44.60 -22.05 -33.56
CA ASP C 248 -44.38 -22.77 -32.31
C ASP C 248 -44.13 -21.82 -31.15
N GLN C 249 -43.41 -20.72 -31.41
CA GLN C 249 -43.16 -19.73 -30.36
C GLN C 249 -44.45 -19.08 -29.87
N THR C 250 -45.41 -18.82 -30.78
CA THR C 250 -46.73 -18.30 -30.37
C THR C 250 -47.43 -19.24 -29.42
N PHE C 251 -47.42 -20.52 -29.74
CA PHE C 251 -47.98 -21.52 -28.82
C PHE C 251 -47.19 -21.55 -27.50
N ILE C 252 -45.87 -21.71 -27.59
CA ILE C 252 -45.00 -21.81 -26.41
C ILE C 252 -45.14 -20.56 -25.54
N GLY C 253 -45.26 -19.40 -26.16
CA GLY C 253 -45.44 -18.16 -25.45
C GLY C 253 -46.55 -18.11 -24.41
N LYS C 254 -47.51 -19.03 -24.50
CA LYS C 254 -48.63 -19.00 -23.58
C LYS C 254 -48.38 -19.86 -22.35
N VAL C 255 -47.35 -20.68 -22.37
CA VAL C 255 -47.16 -21.64 -21.30
C VAL C 255 -46.41 -20.91 -20.20
N PRO C 256 -46.90 -20.96 -18.96
CA PRO C 256 -46.22 -20.20 -17.89
C PRO C 256 -44.88 -20.78 -17.51
N TRP C 257 -44.70 -22.09 -17.52
CA TRP C 257 -43.43 -22.66 -17.07
C TRP C 257 -42.74 -23.38 -18.21
N LEU C 258 -41.59 -22.87 -18.66
CA LEU C 258 -40.73 -23.62 -19.58
C LEU C 258 -39.51 -24.14 -18.84
N ILE C 259 -39.16 -25.41 -19.11
CA ILE C 259 -37.99 -26.10 -18.60
C ILE C 259 -37.11 -26.42 -19.81
N VAL C 260 -35.88 -25.95 -19.81
CA VAL C 260 -35.01 -26.05 -20.98
C VAL C 260 -33.76 -26.81 -20.59
N LYS C 261 -33.38 -27.81 -21.40
CA LYS C 261 -32.08 -28.45 -21.28
C LYS C 261 -31.35 -28.24 -22.59
N THR C 262 -30.14 -27.69 -22.52
CA THR C 262 -29.44 -27.31 -23.73
C THR C 262 -27.95 -27.21 -23.43
N ASP C 263 -27.12 -27.55 -24.43
CA ASP C 263 -25.66 -27.38 -24.36
C ASP C 263 -25.14 -26.54 -25.52
N ASN C 264 -25.99 -25.79 -26.21
CA ASN C 264 -25.56 -25.06 -27.40
C ASN C 264 -25.77 -23.56 -27.17
N TYR C 265 -24.94 -22.75 -27.83
CA TYR C 265 -25.17 -21.31 -27.94
C TYR C 265 -26.17 -21.04 -29.10
N PHE C 266 -27.47 -21.09 -28.80
CA PHE C 266 -28.47 -21.12 -29.88
C PHE C 266 -28.96 -19.75 -30.30
N VAL C 267 -28.40 -18.67 -29.76
CA VAL C 267 -28.69 -17.28 -30.12
C VAL C 267 -28.86 -16.99 -31.61
N PRO C 268 -27.94 -17.45 -32.52
CA PRO C 268 -28.06 -17.05 -33.92
C PRO C 268 -29.41 -17.41 -34.53
N SER C 269 -29.96 -18.60 -34.27
CA SER C 269 -31.24 -18.91 -34.85
C SER C 269 -32.38 -18.04 -34.31
N LEU C 270 -32.26 -17.45 -33.09
CA LEU C 270 -33.32 -16.52 -32.63
C LEU C 270 -33.47 -15.33 -33.58
N TRP C 271 -32.37 -14.91 -34.24
CA TRP C 271 -32.47 -13.78 -35.15
C TRP C 271 -33.21 -14.12 -36.45
N LEU C 272 -33.42 -15.40 -36.76
CA LEU C 272 -34.20 -15.85 -37.90
C LEU C 272 -35.68 -16.07 -37.56
N ILE C 273 -36.13 -15.67 -36.37
CA ILE C 273 -37.55 -15.77 -35.98
C ILE C 273 -38.19 -14.39 -36.16
N PRO C 274 -39.23 -14.25 -36.97
CA PRO C 274 -39.85 -12.93 -37.13
C PRO C 274 -40.53 -12.51 -35.84
N GLY C 275 -40.49 -11.22 -35.55
CA GLY C 275 -40.95 -10.83 -34.22
C GLY C 275 -39.74 -10.65 -33.32
N PHE C 276 -38.97 -11.73 -33.11
CA PHE C 276 -37.72 -11.58 -32.36
C PHE C 276 -36.79 -10.66 -33.13
N ASP C 277 -36.72 -10.82 -34.46
CA ASP C 277 -35.72 -10.09 -35.25
C ASP C 277 -35.80 -8.59 -35.02
N ASP C 278 -37.01 -8.04 -35.07
CA ASP C 278 -37.24 -6.63 -34.74
C ASP C 278 -36.66 -6.24 -33.38
N GLU C 279 -37.00 -6.99 -32.32
CA GLU C 279 -36.53 -6.60 -31.00
C GLU C 279 -35.01 -6.76 -30.90
N LEU C 280 -34.48 -7.82 -31.49
CA LEU C 280 -33.07 -8.07 -31.42
C LEU C 280 -32.28 -6.94 -32.06
N ASN C 281 -32.82 -6.32 -33.13
CA ASN C 281 -32.08 -5.22 -33.76
C ASN C 281 -32.05 -3.99 -32.89
N LYS C 282 -33.14 -3.74 -32.15
CA LYS C 282 -33.13 -2.64 -31.19
C LYS C 282 -32.18 -2.93 -30.04
N LEU C 283 -32.20 -4.16 -29.51
CA LEU C 283 -31.32 -4.52 -28.39
C LEU C 283 -29.87 -4.38 -28.79
N PHE C 284 -29.50 -4.86 -30.00
CA PHE C 284 -28.10 -5.00 -30.39
C PHE C 284 -27.88 -4.29 -31.73
N PRO C 285 -27.78 -2.95 -31.70
CA PRO C 285 -27.42 -2.21 -32.91
C PRO C 285 -26.18 -2.77 -33.58
N GLN C 286 -25.17 -3.17 -32.81
CA GLN C 286 -24.07 -3.95 -33.36
C GLN C 286 -24.40 -5.43 -33.11
N LYS C 287 -24.65 -6.18 -34.19
CA LYS C 287 -25.27 -7.49 -34.04
C LYS C 287 -24.37 -8.48 -33.29
N ALA C 288 -23.06 -8.36 -33.43
CA ALA C 288 -22.14 -9.39 -32.92
C ALA C 288 -21.65 -9.08 -31.51
N THR C 289 -22.44 -8.33 -30.76
CA THR C 289 -22.13 -7.98 -29.39
C THR C 289 -23.04 -8.68 -28.39
N VAL C 290 -23.88 -9.63 -28.85
CA VAL C 290 -24.87 -10.25 -27.96
C VAL C 290 -24.16 -10.92 -26.77
N PHE C 291 -23.25 -11.86 -27.02
CA PHE C 291 -22.63 -12.55 -25.87
C PHE C 291 -21.69 -11.63 -25.14
N HIS C 292 -21.00 -10.72 -25.85
CA HIS C 292 -20.16 -9.75 -25.16
C HIS C 292 -20.97 -8.95 -24.11
N HIS C 293 -22.19 -8.48 -24.46
CA HIS C 293 -22.96 -7.71 -23.50
C HIS C 293 -23.64 -8.62 -22.47
N LEU C 294 -24.32 -9.67 -22.92
CA LEU C 294 -25.06 -10.47 -21.94
C LEU C 294 -24.13 -11.27 -21.07
N GLY C 295 -22.99 -11.71 -21.62
CA GLY C 295 -22.03 -12.45 -20.80
C GLY C 295 -21.41 -11.57 -19.75
N ARG C 296 -20.97 -10.39 -20.14
CA ARG C 296 -20.45 -9.49 -19.12
C ARG C 296 -21.49 -9.20 -18.06
N TYR C 297 -22.76 -9.17 -18.46
CA TYR C 297 -23.80 -8.79 -17.51
C TYR C 297 -24.15 -9.91 -16.57
N LEU C 298 -24.17 -11.13 -17.08
CA LEU C 298 -24.61 -12.25 -16.28
C LEU C 298 -23.53 -12.84 -15.39
N PHE C 299 -22.23 -12.79 -15.82
CA PHE C 299 -21.24 -13.73 -15.31
C PHE C 299 -20.14 -13.00 -14.56
N HIS C 300 -20.18 -13.11 -13.23
CA HIS C 300 -19.21 -12.48 -12.36
C HIS C 300 -18.60 -13.54 -11.46
N PRO C 301 -17.28 -13.74 -11.54
CA PRO C 301 -16.64 -14.76 -10.71
C PRO C 301 -16.80 -14.44 -9.22
N THR C 302 -17.07 -15.48 -8.43
CA THR C 302 -17.05 -15.39 -6.97
C THR C 302 -15.65 -15.06 -6.46
N ASN C 303 -15.60 -14.61 -5.18
CA ASN C 303 -14.35 -14.15 -4.60
C ASN C 303 -13.27 -15.20 -4.69
N GLN C 304 -13.67 -16.45 -4.46
CA GLN C 304 -12.78 -17.59 -4.60
C GLN C 304 -12.16 -17.64 -5.99
N VAL C 305 -13.00 -17.67 -7.03
CA VAL C 305 -12.49 -17.71 -8.41
C VAL C 305 -11.72 -16.44 -8.76
N TRP C 306 -12.21 -15.30 -8.32
CA TRP C 306 -11.57 -14.03 -8.60
C TRP C 306 -10.18 -13.96 -8.02
N GLY C 307 -10.00 -14.52 -6.81
CA GLY C 307 -8.64 -14.61 -6.23
C GLY C 307 -7.62 -15.34 -7.12
N LEU C 308 -8.08 -16.36 -7.81
CA LEU C 308 -7.23 -17.09 -8.75
C LEU C 308 -6.86 -16.21 -9.95
N VAL C 309 -7.77 -15.30 -10.34
CA VAL C 309 -7.51 -14.42 -11.48
C VAL C 309 -6.52 -13.32 -11.10
N THR C 310 -6.77 -12.66 -9.97
CA THR C 310 -5.98 -11.47 -9.66
C THR C 310 -4.56 -11.87 -9.27
N ARG C 311 -4.42 -12.97 -8.54
CA ARG C 311 -3.08 -13.42 -8.15
C ARG C 311 -2.27 -13.80 -9.36
N TYR C 312 -2.86 -14.60 -10.27
CA TYR C 312 -2.11 -14.99 -11.47
C TYR C 312 -1.74 -13.77 -12.29
N TYR C 313 -2.68 -12.84 -12.46
CA TYR C 313 -2.45 -11.65 -13.26
C TYR C 313 -1.34 -10.79 -12.65
N GLU C 314 -1.46 -10.55 -11.34
CA GLU C 314 -0.49 -9.68 -10.71
C GLU C 314 0.89 -10.34 -10.68
N ALA C 315 0.96 -11.63 -10.41
CA ALA C 315 2.25 -12.30 -10.36
C ALA C 315 2.90 -12.41 -11.76
N TYR C 316 2.12 -12.68 -12.82
CA TYR C 316 2.73 -13.09 -14.08
C TYR C 316 2.46 -12.23 -15.30
N LEU C 317 1.36 -11.47 -15.33
CA LEU C 317 0.96 -10.80 -16.56
C LEU C 317 0.99 -9.29 -16.47
N SER C 318 1.14 -8.70 -15.28
CA SER C 318 0.84 -7.28 -15.13
C SER C 318 1.99 -6.35 -15.53
N HIS C 319 3.17 -6.88 -15.82
CA HIS C 319 4.31 -6.03 -16.20
C HIS C 319 4.50 -5.98 -17.70
N ALA C 320 3.76 -6.78 -18.45
CA ALA C 320 4.03 -6.84 -19.87
C ALA C 320 3.38 -5.64 -20.55
N ASP C 321 4.01 -5.17 -21.63
CA ASP C 321 3.39 -4.14 -22.47
C ASP C 321 2.25 -4.71 -23.30
N GLU C 322 2.24 -6.01 -23.53
CA GLU C 322 1.19 -6.56 -24.34
C GLU C 322 1.03 -8.03 -23.98
N LYS C 323 -0.21 -8.49 -23.98
CA LYS C 323 -0.54 -9.85 -23.65
C LYS C 323 -1.17 -10.62 -24.81
N ILE C 324 -0.66 -11.80 -25.05
CA ILE C 324 -1.13 -12.68 -26.12
C ILE C 324 -1.68 -13.93 -25.46
N GLY C 325 -2.98 -14.20 -25.63
CA GLY C 325 -3.56 -15.47 -25.18
C GLY C 325 -3.55 -16.52 -26.27
N ILE C 326 -3.26 -17.74 -25.88
CA ILE C 326 -3.28 -18.88 -26.77
C ILE C 326 -4.05 -19.95 -26.07
N GLN C 327 -5.28 -20.19 -26.51
CA GLN C 327 -6.18 -21.11 -25.86
C GLN C 327 -6.16 -22.40 -26.66
N VAL C 328 -5.59 -23.45 -26.05
CA VAL C 328 -5.24 -24.68 -26.75
C VAL C 328 -6.16 -25.80 -26.26
N ARG C 329 -6.90 -26.35 -27.21
CA ARG C 329 -7.74 -27.53 -26.98
C ARG C 329 -7.62 -28.47 -28.19
N VAL C 330 -7.21 -29.71 -27.93
CA VAL C 330 -6.97 -30.71 -28.97
C VAL C 330 -8.06 -31.78 -28.86
N PHE C 331 -8.91 -31.93 -29.86
CA PHE C 331 -9.97 -32.95 -29.74
C PHE C 331 -9.44 -34.27 -30.29
N ASP C 332 -8.78 -35.05 -29.43
CA ASP C 332 -8.11 -36.29 -29.83
C ASP C 332 -8.19 -37.22 -28.64
N GLU C 333 -8.10 -38.51 -28.90
CA GLU C 333 -8.10 -39.52 -27.84
C GLU C 333 -6.77 -39.60 -27.12
N ASP C 334 -5.66 -39.53 -27.84
CA ASP C 334 -4.34 -39.52 -27.20
C ASP C 334 -4.06 -38.16 -26.59
N PRO C 335 -3.41 -38.15 -25.43
CA PRO C 335 -3.12 -36.91 -24.71
C PRO C 335 -2.09 -36.01 -25.38
N GLY C 336 -1.26 -36.55 -26.27
CA GLY C 336 -0.23 -35.76 -26.89
C GLY C 336 0.84 -35.47 -25.88
N PRO C 337 1.51 -34.33 -25.99
CA PRO C 337 1.34 -33.20 -26.92
C PRO C 337 1.64 -33.58 -28.38
N PHE C 338 1.21 -32.80 -29.38
CA PHE C 338 1.36 -33.19 -30.79
C PHE C 338 2.27 -32.20 -31.50
N GLN C 339 3.26 -32.72 -32.24
CA GLN C 339 4.13 -31.80 -32.95
C GLN C 339 3.36 -30.99 -33.98
N HIS C 340 2.38 -31.61 -34.63
CA HIS C 340 1.68 -30.82 -35.66
C HIS C 340 0.93 -29.65 -35.04
N VAL C 341 0.55 -29.76 -33.77
CA VAL C 341 -0.16 -28.67 -33.12
C VAL C 341 0.83 -27.60 -32.72
N MET C 342 1.96 -28.01 -32.13
CA MET C 342 3.07 -27.08 -31.89
C MET C 342 3.45 -26.31 -33.14
N ASP C 343 3.61 -26.99 -34.27
CA ASP C 343 3.90 -26.24 -35.51
C ASP C 343 2.75 -25.29 -35.85
N GLN C 344 1.50 -25.77 -35.73
CA GLN C 344 0.38 -24.88 -36.04
C GLN C 344 0.44 -23.60 -35.23
N ILE C 345 0.72 -23.69 -33.91
CA ILE C 345 0.76 -22.51 -33.04
C ILE C 345 1.89 -21.58 -33.44
N SER C 346 3.10 -22.10 -33.65
N SER C 346 3.14 -21.95 -33.68
CA SER C 346 4.22 -21.27 -34.11
CA SER C 346 4.16 -21.01 -34.12
C SER C 346 3.91 -20.60 -35.43
C SER C 346 3.87 -20.49 -35.53
N SER C 347 3.46 -21.40 -36.41
CA SER C 347 3.23 -20.77 -37.71
C SER C 347 2.09 -19.75 -37.66
N CYS C 348 1.07 -20.01 -36.86
CA CYS C 348 -0.02 -19.05 -36.71
C CYS C 348 0.46 -17.72 -36.12
N THR C 349 1.17 -17.76 -34.98
CA THR C 349 1.43 -16.51 -34.27
C THR C 349 2.46 -15.66 -34.99
N GLN C 350 3.42 -16.32 -35.66
CA GLN C 350 4.44 -15.63 -36.46
C GLN C 350 3.85 -15.04 -37.74
N LYS C 351 3.12 -15.84 -38.52
CA LYS C 351 2.55 -15.29 -39.75
C LYS C 351 1.58 -14.11 -39.47
N GLU C 352 0.85 -14.15 -38.36
CA GLU C 352 -0.04 -13.05 -38.06
C GLU C 352 0.62 -11.94 -37.27
N LYS C 353 1.92 -12.00 -37.10
CA LYS C 353 2.62 -11.02 -36.31
C LYS C 353 2.15 -10.92 -34.87
N LEU C 354 1.72 -12.01 -34.26
CA LEU C 354 1.39 -11.91 -32.84
C LEU C 354 2.62 -12.12 -31.93
N LEU C 355 3.50 -13.07 -32.29
CA LEU C 355 4.78 -13.45 -31.69
C LEU C 355 5.89 -13.34 -32.73
N PRO C 356 7.08 -12.89 -32.34
CA PRO C 356 8.16 -12.77 -33.32
C PRO C 356 8.78 -14.12 -33.61
N GLU C 357 9.47 -14.19 -34.74
CA GLU C 357 10.32 -15.32 -35.02
C GLU C 357 11.60 -15.23 -34.20
N VAL C 358 12.28 -16.33 -34.08
CA VAL C 358 13.55 -16.37 -33.40
C VAL C 358 14.66 -16.49 -34.41
N ASP C 359 15.84 -16.00 -34.06
CA ASP C 359 17.03 -16.17 -34.90
C ASP C 359 17.89 -17.23 -34.35
N THR C 360 18.08 -18.32 -35.07
CA THR C 360 18.91 -19.38 -34.58
C THR C 360 20.38 -19.28 -34.98
N LEU C 361 20.70 -18.28 -35.79
CA LEU C 361 22.08 -18.08 -36.25
C LEU C 361 22.68 -16.81 -35.68
N VAL C 362 22.22 -16.43 -34.48
CA VAL C 362 22.72 -15.24 -33.81
C VAL C 362 22.77 -14.05 -34.77
N THR C 370 14.96 0.51 -26.08
CA THR C 370 13.87 0.25 -25.14
C THR C 370 12.87 -0.81 -25.68
N PRO C 371 13.15 -2.09 -25.40
CA PRO C 371 12.37 -3.19 -25.99
C PRO C 371 11.02 -3.43 -25.29
N LYS C 372 10.11 -4.04 -26.05
CA LYS C 372 8.76 -4.34 -25.58
C LYS C 372 8.68 -5.72 -24.95
N HIS C 373 7.94 -5.82 -23.85
N HIS C 373 8.11 -5.84 -23.77
CA HIS C 373 7.73 -7.07 -23.13
CA HIS C 373 7.76 -7.12 -23.16
C HIS C 373 6.34 -7.60 -23.48
C HIS C 373 6.39 -7.56 -23.62
N LYS C 374 6.31 -8.77 -24.10
CA LYS C 374 5.08 -9.51 -24.38
C LYS C 374 4.96 -10.71 -23.45
N ALA C 375 3.81 -10.87 -22.80
CA ALA C 375 3.57 -12.07 -22.02
C ALA C 375 2.62 -12.95 -22.81
N VAL C 376 2.95 -14.22 -22.94
CA VAL C 376 2.09 -15.17 -23.62
C VAL C 376 1.38 -16.01 -22.56
N LEU C 377 0.05 -15.91 -22.53
CA LEU C 377 -0.76 -16.72 -21.65
C LEU C 377 -1.32 -17.90 -22.44
N VAL C 378 -0.85 -19.11 -22.13
CA VAL C 378 -1.29 -20.34 -22.77
C VAL C 378 -2.18 -21.10 -21.82
N THR C 379 -3.33 -21.57 -22.33
CA THR C 379 -4.14 -22.49 -21.54
C THR C 379 -4.28 -23.79 -22.32
N SER C 380 -4.26 -24.88 -21.60
CA SER C 380 -4.27 -26.18 -22.22
C SER C 380 -4.27 -27.25 -21.17
N LEU C 381 -4.89 -28.38 -21.48
CA LEU C 381 -4.82 -29.54 -20.59
C LEU C 381 -3.39 -30.08 -20.49
N ASN C 382 -2.66 -30.12 -21.61
CA ASN C 382 -1.27 -30.57 -21.63
C ASN C 382 -0.32 -29.39 -21.66
N ALA C 383 0.76 -29.45 -20.86
CA ALA C 383 1.71 -28.35 -20.78
C ALA C 383 2.74 -28.36 -21.92
N GLY C 384 2.74 -29.40 -22.75
CA GLY C 384 3.75 -29.49 -23.79
C GLY C 384 3.78 -28.32 -24.76
N TYR C 385 2.62 -27.63 -25.00
CA TYR C 385 2.64 -26.52 -25.97
C TYR C 385 3.21 -25.25 -25.36
N ALA C 386 2.90 -24.97 -24.11
CA ALA C 386 3.56 -23.85 -23.47
C ALA C 386 5.06 -24.15 -23.29
N GLU C 387 5.38 -25.38 -22.88
CA GLU C 387 6.80 -25.73 -22.71
C GLU C 387 7.59 -25.55 -24.03
N ASN C 388 6.96 -25.90 -25.16
CA ASN C 388 7.61 -25.73 -26.44
C ASN C 388 7.87 -24.26 -26.74
N LEU C 389 6.88 -23.41 -26.50
CA LEU C 389 7.06 -21.99 -26.75
C LEU C 389 8.06 -21.37 -25.78
N LYS C 390 8.00 -21.74 -24.52
CA LYS C 390 8.90 -21.15 -23.54
C LYS C 390 10.37 -21.53 -23.83
N SER C 391 10.61 -22.79 -24.17
CA SER C 391 11.92 -23.27 -24.66
C SER C 391 12.46 -22.44 -25.82
N MET C 392 11.63 -22.26 -26.85
CA MET C 392 12.09 -21.62 -28.07
C MET C 392 12.55 -20.21 -27.78
N TYR C 393 11.76 -19.47 -27.01
CA TYR C 393 12.14 -18.10 -26.69
C TYR C 393 13.19 -18.03 -25.56
N TRP C 394 13.39 -19.10 -24.81
CA TRP C 394 14.58 -19.06 -23.97
C TRP C 394 15.81 -19.33 -24.82
N GLU C 395 15.72 -20.30 -25.72
CA GLU C 395 16.93 -20.72 -26.39
C GLU C 395 17.41 -19.75 -27.46
N TYR C 396 16.51 -18.99 -28.11
CA TYR C 396 17.01 -18.14 -29.20
C TYR C 396 16.58 -16.68 -29.02
N PRO C 397 17.40 -15.74 -29.47
CA PRO C 397 17.00 -14.35 -29.46
C PRO C 397 15.89 -14.14 -30.49
N THR C 398 15.00 -13.17 -30.22
CA THR C 398 13.89 -12.83 -31.09
C THR C 398 14.41 -12.03 -32.29
N SER C 399 13.74 -12.19 -33.43
CA SER C 399 14.18 -11.38 -34.58
C SER C 399 13.93 -9.89 -34.37
N THR C 400 13.07 -9.53 -33.43
CA THR C 400 12.74 -8.14 -33.25
C THR C 400 13.39 -7.51 -32.05
N GLY C 401 14.10 -8.28 -31.22
CA GLY C 401 14.50 -7.72 -29.96
C GLY C 401 13.44 -7.70 -28.87
N GLU C 402 12.16 -7.97 -29.18
CA GLU C 402 11.14 -8.07 -28.12
C GLU C 402 11.51 -9.14 -27.09
N ILE C 403 11.13 -8.87 -25.85
CA ILE C 403 11.26 -9.79 -24.72
C ILE C 403 9.95 -10.59 -24.55
N ILE C 404 10.02 -11.90 -24.71
CA ILE C 404 8.86 -12.78 -24.71
C ILE C 404 8.91 -13.65 -23.43
N GLY C 405 7.84 -13.60 -22.63
CA GLY C 405 7.73 -14.57 -21.55
C GLY C 405 6.49 -15.43 -21.71
N VAL C 406 6.62 -16.74 -21.49
CA VAL C 406 5.56 -17.72 -21.73
C VAL C 406 5.06 -18.22 -20.38
N HIS C 407 3.73 -18.20 -20.16
CA HIS C 407 3.11 -18.56 -18.88
C HIS C 407 1.88 -19.44 -19.11
N GLN C 408 1.84 -20.61 -18.47
CA GLN C 408 0.66 -21.45 -18.40
C GLN C 408 0.21 -21.64 -16.94
N PRO C 409 -1.06 -21.49 -16.63
CA PRO C 409 -1.45 -21.57 -15.19
C PRO C 409 -1.48 -23.00 -14.69
N SER C 410 -2.03 -23.93 -15.46
CA SER C 410 -2.35 -25.27 -14.94
C SER C 410 -2.19 -26.30 -16.05
N GLN C 411 -2.11 -27.55 -15.62
CA GLN C 411 -2.08 -28.68 -16.50
C GLN C 411 -2.76 -29.82 -15.77
N GLU C 412 -3.30 -30.77 -16.53
CA GLU C 412 -3.96 -31.93 -15.96
C GLU C 412 -2.99 -32.92 -15.29
N MET C 421 -11.80 -26.45 -6.93
CA MET C 421 -10.75 -25.68 -7.60
C MET C 421 -10.75 -25.96 -9.09
N HIS C 422 -11.25 -27.10 -9.48
CA HIS C 422 -11.12 -27.53 -10.88
C HIS C 422 -11.99 -26.72 -11.85
N ASN C 423 -13.33 -26.71 -11.66
CA ASN C 423 -14.11 -25.78 -12.47
C ASN C 423 -13.76 -24.34 -12.10
N GLY C 424 -13.32 -24.10 -10.87
CA GLY C 424 -12.94 -22.75 -10.49
C GLY C 424 -11.67 -22.29 -11.19
N LYS C 425 -10.71 -23.22 -11.39
CA LYS C 425 -9.54 -22.85 -12.17
C LYS C 425 -9.88 -22.71 -13.65
N ALA C 426 -10.77 -23.55 -14.14
CA ALA C 426 -11.21 -23.46 -15.53
C ALA C 426 -11.85 -22.11 -15.81
N LEU C 427 -12.73 -21.65 -14.90
CA LEU C 427 -13.31 -20.30 -15.02
C LEU C 427 -12.26 -19.21 -14.91
N ALA C 428 -11.32 -19.32 -13.95
CA ALA C 428 -10.27 -18.31 -13.87
C ALA C 428 -9.44 -18.24 -15.17
N GLU C 429 -9.18 -19.39 -15.77
CA GLU C 429 -8.40 -19.39 -17.01
C GLU C 429 -9.19 -18.77 -18.17
N MET C 430 -10.50 -18.99 -18.23
CA MET C 430 -11.30 -18.29 -19.22
C MET C 430 -11.20 -16.77 -18.99
N TYR C 431 -11.28 -16.38 -17.74
N TYR C 431 -11.27 -16.33 -17.75
CA TYR C 431 -11.19 -14.99 -17.38
CA TYR C 431 -11.17 -14.92 -17.47
C TYR C 431 -9.83 -14.41 -17.74
C TYR C 431 -9.80 -14.39 -17.81
N LEU C 432 -8.78 -15.12 -17.39
CA LEU C 432 -7.42 -14.64 -17.66
C LEU C 432 -7.22 -14.44 -19.17
N LEU C 433 -7.60 -15.41 -20.00
CA LEU C 433 -7.57 -15.23 -21.48
C LEU C 433 -8.34 -13.98 -21.92
N SER C 434 -9.47 -13.69 -21.27
CA SER C 434 -10.30 -12.57 -21.64
C SER C 434 -9.63 -11.24 -21.34
N LEU C 435 -8.58 -11.25 -20.53
CA LEU C 435 -7.80 -10.05 -20.22
C LEU C 435 -6.62 -9.84 -21.17
N THR C 436 -6.44 -10.70 -22.16
CA THR C 436 -5.30 -10.49 -23.04
C THR C 436 -5.66 -9.50 -24.15
N ASP C 437 -4.66 -9.10 -24.90
CA ASP C 437 -4.81 -8.09 -25.93
C ASP C 437 -5.13 -8.68 -27.30
N ASN C 438 -4.45 -9.73 -27.64
CA ASN C 438 -4.76 -10.54 -28.79
C ASN C 438 -4.91 -11.96 -28.32
N LEU C 439 -5.91 -12.64 -28.87
CA LEU C 439 -6.27 -13.99 -28.47
C LEU C 439 -6.22 -14.94 -29.66
N VAL C 440 -5.52 -16.07 -29.52
CA VAL C 440 -5.67 -17.21 -30.41
C VAL C 440 -6.57 -18.26 -29.75
N THR C 441 -7.50 -18.85 -30.51
CA THR C 441 -8.39 -19.86 -29.95
C THR C 441 -8.29 -21.15 -30.75
N SER C 442 -8.88 -22.21 -30.19
CA SER C 442 -8.92 -23.51 -30.86
C SER C 442 -10.29 -23.77 -31.46
N ALA C 443 -10.29 -24.19 -32.73
CA ALA C 443 -11.52 -24.54 -33.43
C ALA C 443 -12.37 -25.45 -32.56
N TRP C 444 -13.68 -25.20 -32.54
CA TRP C 444 -14.71 -26.01 -31.87
C TRP C 444 -14.80 -25.77 -30.35
N SER C 445 -13.84 -25.05 -29.72
CA SER C 445 -13.73 -24.98 -28.25
C SER C 445 -14.68 -23.91 -27.70
N THR C 446 -15.72 -24.32 -26.99
CA THR C 446 -16.58 -23.33 -26.33
C THR C 446 -15.84 -22.59 -25.22
N PHE C 447 -14.80 -23.22 -24.66
CA PHE C 447 -13.86 -22.59 -23.70
C PHE C 447 -13.34 -21.27 -24.28
N GLY C 448 -12.81 -21.36 -25.53
CA GLY C 448 -12.37 -20.17 -26.25
C GLY C 448 -13.47 -19.16 -26.52
N TYR C 449 -14.67 -19.62 -26.91
CA TYR C 449 -15.79 -18.69 -27.19
C TYR C 449 -16.07 -17.83 -25.97
N VAL C 450 -16.05 -18.44 -24.77
CA VAL C 450 -16.31 -17.67 -23.56
C VAL C 450 -15.27 -16.60 -23.38
N ALA C 451 -13.96 -16.99 -23.50
CA ALA C 451 -12.89 -16.03 -23.27
C ALA C 451 -12.97 -14.87 -24.27
N GLN C 452 -13.17 -15.23 -25.53
CA GLN C 452 -13.22 -14.20 -26.54
C GLN C 452 -14.38 -13.28 -26.33
N GLY C 453 -15.52 -13.82 -25.96
CA GLY C 453 -16.71 -13.01 -25.78
C GLY C 453 -16.60 -12.12 -24.56
N LEU C 454 -16.08 -12.66 -23.43
CA LEU C 454 -15.93 -11.79 -22.28
C LEU C 454 -14.91 -10.68 -22.53
N GLY C 455 -13.83 -10.95 -23.30
CA GLY C 455 -12.82 -9.92 -23.53
C GLY C 455 -13.13 -9.00 -24.70
N GLY C 456 -14.22 -9.25 -25.41
CA GLY C 456 -14.56 -8.39 -26.53
C GLY C 456 -13.58 -8.55 -27.64
N LEU C 457 -13.04 -9.76 -27.78
CA LEU C 457 -11.85 -10.03 -28.57
C LEU C 457 -12.27 -10.82 -29.79
N LYS C 458 -11.92 -10.32 -30.97
CA LYS C 458 -12.12 -11.11 -32.18
C LYS C 458 -10.86 -11.92 -32.40
N PRO C 459 -10.94 -13.25 -32.24
CA PRO C 459 -9.71 -14.07 -32.17
C PRO C 459 -9.11 -14.46 -33.51
N TRP C 460 -7.89 -14.98 -33.47
CA TRP C 460 -7.37 -15.82 -34.53
C TRP C 460 -7.68 -17.28 -34.18
N ILE C 461 -8.24 -18.02 -35.12
CA ILE C 461 -8.72 -19.39 -34.89
C ILE C 461 -7.76 -20.41 -35.48
N LEU C 462 -7.24 -21.31 -34.61
CA LEU C 462 -6.47 -22.47 -35.01
C LEU C 462 -7.44 -23.53 -35.54
N TYR C 463 -7.39 -23.80 -36.84
CA TYR C 463 -8.39 -24.67 -37.45
C TYR C 463 -8.19 -26.09 -36.97
N ARG C 464 -9.25 -26.85 -36.96
CA ARG C 464 -9.17 -28.20 -36.50
C ARG C 464 -8.32 -29.05 -37.43
N PRO C 465 -7.20 -29.55 -36.96
CA PRO C 465 -6.40 -30.40 -37.86
C PRO C 465 -7.10 -31.70 -38.18
N GLU C 466 -6.96 -32.15 -39.41
CA GLU C 466 -7.29 -33.51 -39.78
C GLU C 466 -6.01 -34.32 -39.92
N ASN C 467 -6.08 -35.59 -39.50
CA ASN C 467 -5.05 -36.57 -39.86
C ASN C 467 -3.67 -36.18 -39.33
N ARG C 468 -3.64 -35.60 -38.11
CA ARG C 468 -2.38 -35.20 -37.46
C ARG C 468 -1.47 -34.42 -38.42
N THR C 469 -2.09 -33.57 -39.23
CA THR C 469 -1.40 -32.68 -40.15
C THR C 469 -1.68 -31.25 -39.75
N THR C 470 -0.64 -30.45 -39.67
CA THR C 470 -0.83 -29.02 -39.49
C THR C 470 -1.68 -28.45 -40.62
N PRO C 471 -2.80 -27.82 -40.31
CA PRO C 471 -3.57 -27.14 -41.35
C PRO C 471 -2.77 -26.05 -42.03
N ASP C 472 -3.03 -25.86 -43.32
CA ASP C 472 -2.51 -24.73 -44.09
C ASP C 472 -3.65 -24.04 -44.80
N PRO C 473 -3.91 -22.75 -44.49
CA PRO C 473 -3.25 -21.93 -43.47
C PRO C 473 -3.47 -22.49 -42.04
N SER C 474 -2.54 -22.17 -41.14
CA SER C 474 -2.62 -22.72 -39.79
C SER C 474 -3.75 -22.07 -38.98
N CYS C 475 -3.97 -20.76 -39.16
CA CYS C 475 -5.02 -20.02 -38.52
C CYS C 475 -5.55 -18.91 -39.45
N GLY C 476 -6.74 -18.43 -39.14
CA GLY C 476 -7.28 -17.22 -39.74
C GLY C 476 -8.02 -16.41 -38.69
N ARG C 477 -8.11 -15.10 -38.93
CA ARG C 477 -8.93 -14.25 -38.10
C ARG C 477 -10.39 -14.68 -38.18
N ALA C 478 -11.04 -14.65 -37.03
CA ALA C 478 -12.47 -14.92 -36.97
C ALA C 478 -13.24 -13.80 -37.67
N MET C 479 -14.47 -14.13 -38.10
CA MET C 479 -15.38 -13.10 -38.62
C MET C 479 -15.77 -12.12 -37.54
N SER C 480 -16.00 -12.62 -36.34
CA SER C 480 -16.41 -11.73 -35.28
C SER C 480 -16.08 -12.42 -33.95
N MET C 481 -16.25 -11.67 -32.90
CA MET C 481 -16.05 -12.20 -31.54
C MET C 481 -17.19 -13.10 -31.05
N GLU C 482 -18.32 -13.21 -31.77
CA GLU C 482 -19.41 -14.06 -31.29
C GLU C 482 -19.01 -15.53 -31.17
N PRO C 483 -19.60 -16.24 -30.21
CA PRO C 483 -19.57 -17.71 -30.22
C PRO C 483 -20.31 -18.31 -31.40
N CYS C 484 -20.09 -19.60 -31.59
CA CYS C 484 -20.69 -20.36 -32.68
C CYS C 484 -21.76 -21.29 -32.13
N PHE C 485 -22.90 -21.38 -32.84
CA PHE C 485 -24.01 -22.32 -32.58
C PHE C 485 -23.69 -23.62 -33.33
N HIS C 486 -23.30 -24.64 -32.59
CA HIS C 486 -22.83 -25.89 -33.20
C HIS C 486 -23.93 -26.75 -33.81
N SER C 487 -25.20 -26.64 -33.37
CA SER C 487 -26.24 -27.58 -33.79
C SER C 487 -27.50 -26.87 -34.29
N PRO C 488 -27.37 -25.97 -35.25
CA PRO C 488 -28.52 -25.19 -35.69
C PRO C 488 -29.53 -26.03 -36.46
N PRO C 489 -30.77 -25.61 -36.52
CA PRO C 489 -31.70 -26.27 -37.42
C PRO C 489 -31.45 -25.81 -38.84
N PHE C 490 -31.74 -26.70 -39.79
CA PHE C 490 -31.62 -26.35 -41.20
C PHE C 490 -32.98 -26.51 -41.87
N TYR C 491 -33.95 -25.73 -41.43
CA TYR C 491 -35.33 -26.05 -41.67
C TYR C 491 -36.02 -24.76 -42.08
N ASP C 492 -36.85 -24.82 -43.12
CA ASP C 492 -37.69 -23.68 -43.51
C ASP C 492 -39.04 -23.89 -42.85
N CYS C 493 -39.40 -23.01 -41.90
CA CYS C 493 -40.62 -23.21 -41.11
C CYS C 493 -41.87 -23.07 -41.96
N LYS C 494 -41.84 -22.18 -42.95
CA LYS C 494 -43.01 -22.03 -43.82
C LYS C 494 -43.16 -23.22 -44.75
N ALA C 495 -42.09 -23.54 -45.48
CA ALA C 495 -42.20 -24.56 -46.50
C ALA C 495 -42.12 -25.95 -45.93
N LYS C 496 -41.57 -26.11 -44.72
CA LYS C 496 -41.44 -27.42 -44.04
C LYS C 496 -40.46 -28.38 -44.77
N THR C 497 -39.49 -27.83 -45.49
CA THR C 497 -38.38 -28.60 -46.07
C THR C 497 -37.06 -28.03 -45.59
N GLY C 498 -35.99 -28.83 -45.71
CA GLY C 498 -34.67 -28.37 -45.28
C GLY C 498 -34.25 -27.15 -46.09
N ILE C 499 -33.60 -26.20 -45.42
CA ILE C 499 -32.97 -25.06 -46.09
C ILE C 499 -31.64 -24.79 -45.40
N ASP C 500 -30.70 -24.15 -46.11
CA ASP C 500 -29.42 -23.77 -45.50
C ASP C 500 -29.61 -22.44 -44.77
N THR C 501 -29.74 -22.51 -43.42
CA THR C 501 -30.06 -21.32 -42.64
C THR C 501 -28.85 -20.40 -42.50
N GLY C 502 -27.68 -20.85 -42.92
CA GLY C 502 -26.57 -19.93 -43.05
C GLY C 502 -26.44 -19.20 -44.36
N THR C 503 -27.45 -19.23 -45.22
CA THR C 503 -27.44 -18.53 -46.50
C THR C 503 -28.64 -17.60 -46.63
N LEU C 504 -29.27 -17.22 -45.52
CA LEU C 504 -30.54 -16.53 -45.56
C LEU C 504 -30.38 -15.03 -45.44
N VAL C 505 -29.46 -14.58 -44.59
CA VAL C 505 -29.28 -13.16 -44.35
C VAL C 505 -27.80 -12.93 -44.15
N PRO C 506 -27.31 -11.74 -44.46
CA PRO C 506 -25.83 -11.56 -44.40
C PRO C 506 -25.24 -11.62 -42.98
N HIS C 507 -26.03 -11.49 -41.91
CA HIS C 507 -25.46 -11.43 -40.57
C HIS C 507 -25.55 -12.74 -39.79
N VAL C 508 -25.98 -13.81 -40.43
CA VAL C 508 -26.05 -15.12 -39.81
C VAL C 508 -25.33 -16.01 -40.80
N ARG C 509 -24.07 -16.41 -40.48
CA ARG C 509 -23.19 -17.12 -41.41
C ARG C 509 -22.69 -18.40 -40.80
N HIS C 510 -22.19 -19.28 -41.68
CA HIS C 510 -21.48 -20.46 -41.20
C HIS C 510 -20.24 -20.06 -40.41
N CYS C 511 -19.97 -20.78 -39.32
CA CYS C 511 -18.81 -20.53 -38.49
C CYS C 511 -17.49 -20.84 -39.23
N GLU C 512 -16.43 -20.12 -38.84
CA GLU C 512 -15.12 -20.38 -39.44
C GLU C 512 -14.58 -21.74 -39.08
N ASP C 513 -15.00 -22.33 -37.97
CA ASP C 513 -14.28 -23.50 -37.45
C ASP C 513 -15.05 -24.79 -37.59
N ILE C 514 -16.37 -24.71 -37.60
CA ILE C 514 -17.22 -25.88 -37.71
C ILE C 514 -18.26 -25.53 -38.78
N SER C 515 -18.06 -26.06 -39.99
CA SER C 515 -18.64 -25.41 -41.17
C SER C 515 -20.17 -25.48 -41.20
N TRP C 516 -20.79 -26.40 -40.44
CA TRP C 516 -22.25 -26.38 -40.38
C TRP C 516 -22.81 -25.54 -39.23
N GLY C 517 -21.97 -24.95 -38.36
CA GLY C 517 -22.47 -24.09 -37.29
C GLY C 517 -22.87 -22.72 -37.80
N LEU C 518 -23.58 -21.94 -36.97
CA LEU C 518 -23.98 -20.58 -37.35
C LEU C 518 -23.41 -19.58 -36.37
N LYS C 519 -23.14 -18.36 -36.84
CA LYS C 519 -22.76 -17.31 -35.90
C LYS C 519 -23.18 -15.94 -36.40
N LEU C 520 -23.28 -15.00 -35.48
CA LEU C 520 -23.60 -13.64 -35.88
C LEU C 520 -22.37 -12.89 -36.33
N VAL C 521 -22.46 -12.13 -37.42
N VAL C 521 -22.53 -12.05 -37.34
CA VAL C 521 -21.42 -11.19 -37.80
CA VAL C 521 -21.45 -11.17 -37.78
C VAL C 521 -21.95 -9.79 -38.09
C VAL C 521 -21.96 -9.76 -38.05
N GLY D 47 45.46 5.66 -32.03
CA GLY D 47 46.73 6.04 -31.45
C GLY D 47 46.72 7.41 -30.83
N VAL D 48 46.25 8.36 -31.60
CA VAL D 48 46.05 9.71 -31.17
C VAL D 48 44.98 9.84 -30.10
N PHE D 49 44.02 8.93 -30.14
CA PHE D 49 42.88 9.03 -29.28
C PHE D 49 42.78 7.82 -28.39
N PRO D 50 43.46 7.92 -27.27
CA PRO D 50 43.66 6.80 -26.37
C PRO D 50 42.37 6.37 -25.74
N ASN D 51 42.07 5.08 -25.77
CA ASN D 51 40.88 4.55 -25.10
C ASN D 51 41.17 4.19 -23.65
N VAL D 52 41.25 5.19 -22.78
CA VAL D 52 41.58 4.97 -21.37
C VAL D 52 40.34 4.51 -20.58
N THR D 53 40.51 4.15 -19.32
CA THR D 53 39.35 3.97 -18.44
C THR D 53 39.72 3.60 -17.02
N ASN D 54 38.78 3.82 -16.10
CA ASN D 54 38.93 3.43 -14.71
C ASN D 54 39.43 2.00 -14.63
N ILE D 55 40.61 1.83 -14.04
CA ILE D 55 41.28 0.54 -13.98
C ILE D 55 40.63 -0.37 -12.94
N ASN D 56 39.87 0.22 -12.03
CA ASN D 56 39.20 -0.56 -11.02
C ASN D 56 37.72 -0.26 -10.97
N SER D 57 37.11 -0.06 -12.14
CA SER D 57 35.71 0.34 -12.28
C SER D 57 34.74 -0.80 -12.12
N ASP D 58 33.51 -0.47 -11.77
CA ASP D 58 32.52 -1.49 -11.52
C ASP D 58 32.49 -2.59 -12.57
N LYS D 59 32.60 -2.25 -13.84
CA LYS D 59 32.70 -3.26 -14.85
C LYS D 59 33.84 -4.22 -14.58
N LEU D 60 34.86 -3.75 -13.89
CA LEU D 60 36.07 -4.53 -13.62
C LEU D 60 36.05 -5.16 -12.22
N LEU D 61 34.90 -5.07 -11.53
CA LEU D 61 34.70 -5.71 -10.23
C LEU D 61 35.81 -5.28 -9.26
N GLY D 62 36.00 -3.96 -9.16
CA GLY D 62 36.90 -3.37 -8.20
C GLY D 62 38.37 -3.54 -8.52
N GLY D 63 38.70 -3.86 -9.77
CA GLY D 63 40.04 -4.22 -10.13
C GLY D 63 40.28 -5.70 -10.24
N LEU D 64 39.28 -6.52 -9.92
CA LEU D 64 39.48 -7.96 -10.07
C LEU D 64 39.79 -8.28 -11.50
N LEU D 65 38.99 -7.73 -12.42
CA LEU D 65 39.14 -8.01 -13.82
C LEU D 65 40.08 -6.99 -14.47
N ALA D 66 40.67 -7.40 -15.56
CA ALA D 66 41.57 -6.59 -16.35
C ALA D 66 40.82 -5.94 -17.50
N SER D 67 41.05 -4.65 -17.67
CA SER D 67 40.44 -3.94 -18.80
C SER D 67 41.10 -4.36 -20.11
N GLY D 68 40.36 -4.14 -21.19
CA GLY D 68 40.90 -4.28 -22.52
C GLY D 68 40.56 -5.55 -23.25
N PHE D 69 39.64 -6.37 -22.74
CA PHE D 69 39.17 -7.48 -23.56
C PHE D 69 38.22 -6.95 -24.66
N ASP D 70 38.13 -7.70 -25.76
CA ASP D 70 37.12 -7.45 -26.78
C ASP D 70 35.73 -7.75 -26.21
N GLU D 71 34.96 -6.69 -25.93
CA GLU D 71 33.64 -6.84 -25.33
C GLU D 71 32.71 -7.74 -26.14
N ASP D 72 32.66 -7.56 -27.45
CA ASP D 72 31.64 -8.26 -28.25
C ASP D 72 31.86 -9.77 -28.23
N SER D 73 33.11 -10.22 -28.24
CA SER D 73 33.33 -11.66 -28.22
C SER D 73 33.01 -12.29 -26.86
N CYS D 74 32.95 -11.52 -25.79
CA CYS D 74 32.52 -12.06 -24.47
C CYS D 74 31.63 -11.03 -23.80
N LEU D 75 30.36 -10.94 -24.25
CA LEU D 75 29.46 -9.93 -23.72
C LEU D 75 29.38 -10.01 -22.20
N SER D 76 29.28 -11.22 -21.64
CA SER D 76 29.08 -11.33 -20.18
C SER D 76 30.15 -10.61 -19.38
N ARG D 77 31.41 -10.58 -19.89
CA ARG D 77 32.59 -10.28 -19.07
C ARG D 77 32.44 -8.95 -18.32
N TYR D 78 32.09 -7.89 -19.06
CA TYR D 78 31.92 -6.59 -18.45
C TYR D 78 30.46 -6.18 -18.28
N GLN D 79 29.54 -6.85 -18.94
CA GLN D 79 28.12 -6.53 -18.85
C GLN D 79 27.42 -7.14 -17.66
N SER D 80 28.09 -8.07 -16.99
CA SER D 80 27.46 -8.72 -15.85
C SER D 80 26.91 -7.69 -14.87
N VAL D 81 27.53 -6.52 -14.82
CA VAL D 81 27.24 -5.61 -13.73
C VAL D 81 25.79 -5.15 -13.77
N HIS D 82 25.28 -4.90 -14.96
CA HIS D 82 23.91 -4.50 -15.15
C HIS D 82 22.84 -5.46 -14.65
N TYR D 83 23.21 -6.69 -14.34
CA TYR D 83 22.29 -7.72 -13.86
C TYR D 83 22.50 -8.08 -12.40
N ARG D 84 23.61 -7.66 -11.82
CA ARG D 84 23.92 -8.03 -10.45
C ARG D 84 24.36 -6.87 -9.66
N LYS D 85 23.95 -6.86 -8.42
CA LYS D 85 24.37 -5.84 -7.49
C LYS D 85 25.85 -5.94 -7.40
N PRO D 86 26.55 -4.86 -7.09
CA PRO D 86 27.99 -4.95 -6.85
C PRO D 86 28.24 -5.60 -5.49
N SER D 87 29.24 -6.44 -5.47
CA SER D 87 29.54 -7.28 -4.31
C SER D 87 30.24 -6.46 -3.25
N PRO D 88 29.83 -6.55 -1.96
CA PRO D 88 30.53 -5.79 -0.91
C PRO D 88 31.93 -6.32 -0.61
N TYR D 89 32.34 -7.33 -1.32
CA TYR D 89 33.60 -7.99 -1.11
C TYR D 89 34.62 -7.46 -2.12
N LYS D 90 35.51 -6.56 -1.64
CA LYS D 90 36.52 -6.02 -2.54
C LYS D 90 37.77 -6.89 -2.52
N PRO D 91 38.28 -7.30 -3.67
CA PRO D 91 39.55 -8.01 -3.71
C PRO D 91 40.69 -7.15 -3.19
N SER D 92 41.55 -7.75 -2.38
CA SER D 92 42.70 -7.06 -1.81
C SER D 92 43.69 -6.62 -2.89
N SER D 93 44.42 -5.52 -2.62
CA SER D 93 45.41 -5.07 -3.60
C SER D 93 46.51 -6.12 -3.80
N TYR D 94 46.82 -6.88 -2.76
CA TYR D 94 47.75 -8.00 -2.93
C TYR D 94 47.23 -8.98 -3.99
N LEU D 95 45.95 -9.38 -3.87
CA LEU D 95 45.39 -10.32 -4.84
C LEU D 95 45.33 -9.70 -6.24
N ILE D 96 44.84 -8.46 -6.35
CA ILE D 96 44.83 -7.78 -7.65
C ILE D 96 46.22 -7.82 -8.28
N SER D 97 47.26 -7.59 -7.48
CA SER D 97 48.64 -7.67 -7.97
C SER D 97 48.99 -9.08 -8.44
N LYS D 98 48.67 -10.09 -7.62
CA LYS D 98 48.93 -11.48 -7.97
C LYS D 98 48.30 -11.83 -9.30
N LEU D 99 47.08 -11.33 -9.54
CA LEU D 99 46.39 -11.69 -10.76
C LEU D 99 47.01 -10.98 -11.96
N ARG D 100 47.26 -9.68 -11.84
CA ARG D 100 47.93 -8.97 -12.92
C ARG D 100 49.28 -9.61 -13.18
N ASN D 101 49.97 -10.03 -12.09
CA ASN D 101 51.25 -10.71 -12.29
C ASN D 101 51.07 -12.10 -12.85
N TYR D 102 49.98 -12.78 -12.51
CA TYR D 102 49.77 -14.07 -13.15
C TYR D 102 49.59 -13.85 -14.65
N GLU D 103 48.97 -12.73 -15.05
CA GLU D 103 48.74 -12.49 -16.48
C GLU D 103 50.09 -12.28 -17.21
N LYS D 104 51.01 -11.52 -16.61
CA LYS D 104 52.38 -11.43 -17.15
C LYS D 104 52.99 -12.80 -17.34
N LEU D 105 52.86 -13.66 -16.32
CA LEU D 105 53.51 -14.97 -16.38
C LEU D 105 52.87 -15.88 -17.42
N HIS D 106 51.53 -15.85 -17.52
CA HIS D 106 50.85 -16.58 -18.60
C HIS D 106 51.26 -16.07 -20.00
N LYS D 107 51.43 -14.75 -20.15
CA LYS D 107 51.98 -14.24 -21.42
C LYS D 107 53.36 -14.83 -21.72
N ARG D 108 54.26 -14.80 -20.74
CA ARG D 108 55.62 -15.29 -20.96
C ARG D 108 55.66 -16.79 -21.25
N CYS D 109 54.87 -17.59 -20.54
CA CYS D 109 55.01 -19.04 -20.64
C CYS D 109 53.84 -19.75 -21.28
N GLY D 110 52.77 -19.04 -21.62
CA GLY D 110 51.54 -19.63 -22.11
C GLY D 110 51.65 -20.40 -23.43
N PRO D 111 50.59 -21.10 -23.80
CA PRO D 111 50.63 -21.91 -25.04
C PRO D 111 50.90 -21.04 -26.26
N GLY D 112 51.80 -21.51 -27.11
CA GLY D 112 52.16 -20.78 -28.31
C GLY D 112 53.39 -19.90 -28.19
N THR D 113 53.87 -19.68 -26.98
CA THR D 113 55.08 -18.89 -26.84
C THR D 113 56.29 -19.77 -27.10
N GLU D 114 57.45 -19.10 -27.22
CA GLU D 114 58.68 -19.85 -27.41
C GLU D 114 59.05 -20.59 -26.12
N SER D 115 58.96 -19.90 -24.97
CA SER D 115 59.23 -20.58 -23.72
C SER D 115 58.41 -21.88 -23.60
N TYR D 116 57.15 -21.84 -24.06
CA TYR D 116 56.27 -23.00 -23.95
C TYR D 116 56.80 -24.17 -24.78
N LYS D 117 57.16 -23.90 -26.04
CA LYS D 117 57.73 -24.92 -26.92
C LYS D 117 59.01 -25.49 -26.32
N LYS D 118 59.87 -24.61 -25.78
CA LYS D 118 61.05 -25.07 -25.07
C LYS D 118 60.67 -26.02 -23.93
N ALA D 119 59.83 -25.53 -23.01
CA ALA D 119 59.38 -26.33 -21.87
C ALA D 119 58.86 -27.72 -22.31
N LEU D 120 58.22 -27.81 -23.48
CA LEU D 120 57.65 -29.09 -23.92
C LEU D 120 58.71 -30.17 -24.12
N LYS D 121 59.93 -29.77 -24.51
CA LYS D 121 60.98 -30.76 -24.73
C LYS D 121 61.31 -31.55 -23.46
N GLN D 122 61.10 -30.95 -22.28
CA GLN D 122 61.31 -31.66 -21.02
C GLN D 122 60.48 -32.95 -20.92
N LEU D 123 59.29 -32.97 -21.51
CA LEU D 123 58.49 -34.20 -21.48
C LEU D 123 59.10 -35.33 -22.29
N ASP D 124 59.98 -35.04 -23.25
CA ASP D 124 60.60 -36.09 -24.06
C ASP D 124 61.44 -37.02 -23.22
N GLN D 125 62.29 -36.41 -22.42
CA GLN D 125 63.13 -37.06 -21.43
C GLN D 125 62.39 -37.49 -20.18
N GLU D 126 62.88 -38.54 -19.51
CA GLU D 126 62.21 -38.95 -18.28
C GLU D 126 62.58 -38.08 -17.07
N HIS D 127 63.71 -37.35 -17.15
CA HIS D 127 64.20 -36.49 -16.07
C HIS D 127 64.70 -35.18 -16.66
N ILE D 128 64.72 -34.14 -15.84
CA ILE D 128 65.07 -32.80 -16.29
C ILE D 128 66.52 -32.44 -16.01
N GLY D 132 65.03 -24.41 -15.40
CA GLY D 132 63.85 -24.33 -16.22
C GLY D 132 63.27 -22.95 -16.03
N GLU D 133 62.67 -22.38 -17.08
CA GLU D 133 62.13 -21.03 -16.98
C GLU D 133 60.62 -20.89 -16.71
N CYS D 134 59.88 -21.96 -16.89
CA CYS D 134 58.43 -22.00 -16.82
C CYS D 134 57.98 -23.30 -16.17
N LYS D 135 57.00 -23.24 -15.27
CA LYS D 135 56.41 -24.44 -14.70
C LYS D 135 54.87 -24.39 -14.88
N TYR D 136 54.27 -25.56 -14.97
CA TYR D 136 52.88 -25.68 -15.32
C TYR D 136 52.08 -26.60 -14.42
N VAL D 137 50.79 -26.34 -14.33
CA VAL D 137 49.84 -27.37 -13.90
C VAL D 137 48.73 -27.43 -14.93
N VAL D 138 48.40 -28.64 -15.35
CA VAL D 138 47.38 -28.93 -16.33
C VAL D 138 46.23 -29.57 -15.58
N TRP D 139 45.03 -29.04 -15.79
CA TRP D 139 43.81 -29.56 -15.16
C TRP D 139 43.04 -30.39 -16.18
N ILE D 140 42.78 -31.63 -15.85
CA ILE D 140 42.09 -32.53 -16.75
C ILE D 140 40.58 -32.30 -16.61
N SER D 141 39.88 -32.26 -17.75
CA SER D 141 38.43 -32.11 -17.74
C SER D 141 37.82 -33.42 -17.28
N PHE D 142 37.04 -33.34 -16.22
CA PHE D 142 36.71 -34.55 -15.49
C PHE D 142 35.53 -34.21 -14.60
N SER D 143 34.54 -35.09 -14.58
CA SER D 143 33.40 -35.02 -13.65
C SER D 143 32.36 -34.00 -14.08
N GLY D 144 31.40 -33.69 -13.20
CA GLY D 144 30.30 -32.84 -13.61
C GLY D 144 30.67 -31.36 -13.56
N LEU D 145 29.80 -30.54 -14.15
CA LEU D 145 30.07 -29.11 -14.33
C LEU D 145 30.33 -28.38 -13.02
N GLY D 146 29.44 -28.55 -12.03
CA GLY D 146 29.73 -28.02 -10.69
C GLY D 146 31.11 -28.40 -10.18
N ASN D 147 31.46 -29.68 -10.25
CA ASN D 147 32.78 -30.10 -9.76
C ASN D 147 33.91 -29.50 -10.58
N ARG D 148 33.67 -29.32 -11.89
CA ARG D 148 34.72 -28.78 -12.74
C ARG D 148 34.97 -27.34 -12.41
N ILE D 149 33.90 -26.58 -12.20
CA ILE D 149 34.08 -25.19 -11.85
C ILE D 149 34.90 -25.07 -10.57
N LEU D 150 34.49 -25.82 -9.52
CA LEU D 150 35.19 -25.71 -8.21
C LEU D 150 36.60 -26.26 -8.23
N SER D 151 36.81 -27.40 -8.87
CA SER D 151 38.13 -27.99 -8.88
C SER D 151 39.12 -27.15 -9.70
N LEU D 152 38.63 -26.50 -10.76
CA LEU D 152 39.48 -25.65 -11.60
C LEU D 152 39.84 -24.37 -10.86
N ALA D 153 38.88 -23.76 -10.14
CA ALA D 153 39.25 -22.62 -9.31
C ALA D 153 40.29 -23.03 -8.28
N SER D 154 40.16 -24.24 -7.74
CA SER D 154 41.15 -24.72 -6.77
C SER D 154 42.52 -24.90 -7.44
N VAL D 155 42.56 -25.56 -8.60
CA VAL D 155 43.86 -25.77 -9.26
C VAL D 155 44.45 -24.42 -9.66
N PHE D 156 43.59 -23.45 -10.01
CA PHE D 156 44.10 -22.11 -10.28
C PHE D 156 44.80 -21.50 -9.06
N LEU D 157 44.14 -21.52 -7.89
CA LEU D 157 44.78 -21.04 -6.66
C LEU D 157 46.12 -21.74 -6.43
N TYR D 158 46.12 -23.07 -6.52
CA TYR D 158 47.36 -23.84 -6.42
C TYR D 158 48.43 -23.25 -7.34
N ALA D 159 48.07 -23.01 -8.63
CA ALA D 159 49.02 -22.43 -9.58
C ALA D 159 49.53 -21.11 -9.08
N LEU D 160 48.64 -20.26 -8.56
CA LEU D 160 49.08 -18.98 -8.01
C LEU D 160 50.06 -19.21 -6.87
N LEU D 161 49.84 -20.25 -6.07
CA LEU D 161 50.65 -20.50 -4.89
C LEU D 161 52.02 -21.09 -5.24
N THR D 162 52.17 -21.67 -6.43
CA THR D 162 53.38 -22.39 -6.77
C THR D 162 54.07 -21.77 -7.97
N ASP D 163 53.64 -20.57 -8.38
CA ASP D 163 54.23 -19.85 -9.51
C ASP D 163 54.19 -20.68 -10.79
N ARG D 164 53.11 -21.42 -10.97
CA ARG D 164 52.92 -22.15 -12.22
C ARG D 164 51.89 -21.47 -13.11
N VAL D 165 51.93 -21.89 -14.38
CA VAL D 165 50.98 -21.54 -15.41
C VAL D 165 49.87 -22.57 -15.41
N LEU D 166 48.63 -22.11 -15.40
CA LEU D 166 47.47 -23.00 -15.56
C LEU D 166 47.13 -23.27 -17.05
N LEU D 167 47.00 -24.54 -17.42
CA LEU D 167 46.44 -24.89 -18.71
C LEU D 167 45.25 -25.80 -18.50
N VAL D 168 44.19 -25.56 -19.26
CA VAL D 168 42.90 -26.18 -19.09
C VAL D 168 42.64 -27.13 -20.25
N ASP D 169 42.63 -28.43 -19.97
CA ASP D 169 42.04 -29.42 -20.86
C ASP D 169 40.58 -29.08 -21.19
N ARG D 170 40.29 -28.75 -22.47
CA ARG D 170 38.99 -28.19 -22.81
C ARG D 170 37.92 -29.26 -22.79
N GLY D 171 38.30 -30.54 -22.83
CA GLY D 171 37.29 -31.60 -22.81
C GLY D 171 36.30 -31.41 -23.95
N LYS D 172 35.02 -31.77 -23.69
CA LYS D 172 33.99 -31.67 -24.69
C LYS D 172 33.57 -30.22 -24.91
N ASP D 173 33.63 -29.38 -23.88
CA ASP D 173 32.87 -28.15 -23.92
C ASP D 173 33.37 -26.91 -23.21
N MET D 174 34.58 -26.93 -22.61
CA MET D 174 34.88 -25.81 -21.72
C MET D 174 34.94 -24.49 -22.49
N ASP D 175 35.39 -24.51 -23.76
CA ASP D 175 35.42 -23.23 -24.45
C ASP D 175 34.09 -22.91 -25.12
N ASP D 176 33.11 -23.82 -25.09
CA ASP D 176 31.70 -23.50 -25.39
C ASP D 176 30.98 -22.81 -24.25
N LEU D 177 31.49 -22.97 -23.03
CA LEU D 177 30.78 -22.50 -21.85
C LEU D 177 31.39 -21.24 -21.28
N PHE D 178 32.73 -21.09 -21.39
CA PHE D 178 33.50 -20.07 -20.68
C PHE D 178 34.36 -19.30 -21.67
N CYS D 179 34.52 -18.02 -21.43
CA CYS D 179 35.39 -17.18 -22.22
C CYS D 179 36.84 -17.31 -21.72
N GLU D 180 37.75 -16.71 -22.51
CA GLU D 180 39.16 -16.63 -22.12
C GLU D 180 39.30 -15.72 -20.91
N PRO D 181 39.87 -16.21 -19.78
CA PRO D 181 40.04 -15.34 -18.61
C PRO D 181 41.33 -14.55 -18.58
N PHE D 182 42.37 -14.94 -19.34
CA PHE D 182 43.69 -14.33 -19.17
C PHE D 182 43.96 -13.39 -20.34
N LEU D 183 44.06 -12.09 -20.05
CA LEU D 183 44.23 -11.06 -21.07
C LEU D 183 45.41 -11.32 -21.98
N GLY D 184 45.15 -11.40 -23.27
CA GLY D 184 46.21 -11.57 -24.24
C GLY D 184 46.50 -13.00 -24.66
N MET D 185 45.99 -13.99 -23.95
CA MET D 185 46.34 -15.37 -24.24
C MET D 185 45.16 -16.32 -24.19
N SER D 186 45.39 -17.56 -24.54
CA SER D 186 44.42 -18.63 -24.29
C SER D 186 44.84 -19.43 -23.04
N TRP D 187 43.85 -19.80 -22.19
CA TRP D 187 44.13 -20.71 -21.07
C TRP D 187 43.98 -22.14 -21.48
N LEU D 188 43.63 -22.40 -22.72
CA LEU D 188 43.38 -23.78 -23.09
C LEU D 188 44.68 -24.50 -23.40
N LEU D 189 44.76 -25.74 -22.93
CA LEU D 189 45.83 -26.65 -23.31
C LEU D 189 45.79 -26.85 -24.84
N PRO D 190 46.94 -26.74 -25.55
CA PRO D 190 46.90 -26.95 -27.00
C PRO D 190 46.44 -28.38 -27.30
N LEU D 191 45.71 -28.52 -28.41
CA LEU D 191 45.13 -29.82 -28.75
C LEU D 191 46.18 -30.84 -29.20
N ASP D 192 47.37 -30.37 -29.63
CA ASP D 192 48.52 -31.24 -29.90
C ASP D 192 49.43 -31.43 -28.68
N PHE D 193 48.96 -31.21 -27.47
CA PHE D 193 49.77 -31.49 -26.28
C PHE D 193 50.18 -32.96 -26.27
N PRO D 194 51.48 -33.25 -26.04
CA PRO D 194 52.00 -34.63 -26.17
C PRO D 194 51.29 -35.69 -25.39
N MET D 195 50.86 -35.39 -24.15
CA MET D 195 50.32 -36.34 -23.17
C MET D 195 48.77 -36.44 -23.14
N THR D 196 48.07 -35.64 -23.93
CA THR D 196 46.61 -35.55 -23.86
C THR D 196 45.93 -36.91 -23.96
N ASP D 197 46.45 -37.77 -24.85
CA ASP D 197 45.87 -39.08 -25.09
C ASP D 197 45.87 -40.01 -23.88
N GLN D 198 46.70 -39.71 -22.90
CA GLN D 198 46.80 -40.50 -21.68
C GLN D 198 45.84 -40.07 -20.58
N PHE D 199 45.28 -38.85 -20.64
CA PHE D 199 44.52 -38.29 -19.52
C PHE D 199 43.48 -39.26 -19.03
N ASP D 200 42.85 -39.95 -19.93
CA ASP D 200 41.81 -40.87 -19.57
C ASP D 200 42.27 -42.07 -18.76
N GLY D 201 43.49 -42.55 -19.02
CA GLY D 201 44.00 -43.71 -18.31
C GLY D 201 44.54 -43.35 -16.94
N LEU D 202 45.20 -42.20 -16.79
CA LEU D 202 45.87 -41.83 -15.55
C LEU D 202 44.99 -42.14 -14.34
N ASN D 203 45.57 -42.81 -13.35
CA ASN D 203 44.90 -43.06 -12.09
C ASN D 203 45.88 -43.51 -11.02
N GLN D 204 45.37 -44.02 -9.91
CA GLN D 204 46.21 -44.25 -8.75
C GLN D 204 47.34 -45.24 -9.00
N GLU D 205 47.21 -46.14 -9.99
CA GLU D 205 48.21 -47.16 -10.29
C GLU D 205 49.16 -46.75 -11.41
N SER D 206 48.85 -45.67 -12.13
CA SER D 206 49.82 -45.09 -13.06
C SER D 206 51.16 -44.86 -12.35
N SER D 207 52.24 -45.16 -13.07
CA SER D 207 53.57 -45.08 -12.48
C SER D 207 54.06 -43.64 -12.36
N ARG D 208 53.38 -42.71 -12.99
CA ARG D 208 53.73 -41.31 -12.77
C ARG D 208 52.84 -40.66 -11.72
N CYS D 209 51.90 -41.42 -11.19
CA CYS D 209 51.05 -40.96 -10.09
C CYS D 209 51.86 -40.80 -8.81
N TYR D 210 51.86 -39.57 -8.26
CA TYR D 210 52.72 -39.28 -7.12
C TYR D 210 52.32 -40.14 -5.91
N GLY D 211 51.03 -40.41 -5.74
CA GLY D 211 50.62 -41.32 -4.69
C GLY D 211 51.21 -42.72 -4.87
N TYR D 212 51.16 -43.23 -6.08
CA TYR D 212 51.74 -44.51 -6.36
C TYR D 212 53.20 -44.51 -5.95
N MET D 213 53.91 -43.49 -6.38
CA MET D 213 55.31 -43.42 -6.11
C MET D 213 55.59 -43.40 -4.63
N VAL D 214 54.74 -42.74 -3.86
CA VAL D 214 54.94 -42.70 -2.41
C VAL D 214 54.66 -44.06 -1.79
N LYS D 215 53.63 -44.71 -2.27
CA LYS D 215 53.13 -46.01 -1.76
C LYS D 215 54.18 -47.09 -1.97
N ASN D 216 54.56 -47.27 -3.21
CA ASN D 216 55.60 -48.21 -3.58
C ASN D 216 56.97 -47.65 -3.32
N GLN D 217 57.06 -46.69 -2.43
CA GLN D 217 58.34 -46.19 -1.96
C GLN D 217 59.42 -46.02 -3.05
N VAL D 218 59.08 -45.40 -4.17
CA VAL D 218 60.03 -45.19 -5.25
C VAL D 218 60.86 -43.93 -5.01
N GLY D 223 68.04 -37.32 -10.05
CA GLY D 223 67.55 -36.12 -10.71
C GLY D 223 66.05 -35.87 -10.56
N THR D 224 65.62 -34.71 -11.01
CA THR D 224 64.22 -34.31 -10.90
C THR D 224 63.38 -34.85 -12.05
N LEU D 225 62.13 -35.15 -11.74
CA LEU D 225 61.24 -35.66 -12.74
C LEU D 225 60.73 -34.56 -13.61
N SER D 226 60.39 -34.92 -14.81
CA SER D 226 59.92 -33.96 -15.80
C SER D 226 58.44 -33.63 -15.63
N HIS D 227 57.67 -34.64 -15.27
CA HIS D 227 56.26 -34.48 -15.03
C HIS D 227 55.79 -35.41 -13.94
N LEU D 228 54.64 -35.07 -13.38
CA LEU D 228 54.00 -35.80 -12.31
C LEU D 228 52.47 -35.77 -12.43
N TYR D 229 51.83 -36.92 -12.33
CA TYR D 229 50.39 -37.01 -12.22
C TYR D 229 49.95 -36.97 -10.75
N LEU D 230 49.04 -36.04 -10.40
CA LEU D 230 48.51 -35.92 -9.03
C LEU D 230 47.05 -36.33 -9.01
N HIS D 231 46.76 -37.46 -8.37
CA HIS D 231 45.40 -37.98 -8.30
C HIS D 231 44.70 -37.32 -7.11
N LEU D 232 43.74 -36.42 -7.42
CA LEU D 232 43.02 -35.67 -6.40
C LEU D 232 41.53 -35.84 -6.60
N VAL D 233 41.14 -36.99 -7.15
CA VAL D 233 39.75 -37.36 -7.27
C VAL D 233 39.23 -37.79 -5.90
N HIS D 234 37.91 -37.78 -5.70
CA HIS D 234 37.38 -38.06 -4.37
C HIS D 234 37.73 -39.45 -3.88
N ASP D 235 38.04 -40.40 -4.78
CA ASP D 235 38.34 -41.76 -4.35
C ASP D 235 39.78 -41.94 -3.93
N TYR D 236 40.55 -40.86 -3.77
CA TYR D 236 41.99 -41.00 -3.57
C TYR D 236 42.32 -41.55 -2.19
N GLY D 237 43.56 -42.01 -2.03
CA GLY D 237 43.97 -42.72 -0.83
C GLY D 237 44.87 -41.90 0.07
N ASP D 238 45.41 -42.58 1.11
CA ASP D 238 46.34 -41.97 2.07
C ASP D 238 47.58 -41.44 1.38
N HIS D 239 48.10 -42.19 0.43
CA HIS D 239 49.33 -41.71 -0.19
C HIS D 239 49.09 -40.53 -1.15
N ASP D 240 48.02 -40.58 -1.96
CA ASP D 240 47.58 -39.41 -2.74
C ASP D 240 47.43 -38.16 -1.90
N LYS D 241 46.87 -38.31 -0.69
CA LYS D 241 46.60 -37.18 0.20
C LYS D 241 47.85 -36.52 0.74
N MET D 242 49.00 -37.19 0.59
CA MET D 242 50.27 -36.57 0.96
C MET D 242 50.54 -35.29 0.18
N PHE D 243 49.81 -35.09 -0.95
CA PHE D 243 49.82 -33.80 -1.62
C PHE D 243 49.59 -32.65 -0.66
N PHE D 244 48.81 -32.85 0.43
CA PHE D 244 48.50 -31.75 1.35
C PHE D 244 49.49 -31.61 2.49
N CYS D 245 50.72 -32.13 2.32
CA CYS D 245 51.77 -31.96 3.31
C CYS D 245 52.94 -31.14 2.74
N GLU D 246 53.52 -30.34 3.63
CA GLU D 246 54.61 -29.42 3.32
C GLU D 246 55.83 -30.13 2.65
N GLY D 247 56.24 -31.31 3.16
CA GLY D 247 57.41 -31.98 2.59
C GLY D 247 57.13 -32.43 1.17
N ASP D 248 55.91 -32.88 0.92
CA ASP D 248 55.57 -33.30 -0.42
C ASP D 248 55.50 -32.11 -1.35
N GLN D 249 54.98 -30.99 -0.86
CA GLN D 249 54.92 -29.80 -1.69
C GLN D 249 56.32 -29.38 -2.14
N THR D 250 57.31 -29.62 -1.28
CA THR D 250 58.70 -29.23 -1.54
C THR D 250 59.28 -30.06 -2.68
N PHE D 251 59.08 -31.38 -2.61
CA PHE D 251 59.43 -32.24 -3.73
C PHE D 251 58.68 -31.83 -5.00
N ILE D 252 57.33 -31.90 -4.95
CA ILE D 252 56.46 -31.62 -6.10
C ILE D 252 56.83 -30.30 -6.76
N GLY D 253 57.24 -29.32 -5.97
CA GLY D 253 57.50 -28.01 -6.54
C GLY D 253 58.70 -27.95 -7.46
N LYS D 254 59.51 -29.03 -7.51
CA LYS D 254 60.64 -29.07 -8.43
C LYS D 254 60.22 -29.52 -9.81
N VAL D 255 59.12 -30.27 -9.89
CA VAL D 255 58.69 -30.88 -11.13
C VAL D 255 58.03 -29.83 -12.04
N PRO D 256 58.52 -29.68 -13.27
CA PRO D 256 58.00 -28.58 -14.13
C PRO D 256 56.58 -28.79 -14.62
N TRP D 257 56.16 -30.02 -14.88
CA TRP D 257 54.85 -30.28 -15.42
C TRP D 257 54.06 -31.12 -14.42
N LEU D 258 52.97 -30.58 -13.88
CA LEU D 258 52.05 -31.38 -13.10
C LEU D 258 50.79 -31.59 -13.90
N ILE D 259 50.27 -32.80 -13.89
CA ILE D 259 49.00 -33.13 -14.49
C ILE D 259 48.06 -33.48 -13.34
N VAL D 260 46.88 -32.84 -13.27
CA VAL D 260 45.93 -32.98 -12.17
C VAL D 260 44.58 -33.47 -12.67
N LYS D 261 44.08 -34.54 -12.07
CA LYS D 261 42.70 -34.96 -12.20
C LYS D 261 42.03 -34.82 -10.83
N THR D 262 40.97 -34.02 -10.75
CA THR D 262 40.35 -33.77 -9.46
C THR D 262 38.88 -33.42 -9.68
N ASP D 263 38.05 -33.74 -8.66
CA ASP D 263 36.66 -33.36 -8.67
C ASP D 263 36.26 -32.65 -7.38
N ASN D 264 37.22 -32.14 -6.60
CA ASN D 264 36.88 -31.57 -5.30
C ASN D 264 37.31 -30.12 -5.28
N TYR D 265 36.64 -29.32 -4.46
CA TYR D 265 37.05 -27.97 -4.08
C TYR D 265 38.05 -28.11 -2.93
N PHE D 266 39.32 -28.34 -3.24
CA PHE D 266 40.34 -28.60 -2.23
C PHE D 266 40.96 -27.38 -1.56
N VAL D 267 40.44 -26.20 -1.86
CA VAL D 267 41.03 -25.00 -1.30
C VAL D 267 41.30 -25.09 0.24
N PRO D 268 40.32 -25.46 1.08
CA PRO D 268 40.53 -25.34 2.53
C PRO D 268 41.84 -25.97 3.02
N SER D 269 42.20 -27.17 2.55
CA SER D 269 43.37 -27.86 3.04
C SER D 269 44.66 -27.18 2.61
N LEU D 270 44.61 -26.37 1.54
CA LEU D 270 45.76 -25.56 1.19
C LEU D 270 46.15 -24.66 2.35
N TRP D 271 45.14 -24.10 3.05
CA TRP D 271 45.39 -23.19 4.14
C TRP D 271 46.08 -23.86 5.32
N LEU D 272 46.12 -25.18 5.40
CA LEU D 272 46.77 -25.85 6.50
C LEU D 272 48.19 -26.29 6.14
N ILE D 273 48.76 -25.76 5.06
CA ILE D 273 50.13 -26.07 4.63
C ILE D 273 51.03 -24.88 4.91
N PRO D 274 52.10 -25.03 5.72
CA PRO D 274 52.97 -23.88 6.02
C PRO D 274 53.58 -23.30 4.76
N GLY D 275 53.70 -21.98 4.73
CA GLY D 275 54.13 -21.32 3.54
C GLY D 275 52.94 -20.85 2.71
N PHE D 276 52.10 -21.80 2.29
CA PHE D 276 50.85 -21.41 1.65
C PHE D 276 50.02 -20.56 2.60
N ASP D 277 50.01 -20.92 3.90
CA ASP D 277 49.15 -20.21 4.86
C ASP D 277 49.47 -18.72 4.91
N ASP D 278 50.76 -18.36 4.92
CA ASP D 278 51.12 -16.96 5.01
C ASP D 278 50.74 -16.20 3.75
N GLU D 279 50.92 -16.84 2.59
CA GLU D 279 50.58 -16.23 1.31
C GLU D 279 49.06 -16.09 1.14
N LEU D 280 48.32 -17.16 1.41
CA LEU D 280 46.87 -17.12 1.41
C LEU D 280 46.31 -16.04 2.33
N ASN D 281 46.94 -15.82 3.47
CA ASN D 281 46.45 -14.83 4.39
C ASN D 281 46.55 -13.41 3.82
N LYS D 282 47.54 -13.18 2.95
CA LYS D 282 47.66 -11.88 2.30
C LYS D 282 46.74 -11.76 1.09
N LEU D 283 46.50 -12.87 0.41
CA LEU D 283 45.69 -12.82 -0.80
C LEU D 283 44.22 -12.59 -0.44
N PHE D 284 43.80 -13.11 0.72
CA PHE D 284 42.39 -13.22 1.12
C PHE D 284 42.25 -12.75 2.57
N PRO D 285 42.39 -11.43 2.80
CA PRO D 285 42.19 -10.89 4.16
C PRO D 285 40.86 -11.34 4.73
N GLN D 286 39.79 -11.24 3.96
CA GLN D 286 38.54 -11.91 4.28
C GLN D 286 38.68 -13.33 3.77
N LYS D 287 38.82 -14.29 4.69
CA LYS D 287 39.27 -15.61 4.33
C LYS D 287 38.24 -16.40 3.52
N ALA D 288 36.94 -16.16 3.78
CA ALA D 288 35.87 -16.88 3.09
C ALA D 288 35.45 -16.22 1.77
N THR D 289 36.37 -15.55 1.07
CA THR D 289 36.11 -14.98 -0.26
C THR D 289 36.90 -15.66 -1.38
N VAL D 290 37.56 -16.79 -1.12
CA VAL D 290 38.46 -17.38 -2.13
C VAL D 290 37.70 -17.68 -3.41
N PHE D 291 36.67 -18.55 -3.32
CA PHE D 291 35.96 -18.89 -4.54
C PHE D 291 35.17 -17.69 -5.09
N HIS D 292 34.67 -16.80 -4.23
CA HIS D 292 33.97 -15.62 -4.76
C HIS D 292 34.90 -14.76 -5.61
N HIS D 293 36.13 -14.54 -5.15
CA HIS D 293 37.04 -13.77 -6.03
C HIS D 293 37.53 -14.59 -7.22
N LEU D 294 38.09 -15.77 -6.97
CA LEU D 294 38.68 -16.50 -8.08
C LEU D 294 37.64 -16.99 -9.07
N GLY D 295 36.42 -17.31 -8.61
CA GLY D 295 35.40 -17.78 -9.52
C GLY D 295 34.91 -16.66 -10.44
N ARG D 296 34.71 -15.45 -9.89
CA ARG D 296 34.31 -14.34 -10.74
C ARG D 296 35.44 -13.91 -11.66
N TYR D 297 36.70 -14.15 -11.25
CA TYR D 297 37.81 -13.85 -12.13
C TYR D 297 37.91 -14.85 -13.27
N LEU D 298 37.78 -16.13 -12.98
CA LEU D 298 37.94 -17.17 -14.00
C LEU D 298 36.81 -17.40 -14.99
N PHE D 299 35.55 -17.25 -14.55
CA PHE D 299 34.38 -17.88 -15.17
C PHE D 299 33.43 -16.79 -15.70
N HIS D 300 33.47 -16.64 -17.01
CA HIS D 300 32.64 -15.69 -17.75
C HIS D 300 31.94 -16.55 -18.78
N PRO D 301 30.61 -16.70 -18.68
CA PRO D 301 29.88 -17.48 -19.68
C PRO D 301 30.03 -16.88 -21.08
N THR D 302 30.07 -17.76 -22.08
CA THR D 302 30.10 -17.36 -23.50
C THR D 302 28.76 -16.71 -23.91
N ASN D 303 28.80 -16.06 -25.09
CA ASN D 303 27.66 -15.29 -25.56
C ASN D 303 26.42 -16.15 -25.67
N GLN D 304 26.61 -17.38 -26.14
CA GLN D 304 25.52 -18.35 -26.20
C GLN D 304 24.89 -18.55 -24.81
N VAL D 305 25.71 -18.87 -23.82
CA VAL D 305 25.20 -19.09 -22.45
C VAL D 305 24.64 -17.78 -21.88
N TRP D 306 25.37 -16.69 -22.07
CA TRP D 306 24.93 -15.43 -21.49
C TRP D 306 23.55 -14.99 -22.04
N GLY D 307 23.24 -15.37 -23.29
CA GLY D 307 21.90 -15.14 -23.82
C GLY D 307 20.79 -15.90 -23.07
N LEU D 308 21.08 -17.14 -22.68
CA LEU D 308 20.14 -17.89 -21.88
C LEU D 308 19.91 -17.13 -20.57
N VAL D 309 20.98 -16.53 -20.04
CA VAL D 309 20.88 -15.85 -18.75
C VAL D 309 20.05 -14.58 -18.91
N THR D 310 20.44 -13.71 -19.84
CA THR D 310 19.79 -12.42 -19.98
C THR D 310 18.34 -12.55 -20.47
N ARG D 311 18.03 -13.57 -21.27
CA ARG D 311 16.65 -13.66 -21.77
C ARG D 311 15.71 -14.18 -20.68
N TYR D 312 16.18 -15.17 -19.90
CA TYR D 312 15.38 -15.64 -18.78
C TYR D 312 15.16 -14.52 -17.79
N TYR D 313 16.25 -13.81 -17.46
CA TYR D 313 16.19 -12.72 -16.48
C TYR D 313 15.23 -11.63 -16.95
N GLU D 314 15.40 -11.18 -18.19
N GLU D 314 15.35 -11.21 -18.20
CA GLU D 314 14.54 -10.15 -18.78
CA GLU D 314 14.52 -10.11 -18.69
C GLU D 314 13.07 -10.55 -18.72
C GLU D 314 13.05 -10.50 -18.82
N ALA D 315 12.77 -11.75 -19.21
CA ALA D 315 11.39 -12.18 -19.38
C ALA D 315 10.68 -12.39 -18.05
N TYR D 316 11.38 -12.92 -17.05
CA TYR D 316 10.67 -13.44 -15.87
C TYR D 316 11.06 -12.84 -14.55
N LEU D 317 12.27 -12.27 -14.42
CA LEU D 317 12.77 -11.95 -13.08
C LEU D 317 12.95 -10.46 -12.82
N SER D 318 13.09 -9.65 -13.89
CA SER D 318 13.57 -8.28 -13.78
C SER D 318 12.56 -7.38 -13.10
N HIS D 319 11.27 -7.69 -13.18
CA HIS D 319 10.27 -6.78 -12.65
C HIS D 319 10.08 -6.94 -11.14
N ALA D 320 10.72 -7.90 -10.47
CA ALA D 320 10.42 -8.13 -9.06
C ALA D 320 11.18 -7.18 -8.15
N ASP D 321 10.59 -6.92 -6.99
CA ASP D 321 11.26 -6.13 -5.96
C ASP D 321 12.37 -6.93 -5.29
N GLU D 322 12.17 -8.24 -5.19
CA GLU D 322 13.09 -9.11 -4.50
C GLU D 322 13.00 -10.43 -5.23
N LYS D 323 14.17 -11.10 -5.37
CA LYS D 323 14.30 -12.42 -5.98
C LYS D 323 14.83 -13.42 -4.95
N ILE D 324 14.17 -14.57 -4.86
CA ILE D 324 14.53 -15.64 -3.95
C ILE D 324 14.93 -16.84 -4.80
N GLY D 325 16.15 -17.34 -4.58
CA GLY D 325 16.64 -18.50 -5.32
C GLY D 325 16.45 -19.73 -4.44
N ILE D 326 15.98 -20.82 -5.06
CA ILE D 326 15.77 -22.06 -4.36
C ILE D 326 16.38 -23.15 -5.23
N GLN D 327 17.56 -23.64 -4.82
CA GLN D 327 18.36 -24.58 -5.58
C GLN D 327 18.12 -25.99 -5.04
N VAL D 328 17.44 -26.82 -5.81
CA VAL D 328 16.90 -28.09 -5.35
C VAL D 328 17.67 -29.23 -6.02
N ARG D 329 18.29 -30.06 -5.20
CA ARG D 329 18.94 -31.26 -5.67
C ARG D 329 18.63 -32.34 -4.65
N VAL D 330 17.96 -33.39 -5.07
CA VAL D 330 17.58 -34.48 -4.19
C VAL D 330 18.41 -35.65 -4.64
N PHE D 331 19.32 -36.11 -3.77
CA PHE D 331 20.21 -37.21 -4.12
C PHE D 331 19.47 -38.51 -3.83
N ASP D 332 19.01 -39.20 -4.88
CA ASP D 332 18.13 -40.36 -4.73
C ASP D 332 17.88 -40.94 -6.12
N GLU D 333 17.98 -42.25 -6.28
CA GLU D 333 17.82 -42.82 -7.63
C GLU D 333 16.42 -42.61 -8.17
N ASP D 334 15.44 -42.63 -7.29
CA ASP D 334 14.05 -42.42 -7.67
C ASP D 334 13.81 -40.91 -7.81
N PRO D 335 13.45 -40.43 -9.01
CA PRO D 335 13.43 -38.97 -9.24
C PRO D 335 12.28 -38.26 -8.54
N GLY D 336 11.54 -38.93 -7.69
CA GLY D 336 10.47 -38.25 -6.97
C GLY D 336 9.34 -37.71 -7.83
N PRO D 337 8.83 -36.53 -7.47
CA PRO D 337 9.19 -35.66 -6.34
C PRO D 337 8.60 -36.07 -5.01
N PHE D 338 9.38 -35.86 -3.96
CA PHE D 338 9.05 -36.27 -2.61
C PHE D 338 8.34 -35.14 -1.86
N GLN D 339 7.19 -35.47 -1.27
CA GLN D 339 6.47 -34.49 -0.49
C GLN D 339 7.28 -34.01 0.71
N HIS D 340 8.18 -34.85 1.24
CA HIS D 340 8.91 -34.41 2.43
C HIS D 340 9.90 -33.30 2.06
N VAL D 341 10.39 -33.34 0.80
CA VAL D 341 11.23 -32.25 0.30
C VAL D 341 10.40 -30.98 0.07
N MET D 342 9.23 -31.13 -0.58
CA MET D 342 8.30 -30.00 -0.71
C MET D 342 8.04 -29.36 0.66
N ASP D 343 7.83 -30.17 1.68
CA ASP D 343 7.58 -29.63 3.00
C ASP D 343 8.83 -28.94 3.53
N GLN D 344 9.97 -29.55 3.29
CA GLN D 344 11.22 -28.94 3.70
C GLN D 344 11.33 -27.52 3.15
N ILE D 345 10.98 -27.34 1.87
CA ILE D 345 11.16 -26.07 1.19
C ILE D 345 10.19 -25.04 1.75
N SER D 346 8.92 -25.42 1.91
N SER D 346 8.91 -25.41 1.92
CA SER D 346 7.96 -24.48 2.48
CA SER D 346 8.00 -24.41 2.46
C SER D 346 8.35 -24.11 3.91
C SER D 346 8.35 -24.09 3.92
N SER D 347 8.70 -25.11 4.69
CA SER D 347 9.07 -24.79 6.07
C SER D 347 10.26 -23.84 6.13
N CYS D 348 11.32 -24.18 5.40
CA CYS D 348 12.53 -23.37 5.41
C CYS D 348 12.25 -21.94 5.04
N THR D 349 11.68 -21.73 3.86
CA THR D 349 11.49 -20.39 3.34
C THR D 349 10.57 -19.56 4.22
N GLN D 350 9.54 -20.19 4.78
CA GLN D 350 8.62 -19.47 5.66
C GLN D 350 9.25 -19.22 7.03
N LYS D 351 9.89 -20.22 7.64
CA LYS D 351 10.41 -19.89 8.98
C LYS D 351 11.56 -18.90 8.91
N GLU D 352 12.28 -18.80 7.77
CA GLU D 352 13.38 -17.85 7.67
C GLU D 352 12.92 -16.52 7.12
N LYS D 353 11.61 -16.38 6.90
CA LYS D 353 10.99 -15.15 6.39
C LYS D 353 11.47 -14.83 4.97
N LEU D 354 11.70 -15.89 4.19
CA LEU D 354 12.12 -15.65 2.82
C LEU D 354 10.89 -15.56 1.90
N LEU D 355 9.91 -16.41 2.12
CA LEU D 355 8.62 -16.35 1.48
C LEU D 355 7.53 -16.26 2.54
N PRO D 356 6.41 -15.63 2.22
CA PRO D 356 5.31 -15.53 3.18
C PRO D 356 4.55 -16.84 3.31
N GLU D 357 3.87 -17.03 4.42
CA GLU D 357 2.91 -18.08 4.57
C GLU D 357 1.67 -17.75 3.74
N VAL D 358 0.90 -18.77 3.40
CA VAL D 358 -0.41 -18.55 2.81
C VAL D 358 -1.45 -18.95 3.86
N ASP D 359 -2.64 -18.42 3.78
CA ASP D 359 -3.69 -18.85 4.70
C ASP D 359 -5.00 -19.10 4.00
N THR D 360 -5.81 -19.93 4.63
CA THR D 360 -7.10 -20.34 4.08
C THR D 360 -8.25 -19.53 4.66
N LEU D 361 -7.97 -18.40 5.29
CA LEU D 361 -9.03 -17.60 5.87
C LEU D 361 -9.79 -16.86 4.77
N VAL D 362 -11.11 -17.01 4.79
CA VAL D 362 -11.96 -16.27 3.85
C VAL D 362 -11.91 -14.79 4.19
N GLU D 363 -11.91 -14.46 5.47
CA GLU D 363 -11.75 -13.07 5.85
C GLU D 363 -10.32 -12.67 5.58
N ARG D 364 -10.13 -11.59 4.84
CA ARG D 364 -8.81 -11.19 4.46
C ARG D 364 -8.47 -9.92 5.20
N SER D 365 -7.35 -9.94 5.86
CA SER D 365 -6.86 -8.75 6.49
C SER D 365 -6.54 -7.73 5.40
N ARG D 366 -6.89 -6.48 5.65
CA ARG D 366 -6.57 -5.40 4.74
C ARG D 366 -5.10 -5.08 4.77
N THR D 370 1.88 -0.83 0.35
CA THR D 370 1.86 -1.35 -1.01
C THR D 370 2.57 -2.68 -1.09
N PRO D 371 2.08 -3.53 -1.95
CA PRO D 371 2.53 -4.91 -1.88
C PRO D 371 3.80 -5.19 -2.68
N LYS D 372 4.75 -5.81 -2.02
CA LYS D 372 5.99 -6.16 -2.64
C LYS D 372 5.77 -7.35 -3.56
N HIS D 373 6.46 -7.31 -4.69
CA HIS D 373 6.54 -8.42 -5.59
C HIS D 373 7.84 -9.24 -5.46
N LYS D 374 7.71 -10.51 -5.12
CA LYS D 374 8.85 -11.39 -5.05
C LYS D 374 8.83 -12.43 -6.15
N ALA D 375 9.92 -12.59 -6.84
CA ALA D 375 10.05 -13.65 -7.83
C ALA D 375 10.89 -14.78 -7.24
N VAL D 376 10.37 -16.00 -7.32
CA VAL D 376 11.06 -17.19 -6.81
C VAL D 376 11.63 -17.96 -7.99
N LEU D 377 12.96 -18.16 -8.00
CA LEU D 377 13.64 -18.93 -9.03
C LEU D 377 13.99 -20.29 -8.47
N VAL D 378 13.39 -21.33 -9.04
CA VAL D 378 13.61 -22.70 -8.61
C VAL D 378 14.42 -23.43 -9.69
N THR D 379 15.52 -24.08 -9.30
CA THR D 379 16.23 -24.98 -10.18
C THR D 379 16.14 -26.37 -9.60
N SER D 380 15.91 -27.33 -10.46
CA SER D 380 15.73 -28.73 -10.10
C SER D 380 15.71 -29.54 -11.39
N LEU D 381 16.03 -30.83 -11.26
CA LEU D 381 15.79 -31.76 -12.37
C LEU D 381 14.31 -32.13 -12.49
N ASN D 382 13.57 -32.12 -11.39
CA ASN D 382 12.15 -32.44 -11.44
C ASN D 382 11.37 -31.15 -11.20
N ALA D 383 10.35 -30.90 -12.04
CA ALA D 383 9.52 -29.68 -11.93
C ALA D 383 8.58 -29.67 -10.72
N GLY D 384 8.41 -30.80 -10.04
CA GLY D 384 7.36 -30.92 -9.05
C GLY D 384 7.51 -29.95 -7.90
N TYR D 385 8.73 -29.55 -7.56
CA TYR D 385 8.83 -28.64 -6.43
C TYR D 385 8.42 -27.24 -6.85
N ALA D 386 8.90 -26.77 -8.02
CA ALA D 386 8.44 -25.50 -8.56
C ALA D 386 6.90 -25.50 -8.67
N GLU D 387 6.34 -26.59 -9.18
CA GLU D 387 4.91 -26.61 -9.49
C GLU D 387 4.09 -26.59 -8.22
N ASN D 388 4.58 -27.28 -7.20
CA ASN D 388 3.93 -27.21 -5.90
C ASN D 388 3.93 -25.80 -5.35
N LEU D 389 5.08 -25.13 -5.38
CA LEU D 389 5.12 -23.77 -4.82
C LEU D 389 4.21 -22.86 -5.61
N LYS D 390 4.21 -23.03 -6.93
CA LYS D 390 3.45 -22.17 -7.79
C LYS D 390 1.94 -22.32 -7.56
N SER D 391 1.45 -23.56 -7.43
CA SER D 391 0.02 -23.78 -7.17
C SER D 391 -0.36 -23.23 -5.82
N MET D 392 0.53 -23.35 -4.82
CA MET D 392 0.19 -22.86 -3.50
C MET D 392 0.01 -21.36 -3.51
N TYR D 393 0.96 -20.62 -4.11
CA TYR D 393 0.79 -19.17 -4.16
C TYR D 393 -0.25 -18.73 -5.21
N TRP D 394 -0.72 -19.64 -6.04
CA TRP D 394 -1.84 -19.30 -6.93
C TRP D 394 -3.19 -19.52 -6.22
N GLU D 395 -3.35 -20.70 -5.67
CA GLU D 395 -4.57 -21.09 -4.99
C GLU D 395 -4.87 -20.26 -3.76
N TYR D 396 -3.83 -19.81 -2.99
CA TYR D 396 -4.11 -19.10 -1.74
C TYR D 396 -3.48 -17.70 -1.66
N PRO D 397 -4.16 -16.73 -1.05
CA PRO D 397 -3.57 -15.40 -0.87
C PRO D 397 -2.45 -15.48 0.15
N THR D 398 -1.53 -14.51 0.08
CA THR D 398 -0.46 -14.49 1.08
C THR D 398 -0.93 -13.86 2.39
N SER D 399 -0.42 -14.39 3.52
CA SER D 399 -0.68 -13.76 4.82
C SER D 399 -0.18 -12.32 4.85
N THR D 400 0.83 -12.02 4.07
CA THR D 400 1.41 -10.68 4.10
C THR D 400 0.87 -9.74 3.03
N GLY D 401 0.10 -10.23 2.06
CA GLY D 401 -0.25 -9.39 0.92
C GLY D 401 0.79 -9.35 -0.18
N GLU D 402 1.93 -10.02 -0.01
CA GLU D 402 2.93 -9.97 -1.07
C GLU D 402 2.50 -10.76 -2.30
N ILE D 403 3.02 -10.35 -3.43
CA ILE D 403 2.79 -10.99 -4.71
C ILE D 403 3.97 -11.91 -4.97
N ILE D 404 3.68 -13.20 -5.13
CA ILE D 404 4.71 -14.20 -5.28
C ILE D 404 4.53 -14.83 -6.66
N GLY D 405 5.56 -14.78 -7.50
CA GLY D 405 5.58 -15.54 -8.73
C GLY D 405 6.68 -16.58 -8.65
N VAL D 406 6.39 -17.78 -9.12
CA VAL D 406 7.35 -18.86 -9.08
C VAL D 406 7.78 -19.20 -10.52
N HIS D 407 9.09 -19.32 -10.75
CA HIS D 407 9.64 -19.55 -12.10
C HIS D 407 10.71 -20.62 -12.08
N GLN D 408 10.58 -21.66 -12.93
CA GLN D 408 11.61 -22.69 -13.13
C GLN D 408 12.04 -22.68 -14.59
N PRO D 409 13.35 -22.61 -14.88
CA PRO D 409 13.80 -22.61 -16.28
C PRO D 409 13.57 -23.90 -17.00
N SER D 410 13.98 -25.03 -16.40
CA SER D 410 14.14 -26.27 -17.14
C SER D 410 13.75 -27.45 -16.27
N GLN D 411 13.33 -28.54 -16.91
CA GLN D 411 13.18 -29.80 -16.22
C GLN D 411 13.80 -30.91 -17.06
N GLU D 412 14.16 -31.98 -16.37
CA GLU D 412 14.68 -33.22 -16.93
C GLU D 412 13.57 -34.22 -17.12
N MET D 421 21.92 -29.01 -25.19
CA MET D 421 22.12 -27.66 -24.64
C MET D 421 22.28 -27.83 -23.17
N HIS D 422 22.42 -29.10 -22.76
CA HIS D 422 22.25 -29.47 -21.36
C HIS D 422 23.13 -28.62 -20.48
N ASN D 423 24.45 -28.59 -20.80
CA ASN D 423 25.43 -27.93 -19.96
C ASN D 423 25.34 -26.42 -20.06
N GLY D 424 25.08 -25.89 -21.27
CA GLY D 424 24.90 -24.47 -21.40
C GLY D 424 23.74 -23.99 -20.52
N LYS D 425 22.65 -24.74 -20.51
CA LYS D 425 21.50 -24.41 -19.66
C LYS D 425 21.82 -24.57 -18.16
N ALA D 426 22.51 -25.66 -17.78
CA ALA D 426 22.85 -25.82 -16.37
C ALA D 426 23.74 -24.67 -15.90
N LEU D 427 24.72 -24.26 -16.73
CA LEU D 427 25.54 -23.10 -16.38
C LEU D 427 24.72 -21.81 -16.26
N ALA D 428 23.81 -21.55 -17.23
CA ALA D 428 22.94 -20.38 -17.12
C ALA D 428 22.12 -20.40 -15.83
N GLU D 429 21.63 -21.57 -15.42
CA GLU D 429 20.85 -21.69 -14.20
C GLU D 429 21.69 -21.37 -12.96
N MET D 430 22.96 -21.78 -12.96
CA MET D 430 23.86 -21.40 -11.86
C MET D 430 24.00 -19.88 -11.79
N TYR D 431 24.21 -19.21 -12.91
N TYR D 431 24.11 -19.32 -12.97
CA TYR D 431 24.34 -17.76 -12.92
CA TYR D 431 24.28 -17.90 -13.04
C TYR D 431 23.03 -17.08 -12.54
C TYR D 431 23.05 -17.17 -12.53
N LEU D 432 21.93 -17.62 -13.05
CA LEU D 432 20.64 -17.02 -12.67
C LEU D 432 20.47 -17.09 -11.15
N LEU D 433 20.73 -18.26 -10.53
CA LEU D 433 20.67 -18.33 -9.06
C LEU D 433 21.59 -17.31 -8.42
N SER D 434 22.74 -17.09 -9.02
CA SER D 434 23.67 -16.12 -8.49
C SER D 434 23.16 -14.67 -8.58
N LEU D 435 22.14 -14.42 -9.39
CA LEU D 435 21.51 -13.11 -9.47
C LEU D 435 20.43 -12.87 -8.44
N THR D 436 20.11 -13.83 -7.59
CA THR D 436 19.03 -13.60 -6.61
C THR D 436 19.56 -12.90 -5.35
N ASP D 437 18.62 -12.35 -4.58
CA ASP D 437 18.94 -11.59 -3.36
C ASP D 437 19.20 -12.52 -2.17
N ASN D 438 18.46 -13.61 -2.08
CA ASN D 438 18.58 -14.58 -1.00
C ASN D 438 18.45 -15.93 -1.65
N LEU D 439 19.29 -16.84 -1.23
CA LEU D 439 19.44 -18.08 -1.93
C LEU D 439 19.37 -19.25 -0.94
N VAL D 440 18.55 -20.23 -1.26
CA VAL D 440 18.43 -21.47 -0.53
C VAL D 440 19.09 -22.53 -1.39
N THR D 441 19.99 -23.32 -0.82
CA THR D 441 20.67 -24.40 -1.52
C THR D 441 20.35 -25.76 -0.90
N SER D 442 20.82 -26.80 -1.58
CA SER D 442 20.66 -28.19 -1.18
C SER D 442 21.96 -28.74 -0.62
N ALA D 443 21.85 -29.49 0.49
CA ALA D 443 23.03 -30.11 1.10
C ALA D 443 23.79 -30.93 0.06
N TRP D 444 25.12 -30.85 0.11
CA TRP D 444 26.03 -31.61 -0.74
C TRP D 444 26.09 -31.13 -2.20
N SER D 445 25.27 -30.17 -2.60
CA SER D 445 25.19 -29.85 -4.06
C SER D 445 26.27 -28.86 -4.48
N THR D 446 27.18 -29.28 -5.34
CA THR D 446 28.15 -28.32 -5.85
C THR D 446 27.52 -27.34 -6.83
N PHE D 447 26.38 -27.68 -7.42
CA PHE D 447 25.58 -26.73 -8.23
C PHE D 447 25.31 -25.51 -7.36
N GLY D 448 24.77 -25.78 -6.15
CA GLY D 448 24.51 -24.69 -5.21
C GLY D 448 25.75 -23.90 -4.82
N TYR D 449 26.88 -24.61 -4.49
CA TYR D 449 28.14 -23.92 -4.14
C TYR D 449 28.57 -22.94 -5.23
N VAL D 450 28.44 -23.31 -6.50
CA VAL D 450 28.89 -22.41 -7.57
C VAL D 450 28.01 -21.15 -7.58
N ALA D 451 26.71 -21.36 -7.53
CA ALA D 451 25.78 -20.24 -7.57
C ALA D 451 25.99 -19.31 -6.38
N GLN D 452 26.13 -19.88 -5.17
CA GLN D 452 26.25 -19.02 -4.01
C GLN D 452 27.55 -18.24 -4.10
N GLY D 453 28.62 -18.89 -4.54
CA GLY D 453 29.92 -18.24 -4.54
C GLY D 453 30.03 -17.14 -5.59
N LEU D 454 29.56 -17.43 -6.82
CA LEU D 454 29.53 -16.39 -7.85
C LEU D 454 28.71 -15.23 -7.39
N GLY D 455 27.69 -15.50 -6.56
CA GLY D 455 26.85 -14.37 -6.23
C GLY D 455 27.26 -13.71 -4.95
N GLY D 456 28.26 -14.26 -4.24
CA GLY D 456 28.60 -13.75 -2.92
C GLY D 456 27.45 -13.90 -1.94
N LEU D 457 26.75 -15.02 -2.00
CA LEU D 457 25.54 -15.21 -1.26
C LEU D 457 25.81 -16.24 -0.17
N LYS D 458 25.55 -15.86 1.08
CA LYS D 458 25.62 -16.85 2.12
C LYS D 458 24.25 -17.50 2.19
N PRO D 459 24.13 -18.76 1.77
CA PRO D 459 22.82 -19.40 1.64
C PRO D 459 22.16 -19.81 2.95
N TRP D 460 20.87 -20.13 2.85
CA TRP D 460 20.20 -21.08 3.74
C TRP D 460 20.28 -22.48 3.15
N ILE D 461 20.78 -23.44 3.93
CA ILE D 461 21.02 -24.80 3.44
C ILE D 461 19.89 -25.74 3.84
N LEU D 462 19.33 -26.44 2.85
CA LEU D 462 18.35 -27.49 3.06
C LEU D 462 19.11 -28.75 3.42
N TYR D 463 19.04 -29.15 4.73
CA TYR D 463 19.80 -30.30 5.19
C TYR D 463 19.37 -31.55 4.45
N ARG D 464 20.30 -32.47 4.31
CA ARG D 464 20.04 -33.73 3.65
C ARG D 464 19.14 -34.62 4.53
N PRO D 465 17.97 -35.00 4.02
CA PRO D 465 17.03 -35.81 4.82
C PRO D 465 17.55 -37.22 5.06
N GLU D 466 17.38 -37.68 6.30
CA GLU D 466 17.84 -39.00 6.72
C GLU D 466 16.88 -40.06 6.19
N ASN D 467 15.59 -39.85 6.34
CA ASN D 467 14.60 -40.77 5.80
C ASN D 467 13.87 -39.96 4.75
N ARG D 468 12.65 -40.40 4.46
CA ARG D 468 11.75 -39.60 3.67
C ARG D 468 10.86 -38.87 4.65
N THR D 469 11.50 -38.26 5.61
CA THR D 469 10.89 -37.35 6.55
C THR D 469 11.65 -36.04 6.49
N THR D 470 10.94 -34.97 6.75
CA THR D 470 11.38 -33.59 6.67
C THR D 470 12.24 -33.23 7.86
N PRO D 471 13.56 -33.04 7.69
CA PRO D 471 14.41 -32.52 8.76
C PRO D 471 13.83 -31.38 9.59
N ASP D 472 14.17 -31.41 10.88
CA ASP D 472 13.84 -30.38 11.87
C ASP D 472 15.10 -30.02 12.66
N PRO D 473 15.62 -28.79 12.45
CA PRO D 473 15.12 -27.78 11.49
C PRO D 473 15.22 -28.17 9.97
N SER D 474 14.37 -27.60 9.12
CA SER D 474 14.44 -27.89 7.69
C SER D 474 15.69 -27.30 7.06
N CYS D 475 16.15 -26.15 7.56
CA CYS D 475 17.32 -25.46 7.02
C CYS D 475 17.90 -24.53 8.09
N GLY D 476 19.14 -24.12 7.89
CA GLY D 476 19.72 -23.02 8.64
C GLY D 476 20.73 -22.28 7.78
N ARG D 477 21.06 -21.07 8.18
CA ARG D 477 22.05 -20.31 7.47
C ARG D 477 23.39 -21.05 7.39
N ALA D 478 24.05 -20.90 6.27
CA ALA D 478 25.44 -21.32 6.18
C ALA D 478 26.35 -20.48 7.08
N MET D 479 27.48 -21.07 7.44
CA MET D 479 28.52 -20.32 8.15
C MET D 479 29.18 -19.30 7.23
N SER D 480 29.37 -19.66 5.96
CA SER D 480 29.87 -18.70 5.00
C SER D 480 29.43 -19.12 3.61
N MET D 481 29.71 -18.26 2.65
CA MET D 481 29.40 -18.47 1.24
C MET D 481 30.36 -19.40 0.54
N GLU D 482 31.44 -19.85 1.20
CA GLU D 482 32.41 -20.72 0.56
C GLU D 482 31.80 -22.07 0.23
N PRO D 483 32.26 -22.70 -0.85
CA PRO D 483 31.99 -24.12 -1.07
C PRO D 483 32.61 -25.02 -0.01
N CYS D 484 32.16 -26.28 -0.03
CA CYS D 484 32.62 -27.31 0.89
C CYS D 484 33.60 -28.23 0.15
N PHE D 485 34.73 -28.54 0.80
CA PHE D 485 35.67 -29.57 0.35
C PHE D 485 35.11 -30.89 0.83
N HIS D 486 34.60 -31.72 -0.08
CA HIS D 486 33.94 -32.96 0.36
C HIS D 486 34.91 -34.04 0.82
N SER D 487 36.18 -34.08 0.31
CA SER D 487 37.08 -35.22 0.52
C SER D 487 38.44 -34.82 1.13
N PRO D 488 38.44 -34.08 2.22
CA PRO D 488 39.69 -33.56 2.77
C PRO D 488 40.51 -34.66 3.44
N PRO D 489 41.83 -34.48 3.52
CA PRO D 489 42.67 -35.39 4.33
C PRO D 489 42.49 -35.08 5.81
N PHE D 490 42.54 -36.14 6.63
CA PHE D 490 42.48 -35.89 8.06
C PHE D 490 43.78 -36.39 8.68
N TYR D 491 44.91 -35.79 8.27
CA TYR D 491 46.23 -36.30 8.63
C TYR D 491 47.17 -35.18 9.07
N ASP D 492 47.85 -35.42 10.21
CA ASP D 492 48.90 -34.55 10.72
C ASP D 492 50.18 -34.93 10.00
N CYS D 493 50.68 -34.06 9.11
CA CYS D 493 51.89 -34.39 8.36
C CYS D 493 53.10 -34.50 9.28
N LYS D 494 53.24 -33.55 10.22
CA LYS D 494 54.35 -33.60 11.18
C LYS D 494 54.32 -34.90 12.01
N ALA D 495 53.24 -35.12 12.78
CA ALA D 495 53.27 -36.24 13.72
C ALA D 495 53.07 -37.57 13.01
N LYS D 496 52.60 -37.55 11.77
CA LYS D 496 52.38 -38.77 10.98
C LYS D 496 51.29 -39.65 11.59
N THR D 497 50.17 -39.02 11.94
CA THR D 497 49.03 -39.76 12.48
C THR D 497 47.73 -38.99 12.22
N GLY D 498 46.60 -39.67 12.45
CA GLY D 498 45.30 -39.05 12.30
C GLY D 498 45.17 -37.76 13.09
N ILE D 499 44.22 -36.94 12.66
CA ILE D 499 43.86 -35.72 13.37
C ILE D 499 42.55 -35.18 12.82
N ASP D 500 41.89 -34.33 13.59
CA ASP D 500 40.66 -33.70 13.09
C ASP D 500 40.97 -32.32 12.50
N THR D 501 41.16 -32.29 11.18
CA THR D 501 41.57 -31.04 10.53
C THR D 501 40.51 -29.94 10.64
N GLY D 502 39.27 -30.30 10.97
CA GLY D 502 38.28 -29.26 11.19
C GLY D 502 38.27 -28.60 12.55
N THR D 503 39.20 -28.98 13.43
CA THR D 503 39.31 -28.44 14.77
C THR D 503 40.73 -27.95 15.04
N LEU D 504 41.46 -27.51 14.00
CA LEU D 504 42.83 -27.03 14.11
C LEU D 504 42.94 -25.53 14.23
N VAL D 505 42.22 -24.83 13.35
CA VAL D 505 42.33 -23.36 13.23
C VAL D 505 40.92 -22.76 13.12
N PRO D 506 40.78 -21.50 13.40
CA PRO D 506 39.41 -20.99 13.55
C PRO D 506 38.66 -20.85 12.21
N HIS D 507 39.40 -20.62 11.12
CA HIS D 507 38.88 -20.35 9.79
C HIS D 507 38.70 -21.59 8.91
N VAL D 508 39.04 -22.79 9.38
CA VAL D 508 38.71 -24.04 8.68
C VAL D 508 37.77 -24.86 9.56
N ARG D 509 36.53 -25.04 9.14
CA ARG D 509 35.60 -25.78 9.98
C ARG D 509 34.85 -26.86 9.22
N HIS D 510 34.18 -27.72 9.94
CA HIS D 510 33.39 -28.75 9.31
C HIS D 510 32.21 -28.12 8.56
N CYS D 511 31.89 -28.68 7.42
CA CYS D 511 30.82 -28.09 6.62
C CYS D 511 29.47 -28.33 7.29
N GLU D 512 28.50 -27.43 7.02
CA GLU D 512 27.17 -27.48 7.64
C GLU D 512 26.42 -28.73 7.20
N ASP D 513 26.67 -29.15 5.98
CA ASP D 513 25.82 -30.09 5.31
C ASP D 513 26.45 -31.48 5.23
N ILE D 514 27.76 -31.55 5.39
CA ILE D 514 28.46 -32.84 5.39
C ILE D 514 29.54 -32.79 6.46
N SER D 515 29.54 -33.76 7.38
CA SER D 515 30.40 -33.69 8.56
C SER D 515 31.85 -34.01 8.25
N TRP D 516 32.11 -34.86 7.25
CA TRP D 516 33.48 -35.18 6.88
C TRP D 516 34.14 -34.09 6.03
N GLY D 517 33.46 -32.99 5.74
CA GLY D 517 34.01 -31.99 4.86
C GLY D 517 34.49 -30.76 5.55
N LEU D 518 35.35 -30.00 4.87
CA LEU D 518 35.91 -28.77 5.41
C LEU D 518 35.50 -27.58 4.57
N LYS D 519 35.36 -26.43 5.22
CA LYS D 519 35.21 -25.18 4.50
C LYS D 519 35.83 -24.03 5.28
N LEU D 520 36.15 -22.94 4.55
CA LEU D 520 36.59 -21.66 5.09
C LEU D 520 35.44 -20.79 5.53
N VAL D 521 35.62 -20.16 6.70
CA VAL D 521 34.69 -19.23 7.30
C VAL D 521 35.47 -17.96 7.73
CL CL E . -54.07 35.43 -5.27
C1 EDO F . 2.35 3.24 24.67
O1 EDO F . 2.26 2.16 25.60
C2 EDO F . 3.79 3.76 24.62
O2 EDO F . 4.69 2.69 24.95
C1 EDO G . 7.93 7.90 16.79
O1 EDO G . 8.68 6.87 16.12
C2 EDO G . 7.77 9.09 15.86
O2 EDO G . 6.62 9.85 16.26
C1 EDO H . -6.57 -26.35 -32.45
O1 EDO H . -7.34 -27.53 -32.19
C2 EDO H . -5.09 -26.74 -32.31
O2 EDO H . -4.81 -27.75 -33.30
C1 EDO I . -9.46 -25.78 -21.67
O1 EDO I . -8.16 -25.91 -21.09
C2 EDO I . -9.70 -26.90 -22.67
O2 EDO I . -11.10 -27.18 -22.75
CL CL J . -15.60 -26.00 -21.09
CL CL K . -44.19 -21.44 -38.21
C1 EDO L . 16.07 -31.03 0.06
O1 EDO L . 16.10 -32.13 0.98
C2 EDO L . 17.41 -30.92 -0.64
O2 EDO L . 18.38 -31.72 0.04
CL CL M . 26.85 -30.09 -11.57
CL CL N . 55.48 -32.99 5.64
#